data_1RA3
# 
_entry.id   1RA3 
# 
_audit_conform.dict_name       mmcif_pdbx.dic 
_audit_conform.dict_version    5.375 
_audit_conform.dict_location   http://mmcif.pdb.org/dictionaries/ascii/mmcif_pdbx.dic 
# 
loop_
_database_2.database_id 
_database_2.database_code 
_database_2.pdbx_database_accession 
_database_2.pdbx_DOI 
PDB   1RA3         pdb_00001ra3 10.2210/pdb1ra3/pdb 
WWPDB D_1000175960 ?            ?                   
# 
_pdbx_database_status.status_code                     REL 
_pdbx_database_status.entry_id                        1RA3 
_pdbx_database_status.recvd_initial_deposition_date   1996-10-28 
_pdbx_database_status.deposit_site                    ? 
_pdbx_database_status.process_site                    BNL 
_pdbx_database_status.status_code_sf                  REL 
_pdbx_database_status.status_code_mr                  ? 
_pdbx_database_status.SG_entry                        ? 
_pdbx_database_status.pdb_format_compatible           Y 
_pdbx_database_status.status_code_cs                  ? 
_pdbx_database_status.status_code_nmr_data            ? 
_pdbx_database_status.methods_development_category    ? 
# 
loop_
_audit_author.name 
_audit_author.pdbx_ordinal 
'Sawaya, M.R.' 1 
'Kraut, J.'    2 
# 
loop_
_citation.id 
_citation.title 
_citation.journal_abbrev 
_citation.journal_volume 
_citation.page_first 
_citation.page_last 
_citation.year 
_citation.journal_id_ASTM 
_citation.country 
_citation.journal_id_ISSN 
_citation.journal_id_CSD 
_citation.book_publisher 
_citation.pdbx_database_id_PubMed 
_citation.pdbx_database_id_DOI 
primary 'Loop and subdomain movements in the mechanism of Escherichia coli dihydrofolate reductase: crystallographic evidence.' 
Biochemistry 36 586  603 1997 BICHAW US 0006-2960 0033 ? 9012674 10.1021/bi962337c 
1       
;Isomorphous Crystal Structures of Escherichia Coli Dihydrofolate Reductase Complexed with Folate, 5-Deazafolate, and 5,10-Dideazatetrahydrofolate: Mechanistic Implications
;
Biochemistry 34 2710 ?   1995 BICHAW US 0006-2960 0033 ? ?       ?                 
2       
;Crystal Structure of Unliganded Escherichia Coli Dihydrofolate Reductase. Ligand-Induced Conformational Changes and Cooperativity in Binding
;
Biochemistry 30 2227 ?   1991 BICHAW US 0006-2960 0033 ? ?       ?                 
3       
;Crystal Structures of Escherichia Coli Dihydrofolate Reductase: The Nadp+ Holoenzyme and the Folate.Nadp+ Ternary Complex. Substrate Binding and a Model for the Transition State
;
Biochemistry 29 3263 ?   1990 BICHAW US 0006-2960 0033 ? ?       ?                 
# 
loop_
_citation_author.citation_id 
_citation_author.name 
_citation_author.ordinal 
_citation_author.identifier_ORCID 
primary 'Sawaya, M.R.' 1  ? 
primary 'Kraut, J.'    2  ? 
1       'Reyes, V.M.'  3  ? 
1       'Sawaya, M.R.' 4  ? 
1       'Brown, K.A.'  5  ? 
1       'Kraut, J.'    6  ? 
2       'Bystroff, C.' 7  ? 
2       'Kraut, J.'    8  ? 
3       'Bystroff, C.' 9  ? 
3       'Oatley, S.J.' 10 ? 
3       'Kraut, J.'    11 ? 
# 
_cell.entry_id           1RA3 
_cell.length_a           74.860 
_cell.length_b           60.210 
_cell.length_c           38.940 
_cell.angle_alpha        90.00 
_cell.angle_beta         107.91 
_cell.angle_gamma        90.00 
_cell.Z_PDB              4 
_cell.pdbx_unique_axis   ? 
# 
_symmetry.entry_id                         1RA3 
_symmetry.space_group_name_H-M             'C 1 2 1' 
_symmetry.pdbx_full_space_group_name_H-M   ? 
_symmetry.cell_setting                     ? 
_symmetry.Int_Tables_number                5 
# 
loop_
_entity.id 
_entity.type 
_entity.src_method 
_entity.pdbx_description 
_entity.formula_weight 
_entity.pdbx_number_of_molecules 
_entity.pdbx_ec 
_entity.pdbx_mutation 
_entity.pdbx_fragment 
_entity.details 
1 polymer     man 'DIHYDROFOLATE REDUCTASE'                          18020.326 1   1.5.1.3 ? ? ? 
2 non-polymer syn METHOTREXATE                                       454.439   1   ?       ? ? ? 
3 non-polymer syn BETA-MERCAPTOETHANOL                               78.133    1   ?       ? ? ? 
4 non-polymer syn 'NADP NICOTINAMIDE-ADENINE-DINUCLEOTIDE PHOSPHATE' 743.405   1   ?       ? ? ? 
5 water       nat water                                              18.015    150 ?       ? ? ? 
# 
_entity_name_com.entity_id   1 
_entity_name_com.name        DHFR 
# 
_entity_poly.entity_id                      1 
_entity_poly.type                           'polypeptide(L)' 
_entity_poly.nstd_linkage                   no 
_entity_poly.nstd_monomer                   no 
_entity_poly.pdbx_seq_one_letter_code       
;MISLIAALAVDRVIGMENAMPWNLPADLAWFKRNTLDKPVIMGRHTWESIGRPLPGRKNIILSSQPGTDDRVTWVKSVDE
AIAACGDVPEIMVIGGGRVYEQFLPKAQKLYLTHIDAEVEGDTHFPDYEPDDWESVFSEFHDADAQNSHSYCFEILERR
;
_entity_poly.pdbx_seq_one_letter_code_can   
;MISLIAALAVDRVIGMENAMPWNLPADLAWFKRNTLDKPVIMGRHTWESIGRPLPGRKNIILSSQPGTDDRVTWVKSVDE
AIAACGDVPEIMVIGGGRVYEQFLPKAQKLYLTHIDAEVEGDTHFPDYEPDDWESVFSEFHDADAQNSHSYCFEILERR
;
_entity_poly.pdbx_strand_id                 A 
_entity_poly.pdbx_target_identifier         ? 
# 
loop_
_entity_poly_seq.entity_id 
_entity_poly_seq.num 
_entity_poly_seq.mon_id 
_entity_poly_seq.hetero 
1 1   MET n 
1 2   ILE n 
1 3   SER n 
1 4   LEU n 
1 5   ILE n 
1 6   ALA n 
1 7   ALA n 
1 8   LEU n 
1 9   ALA n 
1 10  VAL n 
1 11  ASP n 
1 12  ARG n 
1 13  VAL n 
1 14  ILE n 
1 15  GLY n 
1 16  MET n 
1 17  GLU n 
1 18  ASN n 
1 19  ALA n 
1 20  MET n 
1 21  PRO n 
1 22  TRP n 
1 23  ASN n 
1 24  LEU n 
1 25  PRO n 
1 26  ALA n 
1 27  ASP n 
1 28  LEU n 
1 29  ALA n 
1 30  TRP n 
1 31  PHE n 
1 32  LYS n 
1 33  ARG n 
1 34  ASN n 
1 35  THR n 
1 36  LEU n 
1 37  ASP n 
1 38  LYS n 
1 39  PRO n 
1 40  VAL n 
1 41  ILE n 
1 42  MET n 
1 43  GLY n 
1 44  ARG n 
1 45  HIS n 
1 46  THR n 
1 47  TRP n 
1 48  GLU n 
1 49  SER n 
1 50  ILE n 
1 51  GLY n 
1 52  ARG n 
1 53  PRO n 
1 54  LEU n 
1 55  PRO n 
1 56  GLY n 
1 57  ARG n 
1 58  LYS n 
1 59  ASN n 
1 60  ILE n 
1 61  ILE n 
1 62  LEU n 
1 63  SER n 
1 64  SER n 
1 65  GLN n 
1 66  PRO n 
1 67  GLY n 
1 68  THR n 
1 69  ASP n 
1 70  ASP n 
1 71  ARG n 
1 72  VAL n 
1 73  THR n 
1 74  TRP n 
1 75  VAL n 
1 76  LYS n 
1 77  SER n 
1 78  VAL n 
1 79  ASP n 
1 80  GLU n 
1 81  ALA n 
1 82  ILE n 
1 83  ALA n 
1 84  ALA n 
1 85  CYS n 
1 86  GLY n 
1 87  ASP n 
1 88  VAL n 
1 89  PRO n 
1 90  GLU n 
1 91  ILE n 
1 92  MET n 
1 93  VAL n 
1 94  ILE n 
1 95  GLY n 
1 96  GLY n 
1 97  GLY n 
1 98  ARG n 
1 99  VAL n 
1 100 TYR n 
1 101 GLU n 
1 102 GLN n 
1 103 PHE n 
1 104 LEU n 
1 105 PRO n 
1 106 LYS n 
1 107 ALA n 
1 108 GLN n 
1 109 LYS n 
1 110 LEU n 
1 111 TYR n 
1 112 LEU n 
1 113 THR n 
1 114 HIS n 
1 115 ILE n 
1 116 ASP n 
1 117 ALA n 
1 118 GLU n 
1 119 VAL n 
1 120 GLU n 
1 121 GLY n 
1 122 ASP n 
1 123 THR n 
1 124 HIS n 
1 125 PHE n 
1 126 PRO n 
1 127 ASP n 
1 128 TYR n 
1 129 GLU n 
1 130 PRO n 
1 131 ASP n 
1 132 ASP n 
1 133 TRP n 
1 134 GLU n 
1 135 SER n 
1 136 VAL n 
1 137 PHE n 
1 138 SER n 
1 139 GLU n 
1 140 PHE n 
1 141 HIS n 
1 142 ASP n 
1 143 ALA n 
1 144 ASP n 
1 145 ALA n 
1 146 GLN n 
1 147 ASN n 
1 148 SER n 
1 149 HIS n 
1 150 SER n 
1 151 TYR n 
1 152 CYS n 
1 153 PHE n 
1 154 GLU n 
1 155 ILE n 
1 156 LEU n 
1 157 GLU n 
1 158 ARG n 
1 159 ARG n 
# 
_entity_src_gen.entity_id                          1 
_entity_src_gen.pdbx_src_id                        1 
_entity_src_gen.pdbx_alt_source_flag               sample 
_entity_src_gen.pdbx_seq_type                      ? 
_entity_src_gen.pdbx_beg_seq_num                   ? 
_entity_src_gen.pdbx_end_seq_num                   ? 
_entity_src_gen.gene_src_common_name               ? 
_entity_src_gen.gene_src_genus                     Escherichia 
_entity_src_gen.pdbx_gene_src_gene                 ? 
_entity_src_gen.gene_src_species                   ? 
_entity_src_gen.gene_src_strain                    RT500 
_entity_src_gen.gene_src_tissue                    ? 
_entity_src_gen.gene_src_tissue_fraction           ? 
_entity_src_gen.gene_src_details                   ? 
_entity_src_gen.pdbx_gene_src_fragment             ? 
_entity_src_gen.pdbx_gene_src_scientific_name      'Escherichia coli' 
_entity_src_gen.pdbx_gene_src_ncbi_taxonomy_id     562 
_entity_src_gen.pdbx_gene_src_variant              ? 
_entity_src_gen.pdbx_gene_src_cell_line            ? 
_entity_src_gen.pdbx_gene_src_atcc                 ? 
_entity_src_gen.pdbx_gene_src_organ                ? 
_entity_src_gen.pdbx_gene_src_organelle            ? 
_entity_src_gen.pdbx_gene_src_cell                 ? 
_entity_src_gen.pdbx_gene_src_cellular_location    ? 
_entity_src_gen.host_org_common_name               ? 
_entity_src_gen.pdbx_host_org_scientific_name      'Escherichia coli' 
_entity_src_gen.pdbx_host_org_ncbi_taxonomy_id     562 
_entity_src_gen.host_org_genus                     Escherichia 
_entity_src_gen.pdbx_host_org_gene                 ? 
_entity_src_gen.pdbx_host_org_organ                ? 
_entity_src_gen.host_org_species                   ? 
_entity_src_gen.pdbx_host_org_tissue               ? 
_entity_src_gen.pdbx_host_org_tissue_fraction      ? 
_entity_src_gen.pdbx_host_org_strain               ? 
_entity_src_gen.pdbx_host_org_variant              ? 
_entity_src_gen.pdbx_host_org_cell_line            ? 
_entity_src_gen.pdbx_host_org_atcc                 ? 
_entity_src_gen.pdbx_host_org_culture_collection   ? 
_entity_src_gen.pdbx_host_org_cell                 ? 
_entity_src_gen.pdbx_host_org_organelle            ? 
_entity_src_gen.pdbx_host_org_cellular_location    ? 
_entity_src_gen.pdbx_host_org_vector_type          ? 
_entity_src_gen.pdbx_host_org_vector               ? 
_entity_src_gen.host_org_details                   ? 
_entity_src_gen.expression_system_id               ? 
_entity_src_gen.plasmid_name                       PRWA-1 
_entity_src_gen.plasmid_details                    ? 
_entity_src_gen.pdbx_description                   ? 
# 
_struct_ref.id                         1 
_struct_ref.db_name                    UNP 
_struct_ref.db_code                    DYR_ECOLI 
_struct_ref.entity_id                  1 
_struct_ref.pdbx_db_accession          P0ABQ4 
_struct_ref.pdbx_align_begin           1 
_struct_ref.pdbx_seq_one_letter_code   
;MISLIAALAVDRVIGMENAMPWNLPADLAWFKRNTLNKPVIMGRHTWESIGRPLPGRKNIILSSQPGTDDRVTWVKSVDE
AIAACGDVPEIMVIGGGRVYEQFLPKAQKLYLTHIDAEVEGDTHFPDYEPDDWESVFSEFHDADAQNSHSYCFEILERR
;
_struct_ref.pdbx_db_isoform            ? 
# 
_struct_ref_seq.align_id                      1 
_struct_ref_seq.ref_id                        1 
_struct_ref_seq.pdbx_PDB_id_code              1RA3 
_struct_ref_seq.pdbx_strand_id                A 
_struct_ref_seq.seq_align_beg                 1 
_struct_ref_seq.pdbx_seq_align_beg_ins_code   ? 
_struct_ref_seq.seq_align_end                 159 
_struct_ref_seq.pdbx_seq_align_end_ins_code   ? 
_struct_ref_seq.pdbx_db_accession             P0ABQ4 
_struct_ref_seq.db_align_beg                  1 
_struct_ref_seq.pdbx_db_align_beg_ins_code    ? 
_struct_ref_seq.db_align_end                  159 
_struct_ref_seq.pdbx_db_align_end_ins_code    ? 
_struct_ref_seq.pdbx_auth_seq_align_beg       1 
_struct_ref_seq.pdbx_auth_seq_align_end       159 
# 
_struct_ref_seq_dif.align_id                     1 
_struct_ref_seq_dif.pdbx_pdb_id_code             1RA3 
_struct_ref_seq_dif.mon_id                       ASP 
_struct_ref_seq_dif.pdbx_pdb_strand_id           A 
_struct_ref_seq_dif.seq_num                      37 
_struct_ref_seq_dif.pdbx_pdb_ins_code            ? 
_struct_ref_seq_dif.pdbx_seq_db_name             UNP 
_struct_ref_seq_dif.pdbx_seq_db_accession_code   P0ABQ4 
_struct_ref_seq_dif.db_mon_id                    ASN 
_struct_ref_seq_dif.pdbx_seq_db_seq_num          37 
_struct_ref_seq_dif.details                      conflict 
_struct_ref_seq_dif.pdbx_auth_seq_num            37 
_struct_ref_seq_dif.pdbx_ordinal                 1 
# 
loop_
_chem_comp.id 
_chem_comp.type 
_chem_comp.mon_nstd_flag 
_chem_comp.name 
_chem_comp.pdbx_synonyms 
_chem_comp.formula 
_chem_comp.formula_weight 
ALA 'L-peptide linking' y ALANINE                                            ?                                            
'C3 H7 N O2'        89.093  
ARG 'L-peptide linking' y ARGININE                                           ?                                            
'C6 H15 N4 O2 1'    175.209 
ASN 'L-peptide linking' y ASPARAGINE                                         ?                                            
'C4 H8 N2 O3'       132.118 
ASP 'L-peptide linking' y 'ASPARTIC ACID'                                    ?                                            
'C4 H7 N O4'        133.103 
BME non-polymer         . BETA-MERCAPTOETHANOL                               ?                                            
'C2 H6 O S'         78.133  
CYS 'L-peptide linking' y CYSTEINE                                           ?                                            
'C3 H7 N O2 S'      121.158 
GLN 'L-peptide linking' y GLUTAMINE                                          ?                                            
'C5 H10 N2 O3'      146.144 
GLU 'L-peptide linking' y 'GLUTAMIC ACID'                                    ?                                            
'C5 H9 N O4'        147.129 
GLY 'peptide linking'   y GLYCINE                                            ?                                            
'C2 H5 N O2'        75.067  
HIS 'L-peptide linking' y HISTIDINE                                          ?                                            
'C6 H10 N3 O2 1'    156.162 
HOH non-polymer         . WATER                                              ?                                            'H2 O' 
18.015  
ILE 'L-peptide linking' y ISOLEUCINE                                         ?                                            
'C6 H13 N O2'       131.173 
LEU 'L-peptide linking' y LEUCINE                                            ?                                            
'C6 H13 N O2'       131.173 
LYS 'L-peptide linking' y LYSINE                                             ?                                            
'C6 H15 N2 O2 1'    147.195 
MET 'L-peptide linking' y METHIONINE                                         ?                                            
'C5 H11 N O2 S'     149.211 
MTX non-polymer         . METHOTREXATE                                       ?                                            
'C20 H22 N8 O5'     454.439 
NAP non-polymer         . 'NADP NICOTINAMIDE-ADENINE-DINUCLEOTIDE PHOSPHATE' 
;2'-MONOPHOSPHOADENOSINE 5'-DIPHOSPHORIBOSE
;
'C21 H28 N7 O17 P3' 743.405 
PHE 'L-peptide linking' y PHENYLALANINE                                      ?                                            
'C9 H11 N O2'       165.189 
PRO 'L-peptide linking' y PROLINE                                            ?                                            
'C5 H9 N O2'        115.130 
SER 'L-peptide linking' y SERINE                                             ?                                            
'C3 H7 N O3'        105.093 
THR 'L-peptide linking' y THREONINE                                          ?                                            
'C4 H9 N O3'        119.119 
TRP 'L-peptide linking' y TRYPTOPHAN                                         ?                                            
'C11 H12 N2 O2'     204.225 
TYR 'L-peptide linking' y TYROSINE                                           ?                                            
'C9 H11 N O3'       181.189 
VAL 'L-peptide linking' y VALINE                                             ?                                            
'C5 H11 N O2'       117.146 
# 
_exptl.entry_id          1RA3 
_exptl.method            'X-RAY DIFFRACTION' 
_exptl.crystals_number   1 
# 
_exptl_crystal.id                    1 
_exptl_crystal.density_meas          ? 
_exptl_crystal.density_Matthews      2.31 
_exptl_crystal.density_percent_sol   46.8 
_exptl_crystal.description           ? 
# 
_exptl_crystal_grow.crystal_id      1 
_exptl_crystal_grow.method          ? 
_exptl_crystal_grow.temp            ? 
_exptl_crystal_grow.temp_details    ? 
_exptl_crystal_grow.pH              6.0 
_exptl_crystal_grow.pdbx_pH_range   ? 
_exptl_crystal_grow.pdbx_details    'pH 6.0' 
# 
_diffrn.id                     1 
_diffrn.ambient_temp           298 
_diffrn.ambient_temp_details   ? 
_diffrn.crystal_id             1 
# 
_diffrn_detector.diffrn_id              1 
_diffrn_detector.detector               'AREA DETECTOR' 
_diffrn_detector.type                   'XUONG-HAMLIN MULTIWIRE' 
_diffrn_detector.pdbx_collection_date   1995-02-09 
_diffrn_detector.details                ? 
# 
_diffrn_radiation.diffrn_id                        1 
_diffrn_radiation.wavelength_id                    1 
_diffrn_radiation.pdbx_monochromatic_or_laue_m_l   M 
_diffrn_radiation.monochromator                    'GRAPHITE(002)' 
_diffrn_radiation.pdbx_diffrn_protocol             ? 
_diffrn_radiation.pdbx_scattering_type             x-ray 
# 
_diffrn_radiation_wavelength.id           1 
_diffrn_radiation_wavelength.wavelength   1.5418 
_diffrn_radiation_wavelength.wt           1.0 
# 
_diffrn_source.diffrn_id                   1 
_diffrn_source.source                      'ROTATING ANODE' 
_diffrn_source.type                        'RIGAKU RUH2R' 
_diffrn_source.pdbx_synchrotron_site       ? 
_diffrn_source.pdbx_synchrotron_beamline   ? 
_diffrn_source.pdbx_wavelength             1.5418 
_diffrn_source.pdbx_wavelength_list        ? 
# 
_reflns.entry_id                     1RA3 
_reflns.observed_criterion_sigma_I   0. 
_reflns.observed_criterion_sigma_F   ? 
_reflns.d_resolution_low             100.0 
_reflns.d_resolution_high            1.8 
_reflns.number_obs                   13431 
_reflns.number_all                   ? 
_reflns.percent_possible_obs         95. 
_reflns.pdbx_Rmerge_I_obs            ? 
_reflns.pdbx_Rsym_value              0.0400000 
_reflns.pdbx_netI_over_sigmaI        ? 
_reflns.B_iso_Wilson_estimate        ? 
_reflns.pdbx_redundancy              2.5 
_reflns.pdbx_diffrn_id               1 
_reflns.pdbx_ordinal                 1 
# 
_refine.entry_id                                 1RA3 
_refine.ls_number_reflns_obs                     13431 
_refine.ls_number_reflns_all                     13431 
_refine.pdbx_ls_sigma_I                          ? 
_refine.pdbx_ls_sigma_F                          0.0 
_refine.pdbx_data_cutoff_high_absF               ? 
_refine.pdbx_data_cutoff_low_absF                ? 
_refine.pdbx_data_cutoff_high_rms_absF           ? 
_refine.ls_d_res_low                             20.0 
_refine.ls_d_res_high                            1.8 
_refine.ls_percent_reflns_obs                    95.0 
_refine.ls_R_factor_obs                          ? 
_refine.ls_R_factor_all                          ? 
_refine.ls_R_factor_R_work                       0.1700000 
_refine.ls_R_factor_R_free                       ? 
_refine.ls_R_factor_R_free_error                 ? 
_refine.ls_R_factor_R_free_error_details         ? 
_refine.ls_percent_reflns_R_free                 ? 
_refine.ls_number_reflns_R_free                  ? 
_refine.ls_number_parameters                     ? 
_refine.ls_number_restraints                     ? 
_refine.occupancy_min                            ? 
_refine.occupancy_max                            ? 
_refine.B_iso_mean                               ? 
_refine.aniso_B[1][1]                            ? 
_refine.aniso_B[2][2]                            ? 
_refine.aniso_B[3][3]                            ? 
_refine.aniso_B[1][2]                            ? 
_refine.aniso_B[1][3]                            ? 
_refine.aniso_B[2][3]                            ? 
_refine.solvent_model_details                    'MOEWS AND KRETSINGER' 
_refine.solvent_model_param_ksol                 0.788 
_refine.solvent_model_param_bsol                 238.5 
_refine.pdbx_ls_cross_valid_method               ? 
_refine.details                                  ? 
_refine.pdbx_starting_model                      'PDB ENTRY 1RH3' 
_refine.pdbx_method_to_determine_struct          'MOLECULAR REPLACEMENT' 
_refine.pdbx_isotropic_thermal_model             ? 
_refine.pdbx_stereochemistry_target_values       'TNT PROTGEO' 
_refine.pdbx_stereochem_target_val_spec_case     ? 
_refine.pdbx_R_Free_selection_details            ? 
_refine.pdbx_overall_ESU_R                       ? 
_refine.pdbx_overall_ESU_R_Free                  ? 
_refine.overall_SU_ML                            ? 
_refine.overall_SU_B                             ? 
_refine.pdbx_refine_id                           'X-RAY DIFFRACTION' 
_refine.pdbx_diffrn_id                           1 
_refine.pdbx_TLS_residual_ADP_flag               ? 
_refine.correlation_coeff_Fo_to_Fc               ? 
_refine.correlation_coeff_Fo_to_Fc_free          ? 
_refine.pdbx_solvent_vdw_probe_radii             ? 
_refine.pdbx_solvent_ion_probe_radii             ? 
_refine.pdbx_solvent_shrinkage_radii             ? 
_refine.pdbx_overall_phase_error                 ? 
_refine.overall_SU_R_Cruickshank_DPI             ? 
_refine.pdbx_overall_SU_R_free_Cruickshank_DPI   ? 
_refine.pdbx_overall_SU_R_Blow_DPI               ? 
_refine.pdbx_overall_SU_R_free_Blow_DPI          ? 
# 
_refine_hist.pdbx_refine_id                   'X-RAY DIFFRACTION' 
_refine_hist.cycle_id                         LAST 
_refine_hist.pdbx_number_atoms_protein        1268 
_refine_hist.pdbx_number_atoms_nucleic_acid   0 
_refine_hist.pdbx_number_atoms_ligand         70 
_refine_hist.number_atoms_solvent             150 
_refine_hist.number_atoms_total               1488 
_refine_hist.d_res_high                       1.8 
_refine_hist.d_res_low                        20.0 
# 
loop_
_refine_ls_restr.type 
_refine_ls_restr.dev_ideal 
_refine_ls_restr.dev_ideal_target 
_refine_ls_restr.weight 
_refine_ls_restr.number 
_refine_ls_restr.pdbx_refine_id 
_refine_ls_restr.pdbx_restraint_function 
t_bond_d           0.023 ? 0.020 1360 'X-RAY DIFFRACTION' ? 
t_angle_deg        2.9   ? 3.0   1847 'X-RAY DIFFRACTION' ? 
t_dihedral_angle_d 23.9  ? ?     758  'X-RAY DIFFRACTION' ? 
t_incorr_chiral_ct 0     ? ?     ?    'X-RAY DIFFRACTION' ? 
t_pseud_angle      ?     ? ?     ?    'X-RAY DIFFRACTION' ? 
t_trig_c_planes    0.018 ? 0.020 36   'X-RAY DIFFRACTION' ? 
t_gen_planes       0.008 ? 0.020 190  'X-RAY DIFFRACTION' ? 
t_it               6.2   ? 6.0   1360 'X-RAY DIFFRACTION' ? 
t_nbd              0.032 ? 0.020 24   'X-RAY DIFFRACTION' ? 
# 
_pdbx_refine.entry_id                                    1RA3 
_pdbx_refine.R_factor_all_no_cutoff                      ? 
_pdbx_refine.R_factor_obs_no_cutoff                      0.1700000 
_pdbx_refine.free_R_factor_no_cutoff                     ? 
_pdbx_refine.free_R_val_test_set_size_perc_no_cutoff     ? 
_pdbx_refine.free_R_val_test_set_ct_no_cutoff            ? 
_pdbx_refine.R_factor_all_4sig_cutoff                    ? 
_pdbx_refine.R_factor_obs_4sig_cutoff                    ? 
_pdbx_refine.free_R_factor_4sig_cutoff                   ? 
_pdbx_refine.free_R_val_test_set_size_perc_4sig_cutoff   ? 
_pdbx_refine.free_R_val_test_set_ct_4sig_cutoff          ? 
_pdbx_refine.number_reflns_obs_4sig_cutoff               ? 
_pdbx_refine.pdbx_refine_id                              'X-RAY DIFFRACTION' 
_pdbx_refine.free_R_error_no_cutoff                      ? 
# 
_struct.entry_id                  1RA3 
_struct.title                     
'DIHYDROFOLATE REDUCTASE COMPLEXED WITH METHOTREXATE AND NICOTINAMIDE ADENINE DINUCLEOTIDE PHOSPHATE (OXIDIZED FORM)' 
_struct.pdbx_model_details        ? 
_struct.pdbx_CASP_flag            ? 
_struct.pdbx_model_type_details   ? 
# 
_struct_keywords.entry_id        1RA3 
_struct_keywords.pdbx_keywords   OXIDOREDUCTASE 
_struct_keywords.text            'OXIDOREDUCTASE, NADP, TRIMETHOPRIM RESISTANCE, METHOTREXATE RESISTANCE, ONE-CARBON METABOLISM' 
# 
loop_
_struct_asym.id 
_struct_asym.pdbx_blank_PDB_chainid_flag 
_struct_asym.pdbx_modified 
_struct_asym.entity_id 
_struct_asym.details 
A N N 1 ? 
B N N 2 ? 
C N N 3 ? 
D N N 4 ? 
E N N 5 ? 
# 
_struct_biol.id   1 
# 
loop_
_struct_conf.conf_type_id 
_struct_conf.id 
_struct_conf.pdbx_PDB_helix_id 
_struct_conf.beg_label_comp_id 
_struct_conf.beg_label_asym_id 
_struct_conf.beg_label_seq_id 
_struct_conf.pdbx_beg_PDB_ins_code 
_struct_conf.end_label_comp_id 
_struct_conf.end_label_asym_id 
_struct_conf.end_label_seq_id 
_struct_conf.pdbx_end_PDB_ins_code 
_struct_conf.beg_auth_comp_id 
_struct_conf.beg_auth_asym_id 
_struct_conf.beg_auth_seq_id 
_struct_conf.end_auth_comp_id 
_struct_conf.end_auth_asym_id 
_struct_conf.end_auth_seq_id 
_struct_conf.pdbx_PDB_helix_class 
_struct_conf.details 
_struct_conf.pdbx_PDB_helix_length 
HELX_P HELX_P1 2 PRO A 25 ? THR A 35  ? PRO A 25 THR A 35  1 ? 11 
HELX_P HELX_P2 3 ARG A 44 ? ILE A 50  ? ARG A 44 ILE A 50  1 ? 7  
HELX_P HELX_P3 4 VAL A 78 ? CYS A 85  ? VAL A 78 CYS A 85  1 ? 8  
HELX_P HELX_P4 5 GLY A 97 ? LYS A 106 ? GLY A 97 LYS A 106 1 ? 10 
# 
_struct_conf_type.id          HELX_P 
_struct_conf_type.criteria    ? 
_struct_conf_type.reference   ? 
# 
_struct_conn.id                            covale1 
_struct_conn.conn_type_id                  covale 
_struct_conn.pdbx_leaving_atom_flag        none 
_struct_conn.pdbx_PDB_id                   ? 
_struct_conn.ptnr1_label_asym_id           A 
_struct_conn.ptnr1_label_comp_id           CYS 
_struct_conn.ptnr1_label_seq_id            152 
_struct_conn.ptnr1_label_atom_id           SG 
_struct_conn.pdbx_ptnr1_label_alt_id       ? 
_struct_conn.pdbx_ptnr1_PDB_ins_code       ? 
_struct_conn.pdbx_ptnr1_standard_comp_id   ? 
_struct_conn.ptnr1_symmetry                1_555 
_struct_conn.ptnr2_label_asym_id           C 
_struct_conn.ptnr2_label_comp_id           BME 
_struct_conn.ptnr2_label_seq_id            . 
_struct_conn.ptnr2_label_atom_id           S2 
_struct_conn.pdbx_ptnr2_label_alt_id       ? 
_struct_conn.pdbx_ptnr2_PDB_ins_code       ? 
_struct_conn.ptnr1_auth_asym_id            A 
_struct_conn.ptnr1_auth_comp_id            CYS 
_struct_conn.ptnr1_auth_seq_id             152 
_struct_conn.ptnr2_auth_asym_id            A 
_struct_conn.ptnr2_auth_comp_id            BME 
_struct_conn.ptnr2_auth_seq_id             162 
_struct_conn.ptnr2_symmetry                1_555 
_struct_conn.pdbx_ptnr3_label_atom_id      ? 
_struct_conn.pdbx_ptnr3_label_seq_id       ? 
_struct_conn.pdbx_ptnr3_label_comp_id      ? 
_struct_conn.pdbx_ptnr3_label_asym_id      ? 
_struct_conn.pdbx_ptnr3_label_alt_id       ? 
_struct_conn.pdbx_ptnr3_PDB_ins_code       ? 
_struct_conn.details                       ? 
_struct_conn.pdbx_dist_value               1.935 
_struct_conn.pdbx_value_order              ? 
_struct_conn.pdbx_role                     ? 
# 
_struct_conn_type.id          covale 
_struct_conn_type.criteria    ? 
_struct_conn_type.reference   ? 
# 
_struct_mon_prot_cis.pdbx_id                1 
_struct_mon_prot_cis.label_comp_id          GLY 
_struct_mon_prot_cis.label_seq_id           95 
_struct_mon_prot_cis.label_asym_id          A 
_struct_mon_prot_cis.label_alt_id           . 
_struct_mon_prot_cis.pdbx_PDB_ins_code      ? 
_struct_mon_prot_cis.auth_comp_id           GLY 
_struct_mon_prot_cis.auth_seq_id            95 
_struct_mon_prot_cis.auth_asym_id           A 
_struct_mon_prot_cis.pdbx_label_comp_id_2   GLY 
_struct_mon_prot_cis.pdbx_label_seq_id_2    96 
_struct_mon_prot_cis.pdbx_label_asym_id_2   A 
_struct_mon_prot_cis.pdbx_PDB_ins_code_2    ? 
_struct_mon_prot_cis.pdbx_auth_comp_id_2    GLY 
_struct_mon_prot_cis.pdbx_auth_seq_id_2     96 
_struct_mon_prot_cis.pdbx_auth_asym_id_2    A 
_struct_mon_prot_cis.pdbx_PDB_model_num     1 
_struct_mon_prot_cis.pdbx_omega_angle       -1.21 
# 
_struct_sheet.id               A 
_struct_sheet.type             ? 
_struct_sheet.number_strands   8 
_struct_sheet.details          ? 
# 
loop_
_struct_sheet_order.sheet_id 
_struct_sheet_order.range_id_1 
_struct_sheet_order.range_id_2 
_struct_sheet_order.offset 
_struct_sheet_order.sense 
A 1 2 ? anti-parallel 
A 2 3 ? anti-parallel 
A 3 4 ? parallel      
A 4 5 ? parallel      
A 5 6 ? parallel      
A 6 7 ? parallel      
A 7 8 ? parallel      
# 
loop_
_struct_sheet_range.sheet_id 
_struct_sheet_range.id 
_struct_sheet_range.beg_label_comp_id 
_struct_sheet_range.beg_label_asym_id 
_struct_sheet_range.beg_label_seq_id 
_struct_sheet_range.pdbx_beg_PDB_ins_code 
_struct_sheet_range.end_label_comp_id 
_struct_sheet_range.end_label_asym_id 
_struct_sheet_range.end_label_seq_id 
_struct_sheet_range.pdbx_end_PDB_ins_code 
_struct_sheet_range.beg_auth_comp_id 
_struct_sheet_range.beg_auth_asym_id 
_struct_sheet_range.beg_auth_seq_id 
_struct_sheet_range.end_auth_comp_id 
_struct_sheet_range.end_auth_asym_id 
_struct_sheet_range.end_auth_seq_id 
A 1 TRP A 133 ? HIS A 141 ? TRP A 133 HIS A 141 
A 2 TYR A 151 ? ARG A 158 ? TYR A 151 ARG A 158 
A 3 LYS A 109 ? ILE A 115 ? LYS A 109 ILE A 115 
A 4 ILE A 2   ? LEU A 8   ? ILE A 2   LEU A 8   
A 5 ILE A 91  ? GLY A 95  ? ILE A 91  GLY A 95  
A 6 PRO A 39  ? GLY A 43  ? PRO A 39  GLY A 43  
A 7 LYS A 58  ? LEU A 62  ? LYS A 58  LEU A 62  
A 8 THR A 73  ? VAL A 75  ? THR A 73  VAL A 75  
# 
loop_
_pdbx_struct_sheet_hbond.sheet_id 
_pdbx_struct_sheet_hbond.range_id_1 
_pdbx_struct_sheet_hbond.range_id_2 
_pdbx_struct_sheet_hbond.range_1_label_atom_id 
_pdbx_struct_sheet_hbond.range_1_label_comp_id 
_pdbx_struct_sheet_hbond.range_1_label_asym_id 
_pdbx_struct_sheet_hbond.range_1_label_seq_id 
_pdbx_struct_sheet_hbond.range_1_PDB_ins_code 
_pdbx_struct_sheet_hbond.range_1_auth_atom_id 
_pdbx_struct_sheet_hbond.range_1_auth_comp_id 
_pdbx_struct_sheet_hbond.range_1_auth_asym_id 
_pdbx_struct_sheet_hbond.range_1_auth_seq_id 
_pdbx_struct_sheet_hbond.range_2_label_atom_id 
_pdbx_struct_sheet_hbond.range_2_label_comp_id 
_pdbx_struct_sheet_hbond.range_2_label_asym_id 
_pdbx_struct_sheet_hbond.range_2_label_seq_id 
_pdbx_struct_sheet_hbond.range_2_PDB_ins_code 
_pdbx_struct_sheet_hbond.range_2_auth_atom_id 
_pdbx_struct_sheet_hbond.range_2_auth_comp_id 
_pdbx_struct_sheet_hbond.range_2_auth_asym_id 
_pdbx_struct_sheet_hbond.range_2_auth_seq_id 
A 1 2 O GLU A 134 ? O GLU A 134 N GLU A 157 ? N GLU A 157 
A 2 3 O CYS A 152 ? O CYS A 152 N HIS A 114 ? N HIS A 114 
A 3 4 O LYS A 109 ? O LYS A 109 N LEU A 4   ? N LEU A 4   
A 4 5 O SER A 3   ? O SER A 3   N ILE A 91  ? N ILE A 91  
A 5 6 O MET A 92  ? O MET A 92  N PRO A 39  ? N PRO A 39  
A 6 7 O VAL A 40  ? O VAL A 40  N LYS A 58  ? N LYS A 58  
A 7 8 O ILE A 61  ? O ILE A 61  N THR A 73  ? N THR A 73  
# 
loop_
_struct_site.id 
_struct_site.pdbx_evidence_code 
_struct_site.pdbx_auth_asym_id 
_struct_site.pdbx_auth_comp_id 
_struct_site.pdbx_auth_seq_id 
_struct_site.pdbx_auth_ins_code 
_struct_site.pdbx_num_residues 
_struct_site.details 
AC1 Software A MTX 161 ? 15 'BINDING SITE FOR RESIDUE MTX A 161' 
AC2 Software A BME 162 ? 2  'BINDING SITE FOR RESIDUE BME A 162' 
AC3 Software A NAP 164 ? 22 'BINDING SITE FOR RESIDUE NAP A 164' 
# 
loop_
_struct_site_gen.id 
_struct_site_gen.site_id 
_struct_site_gen.pdbx_num_res 
_struct_site_gen.label_comp_id 
_struct_site_gen.label_asym_id 
_struct_site_gen.label_seq_id 
_struct_site_gen.pdbx_auth_ins_code 
_struct_site_gen.auth_comp_id 
_struct_site_gen.auth_asym_id 
_struct_site_gen.auth_seq_id 
_struct_site_gen.label_atom_id 
_struct_site_gen.label_alt_id 
_struct_site_gen.symmetry 
_struct_site_gen.details 
1  AC1 15 ILE A 5   ? ILE A 5   . ? 1_555 ? 
2  AC1 15 ALA A 6   ? ALA A 6   . ? 1_555 ? 
3  AC1 15 ASP A 27  ? ASP A 27  . ? 1_555 ? 
4  AC1 15 LEU A 28  ? LEU A 28  . ? 1_555 ? 
5  AC1 15 PHE A 31  ? PHE A 31  . ? 1_555 ? 
6  AC1 15 LYS A 32  ? LYS A 32  . ? 1_555 ? 
7  AC1 15 ILE A 50  ? ILE A 50  . ? 1_555 ? 
8  AC1 15 ARG A 52  ? ARG A 52  . ? 1_555 ? 
9  AC1 15 ARG A 57  ? ARG A 57  . ? 1_555 ? 
10 AC1 15 ILE A 94  ? ILE A 94  . ? 1_555 ? 
11 AC1 15 TYR A 100 ? TYR A 100 . ? 1_555 ? 
12 AC1 15 THR A 113 ? THR A 113 . ? 1_555 ? 
13 AC1 15 HOH E .   ? HOH A 302 . ? 1_555 ? 
14 AC1 15 HOH E .   ? HOH A 438 . ? 1_555 ? 
15 AC1 15 HOH E .   ? HOH A 510 . ? 4_546 ? 
16 AC2 2  CYS A 152 ? CYS A 152 . ? 1_555 ? 
17 AC2 2  GLU A 154 ? GLU A 154 . ? 1_555 ? 
18 AC3 22 GLY A 43  ? GLY A 43  . ? 1_555 ? 
19 AC3 22 ARG A 44  ? ARG A 44  . ? 1_555 ? 
20 AC3 22 HIS A 45  ? HIS A 45  . ? 1_555 ? 
21 AC3 22 THR A 46  ? THR A 46  . ? 1_555 ? 
22 AC3 22 LEU A 62  ? LEU A 62  . ? 1_555 ? 
23 AC3 22 SER A 63  ? SER A 63  . ? 1_555 ? 
24 AC3 22 SER A 64  ? SER A 64  . ? 1_555 ? 
25 AC3 22 LYS A 76  ? LYS A 76  . ? 1_555 ? 
26 AC3 22 GLY A 96  ? GLY A 96  . ? 1_555 ? 
27 AC3 22 GLY A 97  ? GLY A 97  . ? 1_555 ? 
28 AC3 22 ARG A 98  ? ARG A 98  . ? 1_555 ? 
29 AC3 22 VAL A 99  ? VAL A 99  . ? 1_555 ? 
30 AC3 22 GLN A 102 ? GLN A 102 . ? 1_555 ? 
31 AC3 22 THR A 123 ? THR A 123 . ? 1_555 ? 
32 AC3 22 HOH E .   ? HOH A 307 . ? 1_555 ? 
33 AC3 22 HOH E .   ? HOH A 353 . ? 1_554 ? 
34 AC3 22 HOH E .   ? HOH A 355 . ? 1_555 ? 
35 AC3 22 HOH E .   ? HOH A 441 . ? 1_555 ? 
36 AC3 22 HOH E .   ? HOH A 455 . ? 1_555 ? 
37 AC3 22 HOH E .   ? HOH A 461 . ? 1_555 ? 
38 AC3 22 HOH E .   ? HOH A 486 . ? 1_555 ? 
39 AC3 22 HOH E .   ? HOH A 524 . ? 1_555 ? 
# 
_atom_sites.entry_id                    1RA3 
_atom_sites.fract_transf_matrix[1][1]   0.00947312 
_atom_sites.fract_transf_matrix[1][2]   -0.00081059 
_atom_sites.fract_transf_matrix[1][3]   -0.01032839 
_atom_sites.fract_transf_matrix[2][1]   -0.01188272 
_atom_sites.fract_transf_matrix[2][2]   0.00321225 
_atom_sites.fract_transf_matrix[2][3]   -0.01115084 
_atom_sites.fract_transf_matrix[3][1]   0.01025006 
_atom_sites.fract_transf_matrix[3][2]   0.02467249 
_atom_sites.fract_transf_matrix[3][3]   -0.00381535 
_atom_sites.fract_transf_vector[1]      0.251813 
_atom_sites.fract_transf_vector[2]      0.300157 
_atom_sites.fract_transf_vector[3]      0.326390 
# 
loop_
_atom_type.symbol 
C 
N 
O 
P 
S 
# 
loop_
_atom_site.group_PDB 
_atom_site.id 
_atom_site.type_symbol 
_atom_site.label_atom_id 
_atom_site.label_alt_id 
_atom_site.label_comp_id 
_atom_site.label_asym_id 
_atom_site.label_entity_id 
_atom_site.label_seq_id 
_atom_site.pdbx_PDB_ins_code 
_atom_site.Cartn_x 
_atom_site.Cartn_y 
_atom_site.Cartn_z 
_atom_site.occupancy 
_atom_site.B_iso_or_equiv 
_atom_site.pdbx_formal_charge 
_atom_site.auth_seq_id 
_atom_site.auth_comp_id 
_atom_site.auth_asym_id 
_atom_site.auth_atom_id 
_atom_site.pdbx_PDB_model_num 
ATOM   1    N N   . MET A 1 1   ? -3.674  3.553   15.081  1.00 32.15 ? 1   MET A N   1 
ATOM   2    C CA  . MET A 1 1   ? -4.431  3.714   13.871  1.00 25.55 ? 1   MET A CA  1 
ATOM   3    C C   . MET A 1 1   ? -3.758  3.052   12.686  1.00 20.72 ? 1   MET A C   1 
ATOM   4    O O   . MET A 1 1   ? -2.526  2.837   12.598  1.00 24.07 ? 1   MET A O   1 
ATOM   5    C CB  . MET A 1 1   ? -4.659  5.164   13.459  1.00 31.39 ? 1   MET A CB  1 
ATOM   6    C CG  . MET A 1 1   ? -3.389  5.579   12.794  1.00 46.81 ? 1   MET A CG  1 
ATOM   7    S SD  . MET A 1 1   ? -3.293  7.302   12.330  1.00 59.99 ? 1   MET A SD  1 
ATOM   8    C CE  . MET A 1 1   ? -1.475  7.310   12.297  1.00 57.80 ? 1   MET A CE  1 
ATOM   9    N N   . ILE A 1 2   ? -4.696  2.751   11.757  1.00 20.22 ? 2   ILE A N   1 
ATOM   10   C CA  . ILE A 1 2   ? -4.429  2.077   10.534  1.00 20.46 ? 2   ILE A CA  1 
ATOM   11   C C   . ILE A 1 2   ? -4.500  2.975   9.389   1.00 11.61 ? 2   ILE A C   1 
ATOM   12   O O   . ILE A 1 2   ? -5.484  3.723   9.258   1.00 16.02 ? 2   ILE A O   1 
ATOM   13   C CB  . ILE A 1 2   ? -5.548  0.995   10.384  1.00 27.69 ? 2   ILE A CB  1 
ATOM   14   C CG1 . ILE A 1 2   ? -5.348  -0.075  11.475  1.00 27.14 ? 2   ILE A CG1 1 
ATOM   15   C CG2 . ILE A 1 2   ? -5.642  0.380   8.950   1.00 21.01 ? 2   ILE A CG2 1 
ATOM   16   C CD1 . ILE A 1 2   ? -6.581  -0.951  11.620  1.00 28.78 ? 2   ILE A CD1 1 
ATOM   17   N N   . SER A 1 3   ? -3.490  2.804   8.605   1.00 13.62 ? 3   SER A N   1 
ATOM   18   C CA  . SER A 1 3   ? -3.312  3.562   7.373   1.00 19.09 ? 3   SER A CA  1 
ATOM   19   C C   . SER A 1 3   ? -3.083  2.644   6.171   1.00 17.57 ? 3   SER A C   1 
ATOM   20   O O   . SER A 1 3   ? -2.445  1.611   6.284   1.00 15.93 ? 3   SER A O   1 
ATOM   21   C CB  . SER A 1 3   ? -1.984  4.396   7.508   1.00 14.43 ? 3   SER A CB  1 
ATOM   22   O OG  . SER A 1 3   ? -2.191  5.392   8.513   1.00 15.13 ? 3   SER A OG  1 
ATOM   23   N N   . LEU A 1 4   ? -3.581  3.052   5.008   1.00 10.24 ? 4   LEU A N   1 
ATOM   24   C CA  . LEU A 1 4   ? -3.333  2.266   3.864   1.00 11.22 ? 4   LEU A CA  1 
ATOM   25   C C   . LEU A 1 4   ? -2.413  3.087   2.948   1.00 12.15 ? 4   LEU A C   1 
ATOM   26   O O   . LEU A 1 4   ? -2.604  4.303   2.912   1.00 19.68 ? 4   LEU A O   1 
ATOM   27   C CB  . LEU A 1 4   ? -4.637  2.160   3.058   1.00 18.64 ? 4   LEU A CB  1 
ATOM   28   C CG  . LEU A 1 4   ? -5.670  1.100   3.494   1.00 19.41 ? 4   LEU A CG  1 
ATOM   29   C CD1 . LEU A 1 4   ? -5.882  0.874   4.966   1.00 16.26 ? 4   LEU A CD1 1 
ATOM   30   C CD2 . LEU A 1 4   ? -6.973  1.209   2.675   1.00 17.49 ? 4   LEU A CD2 1 
ATOM   31   N N   . ILE A 1 5   ? -1.477  2.494   2.245   1.00 11.49 ? 5   ILE A N   1 
ATOM   32   C CA  . ILE A 1 5   ? -0.605  3.226   1.339   1.00 9.79  ? 5   ILE A CA  1 
ATOM   33   C C   . ILE A 1 5   ? -0.655  2.535   0.027   1.00 15.10 ? 5   ILE A C   1 
ATOM   34   O O   . ILE A 1 5   ? -0.470  1.309   -0.029  1.00 17.21 ? 5   ILE A O   1 
ATOM   35   C CB  . ILE A 1 5   ? 0.782   3.442   1.875   1.00 13.29 ? 5   ILE A CB  1 
ATOM   36   C CG1 . ILE A 1 5   ? 1.639   4.058   0.787   1.00 11.26 ? 5   ILE A CG1 1 
ATOM   37   C CG2 . ILE A 1 5   ? 1.398   2.073   2.373   1.00 16.94 ? 5   ILE A CG2 1 
ATOM   38   C CD1 . ILE A 1 5   ? 2.921   4.645   1.403   1.00 11.88 ? 5   ILE A CD1 1 
ATOM   39   N N   . ALA A 1 6   ? -0.928  3.283   -1.076  1.00 10.27 ? 6   ALA A N   1 
ATOM   40   C CA  . ALA A 1 6   ? -1.034  2.650   -2.398  1.00 11.73 ? 6   ALA A CA  1 
ATOM   41   C C   . ALA A 1 6   ? -0.681  3.589   -3.555  1.00 17.85 ? 6   ALA A C   1 
ATOM   42   O O   . ALA A 1 6   ? -0.786  4.806   -3.388  1.00 16.34 ? 6   ALA A O   1 
ATOM   43   C CB  . ALA A 1 6   ? -2.553  2.313   -2.512  1.00 11.92 ? 6   ALA A CB  1 
ATOM   44   N N   . ALA A 1 7   ? -0.270  3.020   -4.687  1.00 12.95 ? 7   ALA A N   1 
ATOM   45   C CA  . ALA A 1 7   ? 0.075   3.707   -5.905  1.00 11.97 ? 7   ALA A CA  1 
ATOM   46   C C   . ALA A 1 7   ? -1.073  3.348   -6.842  1.00 26.40 ? 7   ALA A C   1 
ATOM   47   O O   . ALA A 1 7   ? -1.346  2.185   -7.049  1.00 16.56 ? 7   ALA A O   1 
ATOM   48   C CB  . ALA A 1 7   ? 1.438   3.363   -6.447  1.00 13.38 ? 7   ALA A CB  1 
ATOM   49   N N   . LEU A 1 8   ? -1.782  4.344   -7.405  1.00 13.46 ? 8   LEU A N   1 
ATOM   50   C CA  . LEU A 1 8   ? -2.928  4.122   -8.260  1.00 11.94 ? 8   LEU A CA  1 
ATOM   51   C C   . LEU A 1 8   ? -2.809  4.822   -9.572  1.00 23.46 ? 8   LEU A C   1 
ATOM   52   O O   . LEU A 1 8   ? -2.424  5.982   -9.558  1.00 15.97 ? 8   LEU A O   1 
ATOM   53   C CB  . LEU A 1 8   ? -4.143  4.975   -7.649  1.00 17.43 ? 8   LEU A CB  1 
ATOM   54   C CG  . LEU A 1 8   ? -4.851  4.401   -6.481  1.00 26.42 ? 8   LEU A CG  1 
ATOM   55   C CD1 . LEU A 1 8   ? -4.043  4.634   -5.213  1.00 35.76 ? 8   LEU A CD1 1 
ATOM   56   C CD2 . LEU A 1 8   ? -6.204  5.041   -6.356  1.00 21.53 ? 8   LEU A CD2 1 
ATOM   57   N N   . ALA A 1 9   ? -3.213  4.107   -10.664 1.00 16.75 ? 9   ALA A N   1 
ATOM   58   C CA  . ALA A 1 9   ? -3.209  4.692   -11.985 1.00 11.74 ? 9   ALA A CA  1 
ATOM   59   C C   . ALA A 1 9   ? -4.619  5.160   -12.195 1.00 14.87 ? 9   ALA A C   1 
ATOM   60   O O   . ALA A 1 9   ? -5.443  5.231   -11.222 1.00 16.15 ? 9   ALA A O   1 
ATOM   61   C CB  . ALA A 1 9   ? -2.730  3.732   -13.036 1.00 18.58 ? 9   ALA A CB  1 
ATOM   62   N N   . VAL A 1 10  ? -4.906  5.509   -13.476 1.00 19.77 ? 10  VAL A N   1 
ATOM   63   C CA  . VAL A 1 10  ? -6.245  5.962   -13.780 1.00 28.89 ? 10  VAL A CA  1 
ATOM   64   C C   . VAL A 1 10  ? -7.218  4.826   -13.555 1.00 24.80 ? 10  VAL A C   1 
ATOM   65   O O   . VAL A 1 10  ? -6.921  3.607   -13.731 1.00 24.85 ? 10  VAL A O   1 
ATOM   66   C CB  . VAL A 1 10  ? -6.438  6.539   -15.199 1.00 35.16 ? 10  VAL A CB  1 
ATOM   67   C CG1 . VAL A 1 10  ? -5.222  7.325   -15.665 1.00 30.41 ? 10  VAL A CG1 1 
ATOM   68   C CG2 . VAL A 1 10  ? -6.935  5.539   -16.204 1.00 35.93 ? 10  VAL A CG2 1 
ATOM   69   N N   . ASP A 1 11  ? -8.378  5.204   -13.149 1.00 25.72 ? 11  ASP A N   1 
ATOM   70   C CA  . ASP A 1 11  ? -9.340  4.186   -12.910 1.00 31.44 ? 11  ASP A CA  1 
ATOM   71   C C   . ASP A 1 11  ? -9.020  3.336   -11.691 1.00 28.60 ? 11  ASP A C   1 
ATOM   72   O O   . ASP A 1 11  ? -9.549  2.297   -11.593 1.00 26.55 ? 11  ASP A O   1 
ATOM   73   C CB  . ASP A 1 11  ? -9.664  3.330   -14.142 1.00 29.36 ? 11  ASP A CB  1 
ATOM   74   C CG  . ASP A 1 11  ? -10.491 4.135   -15.173 1.00 33.87 ? 11  ASP A CG  1 
ATOM   75   O OD1 . ASP A 1 11  ? -11.418 4.885   -14.881 1.00 36.53 ? 11  ASP A OD1 1 
ATOM   76   O OD2 . ASP A 1 11  ? -10.138 3.919   -16.408 1.00 34.31 ? 11  ASP A OD2 1 
ATOM   77   N N   . ARG A 1 12  ? -8.191  3.777   -10.776 1.00 15.13 ? 12  ARG A N   1 
ATOM   78   C CA  . ARG A 1 12  ? -7.871  3.053   -9.558  1.00 13.52 ? 12  ARG A CA  1 
ATOM   79   C C   . ARG A 1 12  ? -7.151  1.744   -9.754  1.00 15.81 ? 12  ARG A C   1 
ATOM   80   O O   . ARG A 1 12  ? -7.086  0.955   -8.788  1.00 19.91 ? 12  ARG A O   1 
ATOM   81   C CB  . ARG A 1 12  ? -9.066  2.863   -8.638  1.00 14.72 ? 12  ARG A CB  1 
ATOM   82   C CG  . ARG A 1 12  ? -9.774  4.146   -8.297  1.00 24.78 ? 12  ARG A CG  1 
ATOM   83   C CD  . ARG A 1 12  ? -10.597 3.998   -7.052  1.00 27.21 ? 12  ARG A CD  1 
ATOM   84   N NE  . ARG A 1 12  ? -11.459 2.863   -7.229  1.00 36.54 ? 12  ARG A NE  1 
ATOM   85   C CZ  . ARG A 1 12  ? -12.495 2.827   -8.037  1.00 37.11 ? 12  ARG A CZ  1 
ATOM   86   N NH1 . ARG A 1 12  ? -12.873 3.822   -8.781  1.00 36.05 ? 12  ARG A NH1 1 
ATOM   87   N NH2 . ARG A 1 12  ? -13.186 1.717   -8.103  1.00 46.75 ? 12  ARG A NH2 1 
ATOM   88   N N   . VAL A 1 13  ? -6.610  1.516   -10.957 1.00 14.21 ? 13  VAL A N   1 
ATOM   89   C CA  . VAL A 1 13  ? -5.883  0.295   -11.194 1.00 12.04 ? 13  VAL A CA  1 
ATOM   90   C C   . VAL A 1 13  ? -4.588  0.275   -10.333 1.00 22.54 ? 13  VAL A C   1 
ATOM   91   O O   . VAL A 1 13  ? -3.787  1.218   -10.354 1.00 14.87 ? 13  VAL A O   1 
ATOM   92   C CB  . VAL A 1 13  ? -5.483  0.207   -12.658 1.00 16.62 ? 13  VAL A CB  1 
ATOM   93   C CG1 . VAL A 1 13  ? -4.447  -0.900  -12.903 1.00 14.11 ? 13  VAL A CG1 1 
ATOM   94   C CG2 . VAL A 1 13  ? -6.768  0.035   -13.520 1.00 16.15 ? 13  VAL A CG2 1 
ATOM   95   N N   . ILE A 1 14  ? -4.378  -0.798  -9.580  1.00 14.13 ? 14  ILE A N   1 
ATOM   96   C CA  . ILE A 1 14  ? -3.163  -0.935  -8.723  1.00 14.28 ? 14  ILE A CA  1 
ATOM   97   C C   . ILE A 1 14  ? -2.286  -2.146  -9.111  1.00 17.38 ? 14  ILE A C   1 
ATOM   98   O O   . ILE A 1 14  ? -1.165  -2.330  -8.673  1.00 16.61 ? 14  ILE A O   1 
ATOM   99   C CB  . ILE A 1 14  ? -3.510  -1.027  -7.225  1.00 19.53 ? 14  ILE A CB  1 
ATOM   100  C CG1 . ILE A 1 14  ? -4.465  -2.202  -6.931  1.00 22.73 ? 14  ILE A CG1 1 
ATOM   101  C CG2 . ILE A 1 14  ? -4.119  0.269   -6.702  1.00 14.60 ? 14  ILE A CG2 1 
ATOM   102  C CD1 . ILE A 1 14  ? -4.915  -2.365  -5.442  1.00 17.31 ? 14  ILE A CD1 1 
ATOM   103  N N   . GLY A 1 15  ? -2.813  -3.039  -9.962  1.00 21.60 ? 15  GLY A N   1 
ATOM   104  C CA  . GLY A 1 15  ? -2.035  -4.237  -10.330 1.00 17.53 ? 15  GLY A CA  1 
ATOM   105  C C   . GLY A 1 15  ? -2.605  -5.050  -11.499 1.00 18.53 ? 15  GLY A C   1 
ATOM   106  O O   . GLY A 1 15  ? -3.671  -4.782  -11.991 1.00 16.92 ? 15  GLY A O   1 
ATOM   107  N N   . MET A 1 16  ? -1.845  -6.011  -11.936 1.00 22.71 ? 16  MET A N   1 
ATOM   108  C CA  . MET A 1 16  ? -2.148  -6.879  -13.055 1.00 23.71 ? 16  MET A CA  1 
ATOM   109  C C   . MET A 1 16  ? -1.165  -8.035  -12.977 1.00 28.63 ? 16  MET A C   1 
ATOM   110  O O   . MET A 1 16  ? -0.319  -8.089  -12.072 1.00 19.96 ? 16  MET A O   1 
ATOM   111  C CB  . MET A 1 16  ? -1.920  -6.139  -14.365 1.00 28.96 ? 16  MET A CB  1 
ATOM   112  C CG  . MET A 1 16  ? -0.486  -5.696  -14.472 1.00 39.22 ? 16  MET A CG  1 
ATOM   113  S SD  . MET A 1 16  ? -0.037  -5.398  -16.179 1.00 47.53 ? 16  MET A SD  1 
ATOM   114  C CE  . MET A 1 16  ? -0.122  -7.139  -16.647 1.00 33.80 ? 16  MET A CE  1 
ATOM   115  N N   . GLU A 1 17  ? -1.276  -8.966  -13.912 1.00 28.41 ? 17  GLU A N   1 
ATOM   116  C CA  . GLU A 1 17  ? -0.404  -10.079 -13.855 1.00 29.16 ? 17  GLU A CA  1 
ATOM   117  C C   . GLU A 1 17  ? 1.050   -9.744  -13.977 1.00 24.40 ? 17  GLU A C   1 
ATOM   118  O O   . GLU A 1 17  ? 1.881   -10.232 -13.200 1.00 25.76 ? 17  GLU A O   1 
ATOM   119  C CB  . GLU A 1 17  ? -0.788  -11.127 -14.967 0.00 20.00 ? 17  GLU A CB  1 
ATOM   120  C CG  . GLU A 1 17  ? -2.082  -11.880 -14.699 0.00 20.00 ? 17  GLU A CG  1 
ATOM   121  C CD  . GLU A 1 17  ? -1.989  -12.805 -13.502 0.00 20.00 ? 17  GLU A CD  1 
ATOM   122  O OE1 . GLU A 1 17  ? -0.917  -12.843 -12.863 0.00 20.00 ? 17  GLU A OE1 1 
ATOM   123  O OE2 . GLU A 1 17  ? -2.990  -13.490 -13.203 0.00 20.00 ? 17  GLU A OE2 1 
ATOM   124  N N   . ASN A 1 18  ? 1.363   -8.938  -14.971 1.00 20.87 ? 18  ASN A N   1 
ATOM   125  C CA  . ASN A 1 18  ? 2.765   -8.600  -15.181 1.00 18.24 ? 18  ASN A CA  1 
ATOM   126  C C   . ASN A 1 18  ? 3.208   -7.344  -14.472 1.00 25.72 ? 18  ASN A C   1 
ATOM   127  O O   . ASN A 1 18  ? 2.411   -6.678  -13.835 1.00 22.25 ? 18  ASN A O   1 
ATOM   128  C CB  . ASN A 1 18  ? 3.071   -8.474  -16.672 1.00 24.80 ? 18  ASN A CB  1 
ATOM   129  C CG  . ASN A 1 18  ? 2.660   -9.736  -17.461 1.00 35.68 ? 18  ASN A CG  1 
ATOM   130  O OD1 . ASN A 1 18  ? 2.098   -9.653  -18.584 1.00 43.36 ? 18  ASN A OD1 1 
ATOM   131  N ND2 . ASN A 1 18  ? 2.912   -10.906 -16.850 1.00 21.02 ? 18  ASN A ND2 1 
ATOM   132  N N   . ALA A 1 19  ? 4.496   -7.053  -14.611 1.00 24.77 ? 19  ALA A N   1 
ATOM   133  C CA  . ALA A 1 19  ? 5.040   -5.838  -13.994 1.00 23.26 ? 19  ALA A CA  1 
ATOM   134  C C   . ALA A 1 19  ? 4.369   -4.613  -14.653 1.00 16.44 ? 19  ALA A C   1 
ATOM   135  O O   . ALA A 1 19  ? 4.159   -4.591  -15.858 1.00 19.16 ? 19  ALA A O   1 
ATOM   136  C CB  . ALA A 1 19  ? 6.543   -5.764  -14.262 1.00 17.26 ? 19  ALA A CB  1 
ATOM   137  N N   . MET A 1 20  ? 4.042   -3.612  -13.830 1.00 22.16 ? 20  MET A N   1 
ATOM   138  C CA  . MET A 1 20  ? 3.420   -2.357  -14.275 1.00 27.06 ? 20  MET A CA  1 
ATOM   139  C C   . MET A 1 20  ? 4.362   -1.688  -15.275 1.00 16.21 ? 20  MET A C   1 
ATOM   140  O O   . MET A 1 20  ? 5.604   -1.752  -15.127 1.00 20.00 ? 20  MET A O   1 
ATOM   141  C CB  . MET A 1 20  ? 3.250   -1.490  -13.030 1.00 25.41 ? 20  MET A CB  1 
ATOM   142  C CG  . MET A 1 20  ? 2.160   -2.071  -12.155 1.00 29.82 ? 20  MET A CG  1 
ATOM   143  S SD  . MET A 1 20  ? 0.667   -2.377  -13.146 1.00 41.04 ? 20  MET A SD  1 
ATOM   144  C CE  . MET A 1 20  ? -0.441  -1.114  -12.534 1.00 55.69 ? 20  MET A CE  1 
ATOM   145  N N   . PRO A 1 21  ? 3.817   -1.082  -16.313 1.00 19.52 ? 21  PRO A N   1 
ATOM   146  C CA  . PRO A 1 21  ? 4.722   -0.479  -17.296 1.00 23.66 ? 21  PRO A CA  1 
ATOM   147  C C   . PRO A 1 21  ? 5.065   0.993   -16.920 1.00 33.90 ? 21  PRO A C   1 
ATOM   148  O O   . PRO A 1 21  ? 4.648   1.947   -17.603 1.00 32.76 ? 21  PRO A O   1 
ATOM   149  C CB  . PRO A 1 21  ? 3.953   -0.438  -18.621 1.00 21.77 ? 21  PRO A CB  1 
ATOM   150  C CG  . PRO A 1 21  ? 2.507   -0.266  -18.150 1.00 21.02 ? 21  PRO A CG  1 
ATOM   151  C CD  . PRO A 1 21  ? 2.412   -0.937  -16.756 1.00 21.99 ? 21  PRO A CD  1 
ATOM   152  N N   . TRP A 1 22  ? 5.799   1.166   -15.854 1.00 29.90 ? 22  TRP A N   1 
ATOM   153  C CA  . TRP A 1 22  ? 6.195   2.463   -15.407 1.00 32.29 ? 22  TRP A CA  1 
ATOM   154  C C   . TRP A 1 22  ? 7.458   2.316   -14.645 1.00 33.95 ? 22  TRP A C   1 
ATOM   155  O O   . TRP A 1 22  ? 7.853   1.212   -14.379 1.00 31.89 ? 22  TRP A O   1 
ATOM   156  C CB  . TRP A 1 22  ? 5.112   3.258   -14.681 1.00 23.94 ? 22  TRP A CB  1 
ATOM   157  C CG  . TRP A 1 22  ? 4.640   2.686   -13.420 1.00 22.17 ? 22  TRP A CG  1 
ATOM   158  C CD1 . TRP A 1 22  ? 5.420   2.247   -12.397 1.00 33.29 ? 22  TRP A CD1 1 
ATOM   159  C CD2 . TRP A 1 22  ? 3.280   2.475   -13.012 1.00 17.16 ? 22  TRP A CD2 1 
ATOM   160  N NE1 . TRP A 1 22  ? 4.606   1.789   -11.362 1.00 30.60 ? 22  TRP A NE1 1 
ATOM   161  C CE2 . TRP A 1 22  ? 3.298   1.915   -11.724 1.00 19.58 ? 22  TRP A CE2 1 
ATOM   162  C CE3 . TRP A 1 22  ? 2.076   2.701   -13.616 1.00 23.98 ? 22  TRP A CE3 1 
ATOM   163  C CZ2 . TRP A 1 22  ? 2.146   1.589   -11.043 1.00 24.35 ? 22  TRP A CZ2 1 
ATOM   164  C CZ3 . TRP A 1 22  ? 0.928   2.404   -12.938 1.00 29.10 ? 22  TRP A CZ3 1 
ATOM   165  C CH2 . TRP A 1 22  ? 0.961   1.846   -11.663 1.00 30.60 ? 22  TRP A CH2 1 
ATOM   166  N N   . ASN A 1 23  ? 8.113   3.409   -14.306 1.00 29.52 ? 23  ASN A N   1 
ATOM   167  C CA  . ASN A 1 23  ? 9.394   3.384   -13.542 1.00 25.97 ? 23  ASN A CA  1 
ATOM   168  C C   . ASN A 1 23  ? 9.310   4.606   -12.651 1.00 20.07 ? 23  ASN A C   1 
ATOM   169  O O   . ASN A 1 23  ? 9.438   5.672   -13.194 1.00 19.23 ? 23  ASN A O   1 
ATOM   170  C CB  . ASN A 1 23  ? 10.579  3.440   -14.527 1.00 36.21 ? 23  ASN A CB  1 
ATOM   171  C CG  . ASN A 1 23  ? 11.783  2.729   -14.007 1.00 44.49 ? 23  ASN A CG  1 
ATOM   172  O OD1 . ASN A 1 23  ? 12.456  1.997   -14.757 1.00 52.32 ? 23  ASN A OD1 1 
ATOM   173  N ND2 . ASN A 1 23  ? 11.929  2.786   -12.679 1.00 46.27 ? 23  ASN A ND2 1 
ATOM   174  N N   . LEU A 1 24  ? 9.051   4.396   -11.357 1.00 11.94 ? 24  LEU A N   1 
ATOM   175  C CA  . LEU A 1 24  ? 8.864   5.427   -10.388 1.00 10.62 ? 24  LEU A CA  1 
ATOM   176  C C   . LEU A 1 24  ? 9.539   5.302   -9.106  1.00 11.13 ? 24  LEU A C   1 
ATOM   177  O O   . LEU A 1 24  ? 8.915   5.083   -8.056  1.00 15.07 ? 24  LEU A O   1 
ATOM   178  C CB  . LEU A 1 24  ? 7.374   5.626   -10.056 1.00 20.21 ? 24  LEU A CB  1 
ATOM   179  C CG  . LEU A 1 24  ? 6.439   5.799   -11.290 1.00 31.34 ? 24  LEU A CG  1 
ATOM   180  C CD1 . LEU A 1 24  ? 4.968   5.889   -10.855 1.00 30.60 ? 24  LEU A CD1 1 
ATOM   181  C CD2 . LEU A 1 24  ? 6.784   7.019   -12.152 1.00 28.57 ? 24  LEU A CD2 1 
ATOM   182  N N   . PRO A 1 25  ? 10.851  5.501   -9.173  1.00 18.20 ? 25  PRO A N   1 
ATOM   183  C CA  . PRO A 1 25  ? 11.739  5.449   -8.012  1.00 16.35 ? 25  PRO A CA  1 
ATOM   184  C C   . PRO A 1 25  ? 11.282  6.396   -6.935  1.00 14.47 ? 25  PRO A C   1 
ATOM   185  O O   . PRO A 1 25  ? 11.365  6.124   -5.731  1.00 19.13 ? 25  PRO A O   1 
ATOM   186  C CB  . PRO A 1 25  ? 13.152  5.748   -8.546  1.00 19.78 ? 25  PRO A CB  1 
ATOM   187  C CG  . PRO A 1 25  ? 12.972  6.121   -10.007 1.00 23.32 ? 25  PRO A CG  1 
ATOM   188  C CD  . PRO A 1 25  ? 11.575  5.692   -10.429 1.00 14.86 ? 25  PRO A CD  1 
ATOM   189  N N   . ALA A 1 26  ? 10.715  7.537   -7.370  1.00 17.54 ? 26  ALA A N   1 
ATOM   190  C CA  . ALA A 1 26  ? 10.217  8.529   -6.438  1.00 20.18 ? 26  ALA A CA  1 
ATOM   191  C C   . ALA A 1 26  ? 9.105   7.980   -5.556  1.00 14.64 ? 26  ALA A C   1 
ATOM   192  O O   . ALA A 1 26  ? 8.994   8.294   -4.312  1.00 15.42 ? 26  ALA A O   1 
ATOM   193  C CB  . ALA A 1 26  ? 9.685   9.784   -7.163  1.00 15.11 ? 26  ALA A CB  1 
ATOM   194  N N   . ASP A 1 27  ? 8.239   7.133   -6.196  1.00 14.22 ? 27  ASP A N   1 
ATOM   195  C CA  . ASP A 1 27  ? 7.153   6.568   -5.382  1.00 10.49 ? 27  ASP A CA  1 
ATOM   196  C C   . ASP A 1 27  ? 7.725   5.547   -4.350  1.00 6.65  ? 27  ASP A C   1 
ATOM   197  O O   . ASP A 1 27  ? 7.247   5.467   -3.217  1.00 13.62 ? 27  ASP A O   1 
ATOM   198  C CB  . ASP A 1 27  ? 6.111   5.856   -6.274  1.00 19.43 ? 27  ASP A CB  1 
ATOM   199  C CG  . ASP A 1 27  ? 5.038   5.165   -5.492  1.00 12.24 ? 27  ASP A CG  1 
ATOM   200  O OD1 . ASP A 1 27  ? 4.284   5.717   -4.713  1.00 16.38 ? 27  ASP A OD1 1 
ATOM   201  O OD2 . ASP A 1 27  ? 5.194   3.865   -5.582  1.00 19.21 ? 27  ASP A OD2 1 
ATOM   202  N N   . LEU A 1 28  ? 8.709   4.814   -4.775  1.00 11.17 ? 28  LEU A N   1 
ATOM   203  C CA  . LEU A 1 28  ? 9.309   3.856   -3.869  1.00 19.48 ? 28  LEU A CA  1 
ATOM   204  C C   . LEU A 1 28  ? 10.005  4.558   -2.698  1.00 27.15 ? 28  LEU A C   1 
ATOM   205  O O   . LEU A 1 28  ? 9.966   4.068   -1.514  1.00 21.61 ? 28  LEU A O   1 
ATOM   206  C CB  . LEU A 1 28  ? 10.270  2.887   -4.564  1.00 21.56 ? 28  LEU A CB  1 
ATOM   207  C CG  . LEU A 1 28  ? 9.629   1.681   -5.306  1.00 25.93 ? 28  LEU A CG  1 
ATOM   208  C CD1 . LEU A 1 28  ? 10.813  0.856   -5.773  1.00 22.91 ? 28  LEU A CD1 1 
ATOM   209  C CD2 . LEU A 1 28  ? 8.813   0.772   -4.358  1.00 25.87 ? 28  LEU A CD2 1 
ATOM   210  N N   . ALA A 1 29  ? 10.669  5.730   -3.012  1.00 18.73 ? 29  ALA A N   1 
ATOM   211  C CA  . ALA A 1 29  ? 11.319  6.458   -1.907  1.00 22.28 ? 29  ALA A CA  1 
ATOM   212  C C   . ALA A 1 29  ? 10.230  6.935   -0.948  1.00 12.77 ? 29  ALA A C   1 
ATOM   213  O O   . ALA A 1 29  ? 10.362  6.944   0.304   1.00 18.25 ? 29  ALA A O   1 
ATOM   214  C CB  . ALA A 1 29  ? 12.116  7.656   -2.431  1.00 26.68 ? 29  ALA A CB  1 
ATOM   215  N N   . TRP A 1 30  ? 9.091   7.366   -1.532  1.00 10.91 ? 30  TRP A N   1 
ATOM   216  C CA  . TRP A 1 30  ? 8.033   7.829   -0.697  1.00 11.69 ? 30  TRP A CA  1 
ATOM   217  C C   . TRP A 1 30  ? 7.452   6.697   0.196   1.00 14.94 ? 30  TRP A C   1 
ATOM   218  O O   . TRP A 1 30  ? 7.120   6.856   1.406   1.00 15.78 ? 30  TRP A O   1 
ATOM   219  C CB  . TRP A 1 30  ? 6.987   8.399   -1.667  1.00 13.26 ? 30  TRP A CB  1 
ATOM   220  C CG  . TRP A 1 30  ? 5.590   8.563   -1.125  1.00 17.46 ? 30  TRP A CG  1 
ATOM   221  C CD1 . TRP A 1 30  ? 4.561   7.664   -1.330  1.00 12.44 ? 30  TRP A CD1 1 
ATOM   222  C CD2 . TRP A 1 30  ? 5.014   9.659   -0.359  1.00 16.88 ? 30  TRP A CD2 1 
ATOM   223  N NE1 . TRP A 1 30  ? 3.392   8.101   -0.726  1.00 13.36 ? 30  TRP A NE1 1 
ATOM   224  C CE2 . TRP A 1 30  ? 3.634   9.358   -0.144  1.00 17.27 ? 30  TRP A CE2 1 
ATOM   225  C CE3 . TRP A 1 30  ? 5.517   10.884  0.144   1.00 19.08 ? 30  TRP A CE3 1 
ATOM   226  C CZ2 . TRP A 1 30  ? 2.790   10.218  0.558   1.00 20.21 ? 30  TRP A CZ2 1 
ATOM   227  C CZ3 . TRP A 1 30  ? 4.670   11.716  0.835   1.00 13.42 ? 30  TRP A CZ3 1 
ATOM   228  C CH2 . TRP A 1 30  ? 3.310   11.417  1.076   1.00 19.74 ? 30  TRP A CH2 1 
ATOM   229  N N   . PHE A 1 31  ? 7.311   5.507   -0.443  1.00 20.12 ? 31  PHE A N   1 
ATOM   230  C CA  . PHE A 1 31  ? 6.775   4.344   0.265   1.00 16.51 ? 31  PHE A CA  1 
ATOM   231  C C   . PHE A 1 31  ? 7.715   3.992   1.456   1.00 9.61  ? 31  PHE A C   1 
ATOM   232  O O   . PHE A 1 31  ? 7.352   3.795   2.604   1.00 11.84 ? 31  PHE A O   1 
ATOM   233  C CB  . PHE A 1 31  ? 6.803   3.226   -0.806  1.00 14.90 ? 31  PHE A CB  1 
ATOM   234  C CG  . PHE A 1 31  ? 6.485   1.885   -0.166  1.00 16.34 ? 31  PHE A CG  1 
ATOM   235  C CD1 . PHE A 1 31  ? 5.167   1.551   0.114   1.00 17.18 ? 31  PHE A CD1 1 
ATOM   236  C CD2 . PHE A 1 31  ? 7.514   1.006   0.147   1.00 16.44 ? 31  PHE A CD2 1 
ATOM   237  C CE1 . PHE A 1 31  ? 4.877   0.334   0.711   1.00 23.23 ? 31  PHE A CE1 1 
ATOM   238  C CE2 . PHE A 1 31  ? 7.245   -0.215  0.745   1.00 24.85 ? 31  PHE A CE2 1 
ATOM   239  C CZ  . PHE A 1 31  ? 5.923   -0.527  1.025   1.00 18.65 ? 31  PHE A CZ  1 
ATOM   240  N N   . LYS A 1 32  ? 8.976   3.935   1.171   1.00 13.77 ? 32  LYS A N   1 
ATOM   241  C CA  . LYS A 1 32  ? 9.917   3.616   2.222   1.00 21.76 ? 32  LYS A CA  1 
ATOM   242  C C   . LYS A 1 32  ? 9.907   4.628   3.353   1.00 18.51 ? 32  LYS A C   1 
ATOM   243  O O   . LYS A 1 32  ? 9.857   4.302   4.562   1.00 19.26 ? 32  LYS A O   1 
ATOM   244  C CB  . LYS A 1 32  ? 11.295  3.492   1.585   1.00 23.30 ? 32  LYS A CB  1 
ATOM   245  C CG  . LYS A 1 32  ? 12.472  3.213   2.520   1.00 28.01 ? 32  LYS A CG  1 
ATOM   246  C CD  . LYS A 1 32  ? 13.793  3.519   1.824   1.00 32.75 ? 32  LYS A CD  1 
ATOM   247  C CE  . LYS A 1 32  ? 14.521  2.322   1.294   1.00 52.31 ? 32  LYS A CE  1 
ATOM   248  N NZ  . LYS A 1 32  ? 14.992  1.459   2.402   1.00 68.03 ? 32  LYS A NZ  1 
ATOM   249  N N   . ARG A 1 33  ? 9.935   5.907   2.980   1.00 21.88 ? 33  ARG A N   1 
ATOM   250  C CA  . ARG A 1 33  ? 9.937   6.925   4.007   1.00 15.79 ? 33  ARG A CA  1 
ATOM   251  C C   . ARG A 1 33  ? 8.766   6.829   4.926   1.00 20.73 ? 33  ARG A C   1 
ATOM   252  O O   . ARG A 1 33  ? 8.869   7.038   6.160   1.00 20.78 ? 33  ARG A O   1 
ATOM   253  C CB  . ARG A 1 33  ? 9.954   8.202   3.178   1.00 28.21 ? 33  ARG A CB  1 
ATOM   254  C CG  . ARG A 1 33  ? 9.880   9.541   3.911   1.00 55.84 ? 33  ARG A CG  1 
ATOM   255  C CD  . ARG A 1 33  ? 10.603  10.664  3.112   1.00 70.28 ? 33  ARG A CD  1 
ATOM   256  N NE  . ARG A 1 33  ? 9.816   11.240  1.992   1.00 73.44 ? 33  ARG A NE  1 
ATOM   257  C CZ  . ARG A 1 33  ? 10.041  11.207  0.630   1.00 63.26 ? 33  ARG A CZ  1 
ATOM   258  N NH1 . ARG A 1 33  ? 11.097  10.615  -0.010  1.00 48.43 ? 33  ARG A NH1 1 
ATOM   259  N NH2 . ARG A 1 33  ? 9.117   11.826  -0.121  1.00 59.23 ? 33  ARG A NH2 1 
ATOM   260  N N   . ASN A 1 34  ? 7.568   6.512   4.339   1.00 14.00 ? 34  ASN A N   1 
ATOM   261  C CA  . ASN A 1 34  ? 6.362   6.426   5.138   1.00 10.85 ? 34  ASN A CA  1 
ATOM   262  C C   . ASN A 1 34  ? 6.134   5.071   5.912   1.00 12.06 ? 34  ASN A C   1 
ATOM   263  O O   . ASN A 1 34  ? 5.292   4.997   6.809   1.00 13.50 ? 34  ASN A O   1 
ATOM   264  C CB  . ASN A 1 34  ? 5.084   6.875   4.350   1.00 15.39 ? 34  ASN A CB  1 
ATOM   265  C CG  . ASN A 1 34  ? 5.022   8.400   4.054   1.00 21.99 ? 34  ASN A CG  1 
ATOM   266  O OD1 . ASN A 1 34  ? 4.697   9.204   4.957   1.00 27.36 ? 34  ASN A OD1 1 
ATOM   267  N ND2 . ASN A 1 34  ? 5.188   8.764   2.783   1.00 20.51 ? 34  ASN A ND2 1 
ATOM   268  N N   . THR A 1 35  ? 6.878   4.060   5.563   1.00 12.42 ? 35  THR A N   1 
ATOM   269  C CA  . THR A 1 35  ? 6.674   2.793   6.269   1.00 16.07 ? 35  THR A CA  1 
ATOM   270  C C   . THR A 1 35  ? 7.747   2.379   7.203   1.00 18.17 ? 35  THR A C   1 
ATOM   271  O O   . THR A 1 35  ? 7.463   1.542   8.044   1.00 16.77 ? 35  THR A O   1 
ATOM   272  C CB  . THR A 1 35  ? 6.461   1.673   5.238   1.00 12.57 ? 35  THR A CB  1 
ATOM   273  O OG1 . THR A 1 35  ? 7.534   1.597   4.316   1.00 13.79 ? 35  THR A OG1 1 
ATOM   274  C CG2 . THR A 1 35  ? 5.147   2.035   4.501   1.00 14.08 ? 35  THR A CG2 1 
ATOM   275  N N   . LEU A 1 36  ? 8.975   2.937   7.043   1.00 16.92 ? 36  LEU A N   1 
ATOM   276  C CA  . LEU A 1 36  ? 10.101  2.589   7.911   1.00 17.36 ? 36  LEU A CA  1 
ATOM   277  C C   . LEU A 1 36  ? 9.738   2.623   9.355   1.00 19.14 ? 36  LEU A C   1 
ATOM   278  O O   . LEU A 1 36  ? 9.006   3.514   9.831   1.00 19.30 ? 36  LEU A O   1 
ATOM   279  C CB  . LEU A 1 36  ? 11.278  3.485   7.593   1.00 23.72 ? 36  LEU A CB  1 
ATOM   280  C CG  . LEU A 1 36  ? 12.638  2.881   7.670   1.00 39.33 ? 36  LEU A CG  1 
ATOM   281  C CD1 . LEU A 1 36  ? 12.642  1.470   7.087   1.00 35.97 ? 36  LEU A CD1 1 
ATOM   282  C CD2 . LEU A 1 36  ? 13.514  3.786   6.813   1.00 43.37 ? 36  LEU A CD2 1 
ATOM   283  N N   . ASP A 1 37  ? 10.248  1.614   10.069  1.00 14.47 ? 37  ASP A N   1 
ATOM   284  C CA  . ASP A 1 37  ? 9.969   1.505   11.500  1.00 13.07 ? 37  ASP A CA  1 
ATOM   285  C C   . ASP A 1 37  ? 8.583   1.263   11.914  1.00 12.33 ? 37  ASP A C   1 
ATOM   286  O O   . ASP A 1 37  ? 8.210   1.527   13.065  1.00 18.82 ? 37  ASP A O   1 
ATOM   287  C CB  . ASP A 1 37  ? 10.780  2.356   12.517  1.00 20.30 ? 37  ASP A CB  1 
ATOM   288  C CG  . ASP A 1 37  ? 12.253  2.369   12.139  1.00 26.78 ? 37  ASP A CG  1 
ATOM   289  O OD1 . ASP A 1 37  ? 13.057  1.391   12.086  1.00 32.72 ? 37  ASP A OD1 1 
ATOM   290  O OD2 . ASP A 1 37  ? 12.536  3.575   11.731  1.00 35.10 ? 37  ASP A OD2 1 
ATOM   291  N N   . LYS A 1 38  ? 7.754   0.744   10.983  1.00 15.52 ? 38  LYS A N   1 
ATOM   292  C CA  . LYS A 1 38  ? 6.395   0.501   11.408  1.00 14.35 ? 38  LYS A CA  1 
ATOM   293  C C   . LYS A 1 38  ? 5.996   -0.911  10.932  1.00 10.97 ? 38  LYS A C   1 
ATOM   294  O O   . LYS A 1 38  ? 6.678   -1.444  10.051  1.00 16.67 ? 38  LYS A O   1 
ATOM   295  C CB  . LYS A 1 38  ? 5.439   1.455   10.647  1.00 22.26 ? 38  LYS A CB  1 
ATOM   296  C CG  . LYS A 1 38  ? 5.725   2.936   10.840  1.00 21.94 ? 38  LYS A CG  1 
ATOM   297  C CD  . LYS A 1 38  ? 5.002   3.871   9.874   1.00 21.38 ? 38  LYS A CD  1 
ATOM   298  C CE  . LYS A 1 38  ? 5.181   5.361   10.215  1.00 22.06 ? 38  LYS A CE  1 
ATOM   299  N NZ  . LYS A 1 38  ? 4.418   6.267   9.298   1.00 23.42 ? 38  LYS A NZ  1 
ATOM   300  N N   . PRO A 1 39  ? 4.914   -1.452  11.488  1.00 14.14 ? 39  PRO A N   1 
ATOM   301  C CA  . PRO A 1 39  ? 4.501   -2.780  11.003  1.00 12.19 ? 39  PRO A CA  1 
ATOM   302  C C   . PRO A 1 39  ? 3.783   -2.586  9.670   1.00 20.60 ? 39  PRO A C   1 
ATOM   303  O O   . PRO A 1 39  ? 3.010   -1.590  9.489   1.00 18.84 ? 39  PRO A O   1 
ATOM   304  C CB  . PRO A 1 39  ? 3.421   -3.262  11.972  1.00 13.22 ? 39  PRO A CB  1 
ATOM   305  C CG  . PRO A 1 39  ? 3.418   -2.359  13.159  1.00 22.01 ? 39  PRO A CG  1 
ATOM   306  C CD  . PRO A 1 39  ? 4.052   -1.063  12.633  1.00 17.32 ? 39  PRO A CD  1 
ATOM   307  N N   . VAL A 1 40  ? 4.033   -3.519  8.730   1.00 11.46 ? 40  VAL A N   1 
ATOM   308  C CA  . VAL A 1 40  ? 3.353   -3.380  7.454   1.00 14.45 ? 40  VAL A CA  1 
ATOM   309  C C   . VAL A 1 40  ? 2.599   -4.689  7.225   1.00 25.86 ? 40  VAL A C   1 
ATOM   310  O O   . VAL A 1 40  ? 3.221   -5.725  7.329   1.00 20.99 ? 40  VAL A O   1 
ATOM   311  C CB  . VAL A 1 40  ? 4.327   -3.249  6.287   1.00 13.34 ? 40  VAL A CB  1 
ATOM   312  C CG1 . VAL A 1 40  ? 5.050   -1.912  6.359   1.00 16.17 ? 40  VAL A CG1 1 
ATOM   313  C CG2 . VAL A 1 40  ? 5.419   -4.321  6.190   1.00 17.13 ? 40  VAL A CG2 1 
ATOM   314  N N   . ILE A 1 41  ? 1.324   -4.625  6.952   1.00 16.22 ? 41  ILE A N   1 
ATOM   315  C CA  . ILE A 1 41  ? 0.438   -5.776  6.651   1.00 10.36 ? 41  ILE A CA  1 
ATOM   316  C C   . ILE A 1 41  ? 0.268   -5.867  5.150   1.00 15.18 ? 41  ILE A C   1 
ATOM   317  O O   . ILE A 1 41  ? -0.120  -4.875  4.446   1.00 16.85 ? 41  ILE A O   1 
ATOM   318  C CB  . ILE A 1 41  ? -0.916  -5.632  7.285   1.00 12.61 ? 41  ILE A CB  1 
ATOM   319  C CG1 . ILE A 1 41  ? -0.769  -5.664  8.827   1.00 9.41  ? 41  ILE A CG1 1 
ATOM   320  C CG2 . ILE A 1 41  ? -1.906  -6.713  6.798   1.00 16.78 ? 41  ILE A CG2 1 
ATOM   321  C CD1 . ILE A 1 41  ? -2.025  -5.220  9.535   1.00 11.15 ? 41  ILE A CD1 1 
ATOM   322  N N   . MET A 1 42  ? 0.529   -7.081  4.584   1.00 16.39 ? 42  MET A N   1 
ATOM   323  C CA  . MET A 1 42  ? 0.343   -7.298  3.125   1.00 13.39 ? 42  MET A CA  1 
ATOM   324  C C   . MET A 1 42  ? -0.334  -8.661  2.867   1.00 19.81 ? 42  MET A C   1 
ATOM   325  O O   . MET A 1 42  ? -0.301  -9.506  3.772   1.00 14.80 ? 42  MET A O   1 
ATOM   326  C CB  . MET A 1 42  ? 1.624   -7.298  2.367   1.00 8.16  ? 42  MET A CB  1 
ATOM   327  C CG  . MET A 1 42  ? 2.549   -8.440  2.757   1.00 9.96  ? 42  MET A CG  1 
ATOM   328  S SD  . MET A 1 42  ? 4.201   -8.116  2.198   1.00 20.71 ? 42  MET A SD  1 
ATOM   329  C CE  . MET A 1 42  ? 4.570   -7.299  3.770   1.00 13.39 ? 42  MET A CE  1 
ATOM   330  N N   . GLY A 1 43  ? -0.912  -8.839  1.677   1.00 18.81 ? 43  GLY A N   1 
ATOM   331  C CA  . GLY A 1 43  ? -1.563  -10.116 1.296   1.00 12.19 ? 43  GLY A CA  1 
ATOM   332  C C   . GLY A 1 43  ? -0.472  -10.979 0.733   1.00 17.74 ? 43  GLY A C   1 
ATOM   333  O O   . GLY A 1 43  ? 0.580   -10.518 0.368   1.00 14.68 ? 43  GLY A O   1 
ATOM   334  N N   . ARG A 1 44  ? -0.672  -12.291 0.633   0.70 9.88  ? 44  ARG A N   1 
ATOM   335  C CA  . ARG A 1 44  ? 0.374   -13.172 0.103   0.70 8.46  ? 44  ARG A CA  1 
ATOM   336  C C   . ARG A 1 44  ? 0.887   -12.831 -1.261  0.70 5.98  ? 44  ARG A C   1 
ATOM   337  O O   . ARG A 1 44  ? 2.046   -12.995 -1.607  0.70 8.49  ? 44  ARG A O   1 
ATOM   338  C CB  . ARG A 1 44  ? -0.159  -14.602 0.067   0.70 10.77 ? 44  ARG A CB  1 
ATOM   339  C CG  . ARG A 1 44  ? 0.945   -15.619 -0.036  0.70 12.93 ? 44  ARG A CG  1 
ATOM   340  C CD  . ARG A 1 44  ? 0.846   -16.557 -1.211  0.70 17.81 ? 44  ARG A CD  1 
ATOM   341  N NE  . ARG A 1 44  ? -0.488  -16.982 -1.531  0.70 12.77 ? 44  ARG A NE  1 
ATOM   342  C CZ  . ARG A 1 44  ? -0.804  -17.380 -2.788  0.70 12.48 ? 44  ARG A CZ  1 
ATOM   343  N NH1 . ARG A 1 44  ? 0.075   -17.376 -3.784  0.70 19.91 ? 44  ARG A NH1 1 
ATOM   344  N NH2 . ARG A 1 44  ? -2.055  -17.763 -3.037  0.70 14.78 ? 44  ARG A NH2 1 
ATOM   345  N N   . HIS A 1 45  ? -0.005  -12.362 -2.130  1.00 16.58 ? 45  HIS A N   1 
ATOM   346  C CA  . HIS A 1 45  ? 0.467   -12.014 -3.463  1.00 18.22 ? 45  HIS A CA  1 
ATOM   347  C C   . HIS A 1 45  ? 1.453   -10.839 -3.484  1.00 17.93 ? 45  HIS A C   1 
ATOM   348  O O   . HIS A 1 45  ? 2.419   -10.852 -4.230  1.00 16.51 ? 45  HIS A O   1 
ATOM   349  C CB  . HIS A 1 45  ? -0.704  -11.772 -4.466  1.00 25.37 ? 45  HIS A CB  1 
ATOM   350  C CG  . HIS A 1 45  ? -1.446  -13.071 -4.678  1.00 41.07 ? 45  HIS A CG  1 
ATOM   351  N ND1 . HIS A 1 45  ? -0.858  -14.160 -5.375  1.00 41.71 ? 45  HIS A ND1 1 
ATOM   352  C CD2 . HIS A 1 45  ? -2.685  -13.452 -4.262  1.00 43.85 ? 45  HIS A CD2 1 
ATOM   353  C CE1 . HIS A 1 45  ? -1.755  -15.138 -5.360  1.00 43.10 ? 45  HIS A CE1 1 
ATOM   354  N NE2 . HIS A 1 45  ? -2.862  -14.750 -4.702  1.00 38.15 ? 45  HIS A NE2 1 
ATOM   355  N N   . THR A 1 46  ? 1.181   -9.830  -2.654  1.00 15.71 ? 46  THR A N   1 
ATOM   356  C CA  . THR A 1 46  ? 2.099   -8.669  -2.601  1.00 17.74 ? 46  THR A CA  1 
ATOM   357  C C   . THR A 1 46  ? 3.462   -9.152  -2.079  1.00 12.78 ? 46  THR A C   1 
ATOM   358  O O   . THR A 1 46  ? 4.563   -8.818  -2.582  1.00 17.62 ? 46  THR A O   1 
ATOM   359  C CB  . THR A 1 46  ? 1.419   -7.577  -1.704  1.00 14.47 ? 46  THR A CB  1 
ATOM   360  O OG1 . THR A 1 46  ? 0.243   -7.150  -2.403  1.00 15.97 ? 46  THR A OG1 1 
ATOM   361  C CG2 . THR A 1 46  ? 2.338   -6.387  -1.481  1.00 16.09 ? 46  THR A CG2 1 
ATOM   362  N N   . TRP A 1 47  ? 3.367   -10.001 -1.057  1.00 16.80 ? 47  TRP A N   1 
ATOM   363  C CA  . TRP A 1 47  ? 4.575   -10.570 -0.505  1.00 15.13 ? 47  TRP A CA  1 
ATOM   364  C C   . TRP A 1 47  ? 5.370   -11.212 -1.569  1.00 14.69 ? 47  TRP A C   1 
ATOM   365  O O   . TRP A 1 47  ? 6.564   -11.002 -1.751  1.00 17.25 ? 47  TRP A O   1 
ATOM   366  C CB  . TRP A 1 47  ? 4.187   -11.616 0.562   1.00 22.21 ? 47  TRP A CB  1 
ATOM   367  C CG  . TRP A 1 47  ? 5.275   -12.573 0.904   1.00 22.74 ? 47  TRP A CG  1 
ATOM   368  C CD1 . TRP A 1 47  ? 5.322   -13.892 0.546   1.00 24.64 ? 47  TRP A CD1 1 
ATOM   369  C CD2 . TRP A 1 47  ? 6.494   -12.299 1.646   1.00 28.27 ? 47  TRP A CD2 1 
ATOM   370  N NE1 . TRP A 1 47  ? 6.480   -14.479 1.011   1.00 24.59 ? 47  TRP A NE1 1 
ATOM   371  C CE2 . TRP A 1 47  ? 7.233   -13.538 1.681   1.00 36.13 ? 47  TRP A CE2 1 
ATOM   372  C CE3 . TRP A 1 47  ? 7.054   -11.144 2.258   1.00 26.10 ? 47  TRP A CE3 1 
ATOM   373  C CZ2 . TRP A 1 47  ? 8.492   -13.644 2.335   1.00 30.77 ? 47  TRP A CZ2 1 
ATOM   374  C CZ3 . TRP A 1 47  ? 8.302   -11.270 2.940   1.00 28.90 ? 47  TRP A CZ3 1 
ATOM   375  C CH2 . TRP A 1 47  ? 9.011   -12.497 2.961   1.00 30.33 ? 47  TRP A CH2 1 
ATOM   376  N N   . GLU A 1 48  ? 4.662   -11.973 -2.392  1.00 18.62 ? 48  GLU A N   1 
ATOM   377  C CA  . GLU A 1 48  ? 5.383   -12.609 -3.437  1.00 22.26 ? 48  GLU A CA  1 
ATOM   378  C C   . GLU A 1 48  ? 5.986   -11.678 -4.391  1.00 26.08 ? 48  GLU A C   1 
ATOM   379  O O   . GLU A 1 48  ? 7.095   -11.886 -4.879  1.00 30.44 ? 48  GLU A O   1 
ATOM   380  C CB  . GLU A 1 48  ? 4.559   -13.698 -4.142  1.00 21.56 ? 48  GLU A CB  1 
ATOM   381  C CG  . GLU A 1 48  ? 4.116   -14.743 -3.110  1.00 34.35 ? 48  GLU A CG  1 
ATOM   382  C CD  . GLU A 1 48  ? 3.462   -15.975 -3.693  1.00 40.72 ? 48  GLU A CD  1 
ATOM   383  O OE1 . GLU A 1 48  ? 2.929   -15.775 -4.866  1.00 41.78 ? 48  GLU A OE1 1 
ATOM   384  O OE2 . GLU A 1 48  ? 3.354   -17.004 -3.062  1.00 38.59 ? 48  GLU A OE2 1 
ATOM   385  N N   . SER A 1 49  ? 5.259   -10.640 -4.688  1.00 23.10 ? 49  SER A N   1 
ATOM   386  C CA  . SER A 1 49  ? 5.902   -9.756  -5.630  1.00 26.03 ? 49  SER A CA  1 
ATOM   387  C C   . SER A 1 49  ? 7.009   -8.897  -4.952  1.00 22.16 ? 49  SER A C   1 
ATOM   388  O O   . SER A 1 49  ? 7.939   -8.507  -5.604  1.00 26.04 ? 49  SER A O   1 
ATOM   389  C CB  . SER A 1 49  ? 4.931   -9.010  -6.501  1.00 30.71 ? 49  SER A CB  1 
ATOM   390  O OG  . SER A 1 49  ? 4.059   -8.415  -5.625  1.00 43.13 ? 49  SER A OG  1 
ATOM   391  N N   . ILE A 1 50  ? 6.926   -8.607  -3.653  1.00 20.79 ? 50  ILE A N   1 
ATOM   392  C CA  . ILE A 1 50  ? 8.025   -7.818  -3.094  1.00 23.01 ? 50  ILE A CA  1 
ATOM   393  C C   . ILE A 1 50  ? 9.300   -8.651  -3.120  1.00 36.11 ? 50  ILE A C   1 
ATOM   394  O O   . ILE A 1 50  ? 10.410  -8.181  -3.368  1.00 32.50 ? 50  ILE A O   1 
ATOM   395  C CB  . ILE A 1 50  ? 7.763   -7.390  -1.700  1.00 26.05 ? 50  ILE A CB  1 
ATOM   396  C CG1 . ILE A 1 50  ? 6.654   -6.386  -1.707  1.00 20.30 ? 50  ILE A CG1 1 
ATOM   397  C CG2 . ILE A 1 50  ? 9.054   -6.792  -1.145  1.00 25.06 ? 50  ILE A CG2 1 
ATOM   398  C CD1 . ILE A 1 50  ? 6.422   -5.846  -0.334  1.00 20.79 ? 50  ILE A CD1 1 
ATOM   399  N N   . GLY A 1 51  ? 9.143   -9.945  -2.840  1.00 31.39 ? 51  GLY A N   1 
ATOM   400  C CA  . GLY A 1 51  ? 10.283  -10.849 -2.876  1.00 27.76 ? 51  GLY A CA  1 
ATOM   401  C C   . GLY A 1 51  ? 11.218  -11.026 -1.695  1.00 31.19 ? 51  GLY A C   1 
ATOM   402  O O   . GLY A 1 51  ? 12.045  -11.917 -1.773  1.00 38.10 ? 51  GLY A O   1 
ATOM   403  N N   . ARG A 1 52  ? 11.133  -10.240 -0.644  1.00 21.86 ? 52  ARG A N   1 
ATOM   404  C CA  . ARG A 1 52  ? 12.026  -10.406 0.498   1.00 25.43 ? 52  ARG A CA  1 
ATOM   405  C C   . ARG A 1 52  ? 11.382  -9.644  1.585   1.00 21.35 ? 52  ARG A C   1 
ATOM   406  O O   . ARG A 1 52  ? 10.445  -8.858  1.281   1.00 22.48 ? 52  ARG A O   1 
ATOM   407  C CB  . ARG A 1 52  ? 13.466  -9.891  0.283   1.00 30.81 ? 52  ARG A CB  1 
ATOM   408  C CG  . ARG A 1 52  ? 13.507  -8.639  -0.592  1.00 31.61 ? 52  ARG A CG  1 
ATOM   409  C CD  . ARG A 1 52  ? 14.445  -7.556  -0.088  1.00 44.62 ? 52  ARG A CD  1 
ATOM   410  N NE  . ARG A 1 52  ? 14.175  -6.294  -0.776  1.00 52.78 ? 52  ARG A NE  1 
ATOM   411  C CZ  . ARG A 1 52  ? 14.801  -5.115  -0.531  1.00 60.86 ? 52  ARG A CZ  1 
ATOM   412  N NH1 . ARG A 1 52  ? 15.790  -4.972  0.393   1.00 59.43 ? 52  ARG A NH1 1 
ATOM   413  N NH2 . ARG A 1 52  ? 14.433  -4.040  -1.260  1.00 56.37 ? 52  ARG A NH2 1 
ATOM   414  N N   . PRO A 1 53  ? 11.824  -9.842  2.803   1.00 18.64 ? 53  PRO A N   1 
ATOM   415  C CA  . PRO A 1 53  ? 11.185  -9.082  3.855   1.00 21.22 ? 53  PRO A CA  1 
ATOM   416  C C   . PRO A 1 53  ? 11.596  -7.568  3.717   1.00 22.45 ? 53  PRO A C   1 
ATOM   417  O O   . PRO A 1 53  ? 12.736  -7.270  3.312   1.00 21.35 ? 53  PRO A O   1 
ATOM   418  C CB  . PRO A 1 53  ? 11.712  -9.658  5.186   1.00 25.91 ? 53  PRO A CB  1 
ATOM   419  C CG  . PRO A 1 53  ? 12.427  -10.937 4.827   1.00 18.54 ? 53  PRO A CG  1 
ATOM   420  C CD  . PRO A 1 53  ? 12.732  -10.908 3.352   1.00 21.09 ? 53  PRO A CD  1 
ATOM   421  N N   . LEU A 1 54  ? 10.696  -6.653  4.045   1.00 18.34 ? 54  LEU A N   1 
ATOM   422  C CA  . LEU A 1 54  ? 11.185  -5.289  3.898   1.00 21.22 ? 54  LEU A CA  1 
ATOM   423  C C   . LEU A 1 54  ? 11.950  -4.977  5.178   1.00 13.77 ? 54  LEU A C   1 
ATOM   424  O O   . LEU A 1 54  ? 11.462  -5.129  6.273   1.00 19.51 ? 54  LEU A O   1 
ATOM   425  C CB  . LEU A 1 54  ? 10.017  -4.345  3.739   1.00 15.11 ? 54  LEU A CB  1 
ATOM   426  C CG  . LEU A 1 54  ? 9.253   -4.483  2.437   1.00 17.38 ? 54  LEU A CG  1 
ATOM   427  C CD1 . LEU A 1 54  ? 7.959   -3.699  2.638   1.00 21.56 ? 54  LEU A CD1 1 
ATOM   428  C CD2 . LEU A 1 54  ? 10.069  -4.020  1.226   1.00 19.25 ? 54  LEU A CD2 1 
ATOM   429  N N   . PRO A 1 55  ? 13.150  -4.527  5.026   1.00 20.97 ? 55  PRO A N   1 
ATOM   430  C CA  . PRO A 1 55  ? 14.019  -4.175  6.136   1.00 21.20 ? 55  PRO A CA  1 
ATOM   431  C C   . PRO A 1 55  ? 13.546  -3.024  6.972   1.00 24.30 ? 55  PRO A C   1 
ATOM   432  O O   . PRO A 1 55  ? 12.934  -2.096  6.472   1.00 23.49 ? 55  PRO A O   1 
ATOM   433  C CB  . PRO A 1 55  ? 15.293  -3.697  5.442   1.00 29.21 ? 55  PRO A CB  1 
ATOM   434  C CG  . PRO A 1 55  ? 15.139  -3.921  3.949   1.00 31.76 ? 55  PRO A CG  1 
ATOM   435  C CD  . PRO A 1 55  ? 13.682  -4.196  3.700   1.00 23.25 ? 55  PRO A CD  1 
ATOM   436  N N   . GLY A 1 56  ? 13.819  -3.062  8.268   1.00 17.46 ? 56  GLY A N   1 
ATOM   437  C CA  . GLY A 1 56  ? 13.420  -1.981  9.116   1.00 14.51 ? 56  GLY A CA  1 
ATOM   438  C C   . GLY A 1 56  ? 11.987  -1.901  9.433   1.00 22.59 ? 56  GLY A C   1 
ATOM   439  O O   . GLY A 1 56  ? 11.540  -0.902  9.998   1.00 19.05 ? 56  GLY A O   1 
ATOM   440  N N   . ARG A 1 57  ? 11.236  -2.975  9.136   1.00 19.93 ? 57  ARG A N   1 
ATOM   441  C CA  . ARG A 1 57  ? 9.787   -2.983  9.420   1.00 15.55 ? 57  ARG A CA  1 
ATOM   442  C C   . ARG A 1 57  ? 9.302   -4.378  9.819   1.00 16.14 ? 57  ARG A C   1 
ATOM   443  O O   . ARG A 1 57  ? 9.913   -5.334  9.411   1.00 17.29 ? 57  ARG A O   1 
ATOM   444  C CB  . ARG A 1 57  ? 9.127   -2.730  8.058   1.00 24.52 ? 57  ARG A CB  1 
ATOM   445  C CG  . ARG A 1 57  ? 8.908   -1.282  7.702   1.00 24.85 ? 57  ARG A CG  1 
ATOM   446  C CD  . ARG A 1 57  ? 9.020   -1.003  6.212   1.00 17.77 ? 57  ARG A CD  1 
ATOM   447  N NE  . ARG A 1 57  ? 10.403  -1.181  5.696   1.00 18.23 ? 57  ARG A NE  1 
ATOM   448  C CZ  . ARG A 1 57  ? 10.727  -0.825  4.444   1.00 15.58 ? 57  ARG A CZ  1 
ATOM   449  N NH1 . ARG A 1 57  ? 9.808   -0.270  3.622   1.00 20.37 ? 57  ARG A NH1 1 
ATOM   450  N NH2 . ARG A 1 57  ? 11.976  -1.003  3.944   1.00 16.20 ? 57  ARG A NH2 1 
ATOM   451  N N   . LYS A 1 58  ? 8.191   -4.452  10.587  1.00 19.23 ? 58  LYS A N   1 
ATOM   452  C CA  . LYS A 1 58  ? 7.707   -5.730  10.946  1.00 17.66 ? 58  LYS A CA  1 
ATOM   453  C C   . LYS A 1 58  ? 6.796   -6.159  9.838   1.00 16.82 ? 58  LYS A C   1 
ATOM   454  O O   . LYS A 1 58  ? 5.797   -5.538  9.638   1.00 17.94 ? 58  LYS A O   1 
ATOM   455  C CB  . LYS A 1 58  ? 7.017   -5.613  12.259  1.00 15.63 ? 58  LYS A CB  1 
ATOM   456  C CG  . LYS A 1 58  ? 6.540   -6.929  12.851  1.00 30.64 ? 58  LYS A CG  1 
ATOM   457  C CD  . LYS A 1 58  ? 5.969   -6.636  14.217  1.00 44.58 ? 58  LYS A CD  1 
ATOM   458  C CE  . LYS A 1 58  ? 5.425   -7.862  14.888  1.00 57.64 ? 58  LYS A CE  1 
ATOM   459  N NZ  . LYS A 1 58  ? 6.205   -9.019  14.475  1.00 59.01 ? 58  LYS A NZ  1 
ATOM   460  N N   . ASN A 1 59  ? 7.185   -7.204  9.117   1.00 19.64 ? 59  ASN A N   1 
ATOM   461  C CA  . ASN A 1 59  ? 6.395   -7.747  7.993   1.00 21.20 ? 59  ASN A CA  1 
ATOM   462  C C   . ASN A 1 59  ? 5.348   -8.842  8.446   1.00 24.60 ? 59  ASN A C   1 
ATOM   463  O O   . ASN A 1 59  ? 5.696   -9.848  9.045   1.00 24.55 ? 59  ASN A O   1 
ATOM   464  C CB  . ASN A 1 59  ? 7.339   -8.326  6.962   1.00 21.12 ? 59  ASN A CB  1 
ATOM   465  C CG  . ASN A 1 59  ? 8.282   -7.347  6.349   1.00 21.76 ? 59  ASN A CG  1 
ATOM   466  O OD1 . ASN A 1 59  ? 8.446   -7.324  5.153   1.00 23.88 ? 59  ASN A OD1 1 
ATOM   467  N ND2 . ASN A 1 59  ? 9.041   -6.658  7.181   1.00 22.65 ? 59  ASN A ND2 1 
ATOM   468  N N   . ILE A 1 60  ? 4.079   -8.636  8.147   1.00 12.81 ? 60  ILE A N   1 
ATOM   469  C CA  . ILE A 1 60  ? 2.956   -9.477  8.495   1.00 15.94 ? 60  ILE A CA  1 
ATOM   470  C C   . ILE A 1 60  ? 2.255   -9.768  7.231   1.00 25.87 ? 60  ILE A C   1 
ATOM   471  O O   . ILE A 1 60  ? 1.768   -8.857  6.542   1.00 13.28 ? 60  ILE A O   1 
ATOM   472  C CB  . ILE A 1 60  ? 2.096   -8.743  9.448   1.00 16.90 ? 60  ILE A CB  1 
ATOM   473  C CG1 . ILE A 1 60  ? 2.981   -8.445  10.629  1.00 20.51 ? 60  ILE A CG1 1 
ATOM   474  C CG2 . ILE A 1 60  ? 0.850   -9.496  9.894   1.00 16.96 ? 60  ILE A CG2 1 
ATOM   475  C CD1 . ILE A 1 60  ? 2.399   -7.473  11.544  1.00 16.75 ? 60  ILE A CD1 1 
ATOM   476  N N   . ILE A 1 61  ? 2.238   -11.062 6.922   1.00 15.57 ? 61  ILE A N   1 
ATOM   477  C CA  . ILE A 1 61  ? 1.634   -11.523 5.694   1.00 15.18 ? 61  ILE A CA  1 
ATOM   478  C C   . ILE A 1 61  ? 0.338   -12.260 5.949   1.00 25.84 ? 61  ILE A C   1 
ATOM   479  O O   . ILE A 1 61  ? 0.270   -13.132 6.789   1.00 21.93 ? 61  ILE A O   1 
ATOM   480  C CB  . ILE A 1 61  ? 2.637   -12.405 4.969   1.00 16.63 ? 61  ILE A CB  1 
ATOM   481  C CG1 . ILE A 1 61  ? 3.936   -11.639 4.601   1.00 21.84 ? 61  ILE A CG1 1 
ATOM   482  C CG2 . ILE A 1 61  ? 2.002   -12.751 3.609   1.00 15.26 ? 61  ILE A CG2 1 
ATOM   483  C CD1 . ILE A 1 61  ? 4.694   -11.005 5.712   1.00 29.98 ? 61  ILE A CD1 1 
ATOM   484  N N   . LEU A 1 62  ? -0.726  -11.909 5.267   1.00 13.20 ? 62  LEU A N   1 
ATOM   485  C CA  . LEU A 1 62  ? -1.998  -12.586 5.425   1.00 14.93 ? 62  LEU A CA  1 
ATOM   486  C C   . LEU A 1 62  ? -1.996  -13.760 4.397   1.00 20.27 ? 62  LEU A C   1 
ATOM   487  O O   . LEU A 1 62  ? -1.655  -13.577 3.196   1.00 15.84 ? 62  LEU A O   1 
ATOM   488  C CB  . LEU A 1 62  ? -3.206  -11.745 5.019   1.00 17.57 ? 62  LEU A CB  1 
ATOM   489  C CG  . LEU A 1 62  ? -3.768  -10.929 6.190   1.00 27.11 ? 62  LEU A CG  1 
ATOM   490  C CD1 . LEU A 1 62  ? -4.398  -9.691  5.564   1.00 37.01 ? 62  LEU A CD1 1 
ATOM   491  C CD2 . LEU A 1 62  ? -4.934  -11.668 6.875   1.00 28.31 ? 62  LEU A CD2 1 
ATOM   492  N N   . SER A 1 63  ? -2.382  -15.002 4.880   1.00 29.32 ? 63  SER A N   1 
ATOM   493  C CA  . SER A 1 63  ? -2.453  -16.212 3.994   1.00 26.77 ? 63  SER A CA  1 
ATOM   494  C C   . SER A 1 63  ? -3.420  -17.226 4.604   1.00 25.24 ? 63  SER A C   1 
ATOM   495  O O   . SER A 1 63  ? -3.481  -17.272 5.826   1.00 16.79 ? 63  SER A O   1 
ATOM   496  C CB  . SER A 1 63  ? -1.135  -16.820 3.592   1.00 24.16 ? 63  SER A CB  1 
ATOM   497  O OG  . SER A 1 63  ? -1.384  -17.957 2.752   1.00 19.79 ? 63  SER A OG  1 
ATOM   498  N N   . SER A 1 64  ? -4.201  -17.982 3.795   1.00 19.58 ? 64  SER A N   1 
ATOM   499  C CA  . SER A 1 64  ? -5.128  -18.931 4.423   1.00 18.69 ? 64  SER A CA  1 
ATOM   500  C C   . SER A 1 64  ? -4.288  -20.214 4.731   1.00 24.47 ? 64  SER A C   1 
ATOM   501  O O   . SER A 1 64  ? -4.706  -21.085 5.549   1.00 27.17 ? 64  SER A O   1 
ATOM   502  C CB  . SER A 1 64  ? -6.292  -19.254 3.486   1.00 11.96 ? 64  SER A CB  1 
ATOM   503  O OG  . SER A 1 64  ? -5.622  -19.861 2.408   1.00 15.26 ? 64  SER A OG  1 
ATOM   504  N N   . GLN A 1 65  ? -3.110  -20.277 4.080   1.00 18.49 ? 65  GLN A N   1 
ATOM   505  C CA  . GLN A 1 65  ? -2.166  -21.336 4.181   1.00 21.60 ? 65  GLN A CA  1 
ATOM   506  C C   . GLN A 1 65  ? -1.003  -21.091 5.128   1.00 31.09 ? 65  GLN A C   1 
ATOM   507  O O   . GLN A 1 65  ? -0.691  -19.991 5.476   1.00 25.88 ? 65  GLN A O   1 
ATOM   508  C CB  . GLN A 1 65  ? -1.670  -21.713 2.819   1.00 18.51 ? 65  GLN A CB  1 
ATOM   509  C CG  . GLN A 1 65  ? -2.901  -21.869 1.903   1.00 30.23 ? 65  GLN A CG  1 
ATOM   510  C CD  . GLN A 1 65  ? -3.815  -23.001 2.328   1.00 33.86 ? 65  GLN A CD  1 
ATOM   511  O OE1 . GLN A 1 65  ? -5.010  -22.803 2.692   1.00 33.37 ? 65  GLN A OE1 1 
ATOM   512  N NE2 . GLN A 1 65  ? -3.227  -24.196 2.307   1.00 35.70 ? 65  GLN A NE2 1 
ATOM   513  N N   . PRO A 1 66  ? -0.369  -22.154 5.540   1.00 33.68 ? 66  PRO A N   1 
ATOM   514  C CA  . PRO A 1 66  ? 0.748   -22.056 6.439   1.00 35.00 ? 66  PRO A CA  1 
ATOM   515  C C   . PRO A 1 66  ? 1.877   -21.266 5.830   1.00 24.84 ? 66  PRO A C   1 
ATOM   516  O O   . PRO A 1 66  ? 2.125   -21.345 4.636   1.00 22.91 ? 66  PRO A O   1 
ATOM   517  C CB  . PRO A 1 66  ? 1.206   -23.513 6.736   1.00 36.95 ? 66  PRO A CB  1 
ATOM   518  C CG  . PRO A 1 66  ? 0.103   -24.423 6.199   1.00 37.83 ? 66  PRO A CG  1 
ATOM   519  C CD  . PRO A 1 66  ? -1.003  -23.500 5.653   1.00 37.03 ? 66  PRO A CD  1 
ATOM   520  N N   . GLY A 1 67  ? 2.576   -20.505 6.684   1.00 23.88 ? 67  GLY A N   1 
ATOM   521  C CA  . GLY A 1 67  ? 3.692   -19.705 6.196   1.00 24.48 ? 67  GLY A CA  1 
ATOM   522  C C   . GLY A 1 67  ? 4.906   -20.494 5.768   1.00 32.71 ? 67  GLY A C   1 
ATOM   523  O O   . GLY A 1 67  ? 5.236   -21.540 6.324   1.00 49.27 ? 67  GLY A O   1 
ATOM   524  N N   . THR A 1 68  ? 5.573   -19.973 4.771   1.00 20.01 ? 68  THR A N   1 
ATOM   525  C CA  . THR A 1 68  ? 6.757   -20.551 4.173   1.00 19.17 ? 68  THR A CA  1 
ATOM   526  C C   . THR A 1 68  ? 8.039   -19.712 4.306   1.00 36.19 ? 68  THR A C   1 
ATOM   527  O O   . THR A 1 68  ? 8.954   -19.851 3.479   1.00 40.71 ? 68  THR A O   1 
ATOM   528  C CB  . THR A 1 68  ? 6.459   -20.702 2.675   1.00 31.77 ? 68  THR A CB  1 
ATOM   529  O OG1 . THR A 1 68  ? 6.127   -19.408 2.127   1.00 33.68 ? 68  THR A OG1 1 
ATOM   530  C CG2 . THR A 1 68  ? 5.233   -21.618 2.538   1.00 42.49 ? 68  THR A CG2 1 
ATOM   531  N N   . ASP A 1 69  ? 8.099   -18.824 5.317   1.00 32.59 ? 69  ASP A N   1 
ATOM   532  C CA  . ASP A 1 69  ? 9.263   -17.980 5.536   1.00 20.23 ? 69  ASP A CA  1 
ATOM   533  C C   . ASP A 1 69  ? 9.173   -17.575 6.951   1.00 17.89 ? 69  ASP A C   1 
ATOM   534  O O   . ASP A 1 69  ? 8.302   -16.832 7.374   1.00 15.31 ? 69  ASP A O   1 
ATOM   535  C CB  . ASP A 1 69  ? 9.358   -16.795 4.572   1.00 23.42 ? 69  ASP A CB  1 
ATOM   536  C CG  . ASP A 1 69  ? 10.751  -16.262 4.655   1.00 24.17 ? 69  ASP A CG  1 
ATOM   537  O OD1 . ASP A 1 69  ? 11.368  -16.250 5.684   1.00 25.71 ? 69  ASP A OD1 1 
ATOM   538  O OD2 . ASP A 1 69  ? 11.279  -15.963 3.494   1.00 32.65 ? 69  ASP A OD2 1 
ATOM   539  N N   . ASP A 1 70  ? 10.057  -18.167 7.743   1.00 15.97 ? 70  ASP A N   1 
ATOM   540  C CA  . ASP A 1 70  ? 9.996   -17.856 9.128   1.00 13.34 ? 70  ASP A CA  1 
ATOM   541  C C   . ASP A 1 70  ? 10.569  -16.421 9.460   1.00 25.06 ? 70  ASP A C   1 
ATOM   542  O O   . ASP A 1 70  ? 10.530  -15.962 10.597  1.00 21.68 ? 70  ASP A O   1 
ATOM   543  C CB  . ASP A 1 70  ? 10.734  -18.918 10.002  1.00 19.97 ? 70  ASP A CB  1 
ATOM   544  C CG  . ASP A 1 70  ? 9.952   -20.189 10.133  1.00 22.35 ? 70  ASP A CG  1 
ATOM   545  O OD1 . ASP A 1 70  ? 8.806   -20.285 9.742   1.00 18.03 ? 70  ASP A OD1 1 
ATOM   546  O OD2 . ASP A 1 70  ? 10.622  -21.095 10.784  1.00 24.29 ? 70  ASP A OD2 1 
ATOM   547  N N   . ARG A 1 71  ? 11.095  -15.725 8.489   1.00 24.83 ? 71  ARG A N   1 
ATOM   548  C CA  . ARG A 1 71  ? 11.606  -14.394 8.775   1.00 19.75 ? 71  ARG A CA  1 
ATOM   549  C C   . ARG A 1 71  ? 10.494  -13.415 9.051   1.00 25.06 ? 71  ARG A C   1 
ATOM   550  O O   . ARG A 1 71  ? 10.684  -12.431 9.756   1.00 30.95 ? 71  ARG A O   1 
ATOM   551  C CB  . ARG A 1 71  ? 12.395  -13.981 7.599   1.00 23.19 ? 71  ARG A CB  1 
ATOM   552  C CG  . ARG A 1 71  ? 13.641  -14.798 7.628   1.00 25.57 ? 71  ARG A CG  1 
ATOM   553  C CD  . ARG A 1 71  ? 14.565  -14.365 6.552   1.00 23.66 ? 71  ARG A CD  1 
ATOM   554  N NE  . ARG A 1 71  ? 13.884  -14.562 5.333   1.00 23.25 ? 71  ARG A NE  1 
ATOM   555  C CZ  . ARG A 1 71  ? 14.336  -14.019 4.226   1.00 36.42 ? 71  ARG A CZ  1 
ATOM   556  N NH1 . ARG A 1 71  ? 15.439  -13.262 4.240   1.00 39.43 ? 71  ARG A NH1 1 
ATOM   557  N NH2 . ARG A 1 71  ? 13.682  -14.238 3.077   1.00 36.16 ? 71  ARG A NH2 1 
ATOM   558  N N   . VAL A 1 72  ? 9.309   -13.686 8.521   1.00 19.22 ? 72  VAL A N   1 
ATOM   559  C CA  . VAL A 1 72  ? 8.159   -12.834 8.706   1.00 14.45 ? 72  VAL A CA  1 
ATOM   560  C C   . VAL A 1 72  ? 7.090   -13.504 9.500   1.00 20.56 ? 72  VAL A C   1 
ATOM   561  O O   . VAL A 1 72  ? 7.242   -14.683 9.818   1.00 19.51 ? 72  VAL A O   1 
ATOM   562  C CB  . VAL A 1 72  ? 7.707   -12.361 7.346   1.00 17.63 ? 72  VAL A CB  1 
ATOM   563  C CG1 . VAL A 1 72  ? 8.967   -11.877 6.657   1.00 17.85 ? 72  VAL A CG1 1 
ATOM   564  C CG2 . VAL A 1 72  ? 7.197   -13.505 6.501   1.00 19.58 ? 72  VAL A CG2 1 
ATOM   565  N N   . THR A 1 73  ? 6.058   -12.761 9.808   1.00 13.48 ? 73  THR A N   1 
ATOM   566  C CA  . THR A 1 73  ? 4.917   -13.198 10.572  1.00 11.08 ? 73  THR A CA  1 
ATOM   567  C C   . THR A 1 73  ? 3.723   -13.508 9.694   1.00 29.44 ? 73  THR A C   1 
ATOM   568  O O   . THR A 1 73  ? 3.301   -12.633 8.925   1.00 25.93 ? 73  THR A O   1 
ATOM   569  C CB  . THR A 1 73  ? 4.543   -12.109 11.546  1.00 16.94 ? 73  THR A CB  1 
ATOM   570  O OG1 . THR A 1 73  ? 5.617   -11.956 12.455  1.00 19.04 ? 73  THR A OG1 1 
ATOM   571  C CG2 . THR A 1 73  ? 3.291   -12.506 12.341  1.00 23.18 ? 73  THR A CG2 1 
ATOM   572  N N   . TRP A 1 74  ? 3.152   -14.727 9.773   1.00 22.77 ? 74  TRP A N   1 
ATOM   573  C CA  . TRP A 1 74  ? 1.978   -15.136 8.939   1.00 13.42 ? 74  TRP A CA  1 
ATOM   574  C C   . TRP A 1 74  ? 0.737   -15.177 9.766   1.00 18.71 ? 74  TRP A C   1 
ATOM   575  O O   . TRP A 1 74  ? 0.745   -15.670 10.888  1.00 20.41 ? 74  TRP A O   1 
ATOM   576  C CB  . TRP A 1 74  ? 2.309   -16.515 8.352   1.00 12.80 ? 74  TRP A CB  1 
ATOM   577  C CG  . TRP A 1 74  ? 3.473   -16.502 7.469   1.00 11.23 ? 74  TRP A CG  1 
ATOM   578  C CD1 . TRP A 1 74  ? 4.767   -16.522 7.885   1.00 11.62 ? 74  TRP A CD1 1 
ATOM   579  C CD2 . TRP A 1 74  ? 3.484   -16.488 6.045   1.00 14.32 ? 74  TRP A CD2 1 
ATOM   580  N NE1 . TRP A 1 74  ? 5.601   -16.520 6.790   1.00 15.92 ? 74  TRP A NE1 1 
ATOM   581  C CE2 . TRP A 1 74  ? 4.796   -16.456 5.645   1.00 13.78 ? 74  TRP A CE2 1 
ATOM   582  C CE3 . TRP A 1 74  ? 2.472   -16.441 5.068   1.00 14.59 ? 74  TRP A CE3 1 
ATOM   583  C CZ2 . TRP A 1 74  ? 5.136   -16.406 4.323   1.00 15.74 ? 74  TRP A CZ2 1 
ATOM   584  C CZ3 . TRP A 1 74  ? 2.848   -16.444 3.788   1.00 14.10 ? 74  TRP A CZ3 1 
ATOM   585  C CH2 . TRP A 1 74  ? 4.151   -16.418 3.409   1.00 16.69 ? 74  TRP A CH2 1 
ATOM   586  N N   . VAL A 1 75  ? -0.388  -14.638 9.281   1.00 13.90 ? 75  VAL A N   1 
ATOM   587  C CA  . VAL A 1 75  ? -1.596  -14.644 10.073  1.00 12.11 ? 75  VAL A CA  1 
ATOM   588  C C   . VAL A 1 75  ? -2.735  -15.122 9.170   1.00 13.77 ? 75  VAL A C   1 
ATOM   589  O O   . VAL A 1 75  ? -2.580  -15.048 7.964   1.00 17.26 ? 75  VAL A O   1 
ATOM   590  C CB  . VAL A 1 75  ? -1.907  -13.241 10.644  1.00 22.48 ? 75  VAL A CB  1 
ATOM   591  C CG1 . VAL A 1 75  ? -0.834  -12.907 11.742  1.00 23.76 ? 75  VAL A CG1 1 
ATOM   592  C CG2 . VAL A 1 75  ? -1.778  -12.274 9.466   1.00 20.26 ? 75  VAL A CG2 1 
ATOM   593  N N   . LYS A 1 76  ? -3.810  -15.595 9.776   1.00 17.83 ? 76  LYS A N   1 
ATOM   594  C CA  . LYS A 1 76  ? -4.905  -16.090 8.973   1.00 24.59 ? 76  LYS A CA  1 
ATOM   595  C C   . LYS A 1 76  ? -6.129  -15.262 8.996   1.00 26.93 ? 76  LYS A C   1 
ATOM   596  O O   . LYS A 1 76  ? -7.189  -15.659 8.568   1.00 23.63 ? 76  LYS A O   1 
ATOM   597  C CB  . LYS A 1 76  ? -5.261  -17.504 9.386   1.00 28.93 ? 76  LYS A CB  1 
ATOM   598  C CG  . LYS A 1 76  ? -4.046  -18.360 9.184   1.00 30.31 ? 76  LYS A CG  1 
ATOM   599  C CD  . LYS A 1 76  ? -4.427  -19.762 9.581   1.00 41.38 ? 76  LYS A CD  1 
ATOM   600  C CE  . LYS A 1 76  ? -3.423  -20.764 9.076   1.00 52.06 ? 76  LYS A CE  1 
ATOM   601  N NZ  . LYS A 1 76  ? -2.435  -21.060 10.123  1.00 64.94 ? 76  LYS A NZ  1 
ATOM   602  N N   . SER A 1 77  ? -6.032  -14.088 9.495   1.00 26.07 ? 77  SER A N   1 
ATOM   603  C CA  . SER A 1 77  ? -7.181  -13.257 9.499   1.00 24.34 ? 77  SER A CA  1 
ATOM   604  C C   . SER A 1 77  ? -6.816  -11.818 9.811   1.00 24.12 ? 77  SER A C   1 
ATOM   605  O O   . SER A 1 77  ? -5.757  -11.518 10.385  1.00 22.76 ? 77  SER A O   1 
ATOM   606  C CB  . SER A 1 77  ? -8.268  -13.699 10.456  1.00 20.62 ? 77  SER A CB  1 
ATOM   607  O OG  . SER A 1 77  ? -7.856  -13.423 11.775  1.00 24.63 ? 77  SER A OG  1 
ATOM   608  N N   . VAL A 1 78  ? -7.786  -10.977 9.441   1.00 30.39 ? 78  VAL A N   1 
ATOM   609  C CA  . VAL A 1 78  ? -7.687  -9.589  9.649   1.00 23.22 ? 78  VAL A CA  1 
ATOM   610  C C   . VAL A 1 78  ? -7.373  -9.324  11.082  1.00 26.01 ? 78  VAL A C   1 
ATOM   611  O O   . VAL A 1 78  ? -6.348  -8.742  11.422  1.00 29.35 ? 78  VAL A O   1 
ATOM   612  C CB  . VAL A 1 78  ? -8.936  -8.879  9.143   1.00 22.63 ? 78  VAL A CB  1 
ATOM   613  C CG1 . VAL A 1 78  ? -8.982  -7.433  9.663   1.00 25.92 ? 78  VAL A CG1 1 
ATOM   614  C CG2 . VAL A 1 78  ? -8.867  -8.902  7.600   1.00 18.36 ? 78  VAL A CG2 1 
ATOM   615  N N   . ASP A 1 79  ? -8.247  -9.766  11.939  1.00 24.07 ? 79  ASP A N   1 
ATOM   616  C CA  . ASP A 1 79  ? -8.035  -9.564  13.355  1.00 24.74 ? 79  ASP A CA  1 
ATOM   617  C C   . ASP A 1 79  ? -6.686  -10.043 13.894  1.00 23.48 ? 79  ASP A C   1 
ATOM   618  O O   . ASP A 1 79  ? -6.098  -9.450  14.820  1.00 25.22 ? 79  ASP A O   1 
ATOM   619  C CB  . ASP A 1 79  ? -9.192  -10.077 14.237  1.00 36.90 ? 79  ASP A CB  1 
ATOM   620  C CG  . ASP A 1 79  ? -10.580 -9.578  13.903  1.00 50.34 ? 79  ASP A CG  1 
ATOM   621  O OD1 . ASP A 1 79  ? -10.692 -8.279  13.795  1.00 51.94 ? 79  ASP A OD1 1 
ATOM   622  O OD2 . ASP A 1 79  ? -11.518 -10.332 13.781  1.00 68.86 ? 79  ASP A OD2 1 
ATOM   623  N N   . GLU A 1 80  ? -6.163  -11.115 13.361  1.00 22.80 ? 80  GLU A N   1 
ATOM   624  C CA  . GLU A 1 80  ? -4.894  -11.549 13.868  1.00 27.17 ? 80  GLU A CA  1 
ATOM   625  C C   . GLU A 1 80  ? -3.786  -10.660 13.367  1.00 25.59 ? 80  GLU A C   1 
ATOM   626  O O   . GLU A 1 80  ? -2.745  -10.504 13.976  1.00 20.12 ? 80  GLU A O   1 
ATOM   627  C CB  . GLU A 1 80  ? -4.523  -12.894 13.272  1.00 31.90 ? 80  GLU A CB  1 
ATOM   628  C CG  . GLU A 1 80  ? -4.911  -14.081 14.137  1.00 53.06 ? 80  GLU A CG  1 
ATOM   629  C CD  . GLU A 1 80  ? -4.925  -15.331 13.294  1.00 60.96 ? 80  GLU A CD  1 
ATOM   630  O OE1 . GLU A 1 80  ? -3.725  -15.624 12.745  1.00 42.65 ? 80  GLU A OE1 1 
ATOM   631  O OE2 . GLU A 1 80  ? -5.976  -15.963 13.115  1.00 69.24 ? 80  GLU A OE2 1 
ATOM   632  N N   . ALA A 1 81  ? -4.015  -10.126 12.185  1.00 26.32 ? 81  ALA A N   1 
ATOM   633  C CA  . ALA A 1 81  ? -3.008  -9.272  11.585  1.00 21.13 ? 81  ALA A CA  1 
ATOM   634  C C   . ALA A 1 81  ? -2.870  -8.070  12.496  1.00 19.36 ? 81  ALA A C   1 
ATOM   635  O O   . ALA A 1 81  ? -1.785  -7.625  12.810  1.00 20.14 ? 81  ALA A O   1 
ATOM   636  C CB  . ALA A 1 81  ? -3.544  -8.794  10.227  1.00 16.47 ? 81  ALA A CB  1 
ATOM   637  N N   . ILE A 1 82  ? -4.007  -7.586  12.917  1.00 17.79 ? 82  ILE A N   1 
ATOM   638  C CA  . ILE A 1 82  ? -4.036  -6.444  13.769  1.00 23.90 ? 82  ILE A CA  1 
ATOM   639  C C   . ILE A 1 82  ? -3.388  -6.742  15.119  1.00 31.86 ? 82  ILE A C   1 
ATOM   640  O O   . ILE A 1 82  ? -2.499  -6.010  15.633  1.00 20.31 ? 82  ILE A O   1 
ATOM   641  C CB  . ILE A 1 82  ? -5.434  -5.858  13.875  1.00 28.95 ? 82  ILE A CB  1 
ATOM   642  C CG1 . ILE A 1 82  ? -5.960  -5.204  12.575  1.00 27.80 ? 82  ILE A CG1 1 
ATOM   643  C CG2 . ILE A 1 82  ? -5.565  -4.914  15.053  1.00 28.93 ? 82  ILE A CG2 1 
ATOM   644  C CD1 . ILE A 1 82  ? -7.460  -4.864  12.669  1.00 29.08 ? 82  ILE A CD1 1 
ATOM   645  N N   . ALA A 1 83  ? -3.812  -7.829  15.730  1.00 24.08 ? 83  ALA A N   1 
ATOM   646  C CA  . ALA A 1 83  ? -3.207  -8.159  17.031  1.00 22.48 ? 83  ALA A CA  1 
ATOM   647  C C   . ALA A 1 83  ? -1.697  -8.365  16.948  1.00 22.27 ? 83  ALA A C   1 
ATOM   648  O O   . ALA A 1 83  ? -0.930  -8.092  17.903  1.00 25.02 ? 83  ALA A O   1 
ATOM   649  C CB  . ALA A 1 83  ? -3.828  -9.397  17.589  1.00 25.58 ? 83  ALA A CB  1 
ATOM   650  N N   . ALA A 1 84  ? -1.257  -8.859  15.806  1.00 19.13 ? 84  ALA A N   1 
ATOM   651  C CA  . ALA A 1 84  ? 0.165   -9.108  15.629  1.00 19.44 ? 84  ALA A CA  1 
ATOM   652  C C   . ALA A 1 84  ? 0.978   -7.815  15.603  1.00 32.53 ? 84  ALA A C   1 
ATOM   653  O O   . ALA A 1 84  ? 2.182   -7.837  15.779  1.00 30.66 ? 84  ALA A O   1 
ATOM   654  C CB  . ALA A 1 84  ? 0.340   -9.830  14.336  1.00 23.97 ? 84  ALA A CB  1 
ATOM   655  N N   . CYS A 1 85  ? 0.297   -6.698  15.367  1.00 30.66 ? 85  CYS A N   1 
ATOM   656  C CA  . CYS A 1 85  ? 0.942   -5.381  15.321  1.00 33.04 ? 85  CYS A CA  1 
ATOM   657  C C   . CYS A 1 85  ? 1.269   -4.882  16.689  1.00 33.68 ? 85  CYS A C   1 
ATOM   658  O O   . CYS A 1 85  ? 2.147   -4.053  16.854  1.00 29.63 ? 85  CYS A O   1 
ATOM   659  C CB  . CYS A 1 85  ? 0.127   -4.319  14.542  1.00 17.69 ? 85  CYS A CB  1 
ATOM   660  S SG  . CYS A 1 85  ? 0.247   -4.745  12.797  1.00 23.98 ? 85  CYS A SG  1 
ATOM   661  N N   . GLY A 1 86  ? 0.574   -5.374  17.677  1.00 23.13 ? 86  GLY A N   1 
ATOM   662  C CA  . GLY A 1 86  ? 0.928   -4.879  18.959  1.00 22.63 ? 86  GLY A CA  1 
ATOM   663  C C   . GLY A 1 86  ? 0.393   -3.452  19.179  1.00 30.46 ? 86  GLY A C   1 
ATOM   664  O O   . GLY A 1 86  ? -0.412  -2.940  18.437  1.00 34.86 ? 86  GLY A O   1 
ATOM   665  N N   . ASP A 1 87  ? 0.869   -2.801  20.237  1.00 29.24 ? 87  ASP A N   1 
ATOM   666  C CA  . ASP A 1 87  ? 0.463   -1.454  20.591  1.00 39.33 ? 87  ASP A CA  1 
ATOM   667  C C   . ASP A 1 87  ? 1.454   -0.439  19.933  1.00 29.56 ? 87  ASP A C   1 
ATOM   668  O O   . ASP A 1 87  ? 2.536   -0.123  20.460  1.00 26.68 ? 87  ASP A O   1 
ATOM   669  C CB  . ASP A 1 87  ? 0.493   -1.494  22.134  1.00 54.06 ? 87  ASP A CB  1 
ATOM   670  C CG  . ASP A 1 87  ? -0.357  -0.442  22.776  1.00 76.32 ? 87  ASP A CG  1 
ATOM   671  O OD1 . ASP A 1 87  ? -1.208  0.108   21.920  1.00 81.17 ? 87  ASP A OD1 1 
ATOM   672  O OD2 . ASP A 1 87  ? -0.282  -0.166  23.982  1.00 91.04 ? 87  ASP A OD2 1 
ATOM   673  N N   . VAL A 1 88  ? 1.090   0.018   18.736  1.00 24.82 ? 88  VAL A N   1 
ATOM   674  C CA  . VAL A 1 88  ? 1.917   0.923   17.954  1.00 19.09 ? 88  VAL A CA  1 
ATOM   675  C C   . VAL A 1 88  ? 1.143   2.129   17.447  1.00 23.34 ? 88  VAL A C   1 
ATOM   676  O O   . VAL A 1 88  ? -0.085  2.106   17.315  1.00 21.16 ? 88  VAL A O   1 
ATOM   677  C CB  . VAL A 1 88  ? 2.584   0.261   16.807  1.00 14.25 ? 88  VAL A CB  1 
ATOM   678  C CG1 . VAL A 1 88  ? 3.539   -0.821  17.310  1.00 15.59 ? 88  VAL A CG1 1 
ATOM   679  C CG2 . VAL A 1 88  ? 1.459   -0.202  15.871  1.00 20.52 ? 88  VAL A CG2 1 
ATOM   680  N N   . PRO A 1 89  ? 1.877   3.217   17.176  1.00 25.13 ? 89  PRO A N   1 
ATOM   681  C CA  . PRO A 1 89  ? 1.174   4.399   16.743  1.00 21.54 ? 89  PRO A CA  1 
ATOM   682  C C   . PRO A 1 89  ? 0.502   4.274   15.395  1.00 16.20 ? 89  PRO A C   1 
ATOM   683  O O   . PRO A 1 89  ? -0.577  4.815   15.177  1.00 22.12 ? 89  PRO A O   1 
ATOM   684  C CB  . PRO A 1 89  ? 2.222   5.531   16.793  1.00 23.46 ? 89  PRO A CB  1 
ATOM   685  C CG  . PRO A 1 89  ? 3.359   5.029   17.649  1.00 27.02 ? 89  PRO A CG  1 
ATOM   686  C CD  . PRO A 1 89  ? 3.325   3.525   17.473  1.00 18.84 ? 89  PRO A CD  1 
ATOM   687  N N   . GLU A 1 90  ? 1.107   3.587   14.491  1.00 15.72 ? 90  GLU A N   1 
ATOM   688  C CA  . GLU A 1 90  ? 0.467   3.503   13.198  1.00 19.74 ? 90  GLU A CA  1 
ATOM   689  C C   . GLU A 1 90  ? 0.822   2.191   12.476  1.00 19.75 ? 90  GLU A C   1 
ATOM   690  O O   . GLU A 1 90  ? 1.946   1.756   12.429  1.00 14.99 ? 90  GLU A O   1 
ATOM   691  C CB  . GLU A 1 90  ? 1.020   4.668   12.369  1.00 19.44 ? 90  GLU A CB  1 
ATOM   692  C CG  . GLU A 1 90  ? 0.209   4.931   11.060  1.00 29.36 ? 90  GLU A CG  1 
ATOM   693  C CD  . GLU A 1 90  ? 0.761   6.036   10.154  1.00 23.18 ? 90  GLU A CD  1 
ATOM   694  O OE1 . GLU A 1 90  ? 1.979   6.502   10.450  1.00 19.17 ? 90  GLU A OE1 1 
ATOM   695  O OE2 . GLU A 1 90  ? 0.126   6.436   9.199   1.00 18.05 ? 90  GLU A OE2 1 
ATOM   696  N N   . ILE A 1 91  ? -0.191  1.578   11.895  1.00 18.96 ? 91  ILE A N   1 
ATOM   697  C CA  . ILE A 1 91  ? -0.016  0.320   11.159  1.00 17.35 ? 91  ILE A CA  1 
ATOM   698  C C   . ILE A 1 91  ? -0.215  0.636   9.673   1.00 9.98  ? 91  ILE A C   1 
ATOM   699  O O   . ILE A 1 91  ? -1.219  1.288   9.339   1.00 17.37 ? 91  ILE A O   1 
ATOM   700  C CB  . ILE A 1 91  ? -1.148  -0.632  11.640  1.00 16.95 ? 91  ILE A CB  1 
ATOM   701  C CG1 . ILE A 1 91  ? -0.866  -0.998  13.112  1.00 18.62 ? 91  ILE A CG1 1 
ATOM   702  C CG2 . ILE A 1 91  ? -1.357  -1.847  10.662  1.00 17.27 ? 91  ILE A CG2 1 
ATOM   703  C CD1 . ILE A 1 91  ? -2.074  -1.680  13.751  1.00 20.09 ? 91  ILE A CD1 1 
ATOM   704  N N   . MET A 1 92  ? 0.717   0.184   8.842   1.00 12.04 ? 92  MET A N   1 
ATOM   705  C CA  . MET A 1 92  ? 0.638   0.423   7.412   1.00 11.68 ? 92  MET A CA  1 
ATOM   706  C C   . MET A 1 92  ? 0.200   -0.799  6.614   1.00 16.37 ? 92  MET A C   1 
ATOM   707  O O   . MET A 1 92  ? 0.857   -1.828  6.692   1.00 20.75 ? 92  MET A O   1 
ATOM   708  C CB  . MET A 1 92  ? 2.039   0.806   6.844   1.00 14.22 ? 92  MET A CB  1 
ATOM   709  C CG  . MET A 1 92  ? 2.666   1.976   7.672   1.00 15.95 ? 92  MET A CG  1 
ATOM   710  S SD  . MET A 1 92  ? 1.764   3.581   7.460   1.00 21.17 ? 92  MET A SD  1 
ATOM   711  C CE  . MET A 1 92  ? 2.042   3.871   5.704   1.00 12.80 ? 92  MET A CE  1 
ATOM   712  N N   . VAL A 1 93  ? -0.886  -0.656  5.852   1.00 13.45 ? 93  VAL A N   1 
ATOM   713  C CA  . VAL A 1 93  ? -1.361  -1.770  5.017   1.00 7.80  ? 93  VAL A CA  1 
ATOM   714  C C   . VAL A 1 93  ? -0.909  -1.424  3.638   1.00 12.92 ? 93  VAL A C   1 
ATOM   715  O O   . VAL A 1 93  ? -1.325  -0.417  3.000   1.00 17.06 ? 93  VAL A O   1 
ATOM   716  C CB  . VAL A 1 93  ? -2.876  -1.792  5.124   1.00 9.74  ? 93  VAL A CB  1 
ATOM   717  C CG1 . VAL A 1 93  ? -3.452  -2.826  4.132   1.00 13.59 ? 93  VAL A CG1 1 
ATOM   718  C CG2 . VAL A 1 93  ? -3.327  -1.960  6.572   1.00 12.58 ? 93  VAL A CG2 1 
ATOM   719  N N   . ILE A 1 94  ? -0.056  -2.237  3.135   1.00 10.82 ? 94  ILE A N   1 
ATOM   720  C CA  . ILE A 1 94  ? 0.555   -2.096  1.849   1.00 4.89  ? 94  ILE A CA  1 
ATOM   721  C C   . ILE A 1 94  ? -0.011  -2.777  0.605   1.00 9.13  ? 94  ILE A C   1 
ATOM   722  O O   . ILE A 1 94  ? 0.615   -2.612  -0.471  1.00 12.41 ? 94  ILE A O   1 
ATOM   723  C CB  . ILE A 1 94  ? 2.049   -2.189  1.913   1.00 10.95 ? 94  ILE A CB  1 
ATOM   724  C CG1 . ILE A 1 94  ? 2.380   -3.660  2.136   1.00 13.19 ? 94  ILE A CG1 1 
ATOM   725  C CG2 . ILE A 1 94  ? 2.500   -1.434  3.174   1.00 11.74 ? 94  ILE A CG2 1 
ATOM   726  C CD1 . ILE A 1 94  ? 3.857   -3.949  1.986   1.00 14.54 ? 94  ILE A CD1 1 
ATOM   727  N N   . GLY A 1 95  ? -1.168  -3.473  0.757   1.00 11.64 ? 95  GLY A N   1 
ATOM   728  C CA  . GLY A 1 95  ? -1.697  -4.087  -0.433  1.00 15.49 ? 95  GLY A CA  1 
ATOM   729  C C   . GLY A 1 95  ? -1.893  -5.596  -0.207  1.00 22.05 ? 95  GLY A C   1 
ATOM   730  O O   . GLY A 1 95  ? -1.531  -6.124  0.823   1.00 14.27 ? 95  GLY A O   1 
ATOM   731  N N   . GLY A 1 96  ? -2.468  -6.293  -1.172  1.00 14.65 ? 96  GLY A N   1 
ATOM   732  C CA  . GLY A 1 96  ? -2.949  -5.738  -2.416  1.00 10.65 ? 96  GLY A CA  1 
ATOM   733  C C   . GLY A 1 96  ? -4.433  -5.471  -2.347  1.00 6.53  ? 96  GLY A C   1 
ATOM   734  O O   . GLY A 1 96  ? -5.029  -5.157  -1.310  1.00 12.41 ? 96  GLY A O   1 
ATOM   735  N N   . GLY A 1 97  ? -5.089  -5.610  -3.546  1.00 11.73 ? 97  GLY A N   1 
ATOM   736  C CA  . GLY A 1 97  ? -6.519  -5.342  -3.672  1.00 9.53  ? 97  GLY A CA  1 
ATOM   737  C C   . GLY A 1 97  ? -7.441  -5.957  -2.636  1.00 11.94 ? 97  GLY A C   1 
ATOM   738  O O   . GLY A 1 97  ? -8.271  -5.287  -1.979  1.00 12.81 ? 97  GLY A O   1 
ATOM   739  N N   . ARG A 1 98  ? -7.326  -7.313  -2.463  1.00 15.93 ? 98  ARG A N   1 
ATOM   740  C CA  . ARG A 1 98  ? -8.218  -7.942  -1.452  1.00 12.61 ? 98  ARG A CA  1 
ATOM   741  C C   . ARG A 1 98  ? -7.977  -7.406  -0.063  1.00 10.27 ? 98  ARG A C   1 
ATOM   742  O O   . ARG A 1 98  ? -8.882  -7.233  0.768   1.00 12.54 ? 98  ARG A O   1 
ATOM   743  C CB  . ARG A 1 98  ? -8.061  -9.464  -1.334  1.00 21.46 ? 98  ARG A CB  1 
ATOM   744  C CG  . ARG A 1 98  ? -8.555  -10.366 -2.457  1.00 45.61 ? 98  ARG A CG  1 
ATOM   745  C CD  . ARG A 1 98  ? -8.498  -11.834 -1.954  1.00 64.66 ? 98  ARG A CD  1 
ATOM   746  N NE  . ARG A 1 98  ? -9.166  -12.096 -0.622  1.00 71.91 ? 98  ARG A NE  1 
ATOM   747  C CZ  . ARG A 1 98  ? -9.040  -13.195 0.237   1.00 62.93 ? 98  ARG A CZ  1 
ATOM   748  N NH1 . ARG A 1 98  ? -8.248  -14.273 0.019   1.00 53.14 ? 98  ARG A NH1 1 
ATOM   749  N NH2 . ARG A 1 98  ? -9.749  -13.212 1.386   1.00 57.52 ? 98  ARG A NH2 1 
ATOM   750  N N   . VAL A 1 99  ? -6.668  -7.155  0.202   1.00 13.66 ? 99  VAL A N   1 
ATOM   751  C CA  . VAL A 1 99  ? -6.296  -6.623  1.530   1.00 15.14 ? 99  VAL A CA  1 
ATOM   752  C C   . VAL A 1 99  ? -6.893  -5.201  1.734   1.00 12.68 ? 99  VAL A C   1 
ATOM   753  O O   . VAL A 1 99  ? -7.581  -4.929  2.735   1.00 15.58 ? 99  VAL A O   1 
ATOM   754  C CB  . VAL A 1 99  ? -4.760  -6.697  1.758   1.00 14.01 ? 99  VAL A CB  1 
ATOM   755  C CG1 . VAL A 1 99  ? -4.404  -6.157  3.162   1.00 15.33 ? 99  VAL A CG1 1 
ATOM   756  C CG2 . VAL A 1 99  ? -4.360  -8.170  1.720   1.00 15.65 ? 99  VAL A CG2 1 
ATOM   757  N N   . TYR A 1 100 ? -6.641  -4.318  0.763   1.00 13.53 ? 100 TYR A N   1 
ATOM   758  C CA  . TYR A 1 100 ? -7.196  -2.936  0.880   1.00 13.05 ? 100 TYR A CA  1 
ATOM   759  C C   . TYR A 1 100 ? -8.718  -2.970  1.157   1.00 18.73 ? 100 TYR A C   1 
ATOM   760  O O   . TYR A 1 100 ? -9.304  -2.256  1.975   1.00 16.97 ? 100 TYR A O   1 
ATOM   761  C CB  . TYR A 1 100 ? -6.951  -2.175  -0.462  1.00 9.36  ? 100 TYR A CB  1 
ATOM   762  C CG  . TYR A 1 100 ? -5.499  -1.794  -0.715  1.00 9.91  ? 100 TYR A CG  1 
ATOM   763  C CD1 . TYR A 1 100 ? -4.672  -1.343  0.339   1.00 13.05 ? 100 TYR A CD1 1 
ATOM   764  C CD2 . TYR A 1 100 ? -4.947  -1.873  -1.996  1.00 10.05 ? 100 TYR A CD2 1 
ATOM   765  C CE1 . TYR A 1 100 ? -3.344  -0.961  0.084   1.00 9.48  ? 100 TYR A CE1 1 
ATOM   766  C CE2 . TYR A 1 100 ? -3.617  -1.499  -2.259  1.00 11.86 ? 100 TYR A CE2 1 
ATOM   767  C CZ  . TYR A 1 100 ? -2.827  -1.012  -1.208  1.00 9.76  ? 100 TYR A CZ  1 
ATOM   768  O OH  . TYR A 1 100 ? -1.513  -0.670  -1.448  1.00 11.92 ? 100 TYR A OH  1 
ATOM   769  N N   . GLU A 1 101 ? -9.396  -3.855  0.448   1.00 16.59 ? 101 GLU A N   1 
ATOM   770  C CA  . GLU A 1 101 ? -10.812 -3.928  0.625   1.00 12.90 ? 101 GLU A CA  1 
ATOM   771  C C   . GLU A 1 101 ? -11.259 -4.228  2.027   1.00 14.38 ? 101 GLU A C   1 
ATOM   772  O O   . GLU A 1 101 ? -12.233 -3.663  2.559   1.00 16.60 ? 101 GLU A O   1 
ATOM   773  C CB  . GLU A 1 101 ? -11.368 -4.851  -0.497  1.00 17.04 ? 101 GLU A CB  1 
ATOM   774  C CG  . GLU A 1 101 ? -12.848 -5.209  -0.189  1.00 52.71 ? 101 GLU A CG  1 
ATOM   775  C CD  . GLU A 1 101 ? -13.626 -5.890  -1.323  1.00 71.77 ? 101 GLU A CD  1 
ATOM   776  O OE1 . GLU A 1 101 ? -12.864 -6.387  -2.283  1.00 68.24 ? 101 GLU A OE1 1 
ATOM   777  O OE2 . GLU A 1 101 ? -14.863 -5.945  -1.328  1.00 81.92 ? 101 GLU A OE2 1 
ATOM   778  N N   . GLN A 1 102 ? -10.498 -5.104  2.700   1.00 15.67 ? 102 GLN A N   1 
ATOM   779  C CA  . GLN A 1 102 ? -10.914 -5.414  4.053   1.00 17.99 ? 102 GLN A CA  1 
ATOM   780  C C   . GLN A 1 102 ? -10.492 -4.405  5.071   1.00 16.05 ? 102 GLN A C   1 
ATOM   781  O O   . GLN A 1 102 ? -11.137 -4.269  6.113   1.00 16.99 ? 102 GLN A O   1 
ATOM   782  C CB  . GLN A 1 102 ? -10.433 -6.831  4.477   1.00 22.06 ? 102 GLN A CB  1 
ATOM   783  C CG  . GLN A 1 102 ? -10.939 -7.992  3.550   1.00 19.69 ? 102 GLN A CG  1 
ATOM   784  C CD  . GLN A 1 102 ? -10.080 -9.238  3.757   1.00 22.05 ? 102 GLN A CD  1 
ATOM   785  O OE1 . GLN A 1 102 ? -10.214 -9.898  4.800   1.00 29.18 ? 102 GLN A OE1 1 
ATOM   786  N NE2 . GLN A 1 102 ? -9.067  -9.457  2.882   1.00 18.30 ? 102 GLN A NE2 1 
ATOM   787  N N   . PHE A 1 103 ? -9.409  -3.730  4.781   1.00 16.82 ? 103 PHE A N   1 
ATOM   788  C CA  . PHE A 1 103 ? -8.945  -2.736  5.764   1.00 14.57 ? 103 PHE A CA  1 
ATOM   789  C C   . PHE A 1 103 ? -9.523  -1.316  5.637   1.00 19.69 ? 103 PHE A C   1 
ATOM   790  O O   . PHE A 1 103 ? -9.652  -0.633  6.673   1.00 24.82 ? 103 PHE A O   1 
ATOM   791  C CB  . PHE A 1 103 ? -7.419  -2.707  5.755   1.00 13.50 ? 103 PHE A CB  1 
ATOM   792  C CG  . PHE A 1 103 ? -6.840  -3.844  6.520   1.00 14.59 ? 103 PHE A CG  1 
ATOM   793  C CD1 . PHE A 1 103 ? -6.646  -3.737  7.891   1.00 20.12 ? 103 PHE A CD1 1 
ATOM   794  C CD2 . PHE A 1 103 ? -6.479  -5.025  5.875   1.00 20.54 ? 103 PHE A CD2 1 
ATOM   795  C CE1 . PHE A 1 103 ? -6.086  -4.803  8.598   1.00 27.78 ? 103 PHE A CE1 1 
ATOM   796  C CE2 . PHE A 1 103 ? -5.920  -6.102  6.563   1.00 23.81 ? 103 PHE A CE2 1 
ATOM   797  C CZ  . PHE A 1 103 ? -5.726  -5.981  7.937   1.00 24.97 ? 103 PHE A CZ  1 
ATOM   798  N N   . LEU A 1 104 ? -9.852  -0.874  4.393   1.00 18.10 ? 104 LEU A N   1 
ATOM   799  C CA  . LEU A 1 104 ? -10.395 0.458   4.208   1.00 15.23 ? 104 LEU A CA  1 
ATOM   800  C C   . LEU A 1 104 ? -11.386 0.915   5.267   1.00 24.87 ? 104 LEU A C   1 
ATOM   801  O O   . LEU A 1 104 ? -11.231 1.945   5.900   1.00 20.95 ? 104 LEU A O   1 
ATOM   802  C CB  . LEU A 1 104 ? -11.009 0.582   2.802   1.00 20.18 ? 104 LEU A CB  1 
ATOM   803  C CG  . LEU A 1 104 ? -11.492 2.012   2.450   1.00 26.47 ? 104 LEU A CG  1 
ATOM   804  C CD1 . LEU A 1 104 ? -10.292 2.957   2.434   1.00 22.55 ? 104 LEU A CD1 1 
ATOM   805  C CD2 . LEU A 1 104 ? -12.041 2.014   1.034   1.00 31.04 ? 104 LEU A CD2 1 
ATOM   806  N N   . PRO A 1 105 ? -12.412 0.134   5.501   1.00 24.91 ? 105 PRO A N   1 
ATOM   807  C CA  . PRO A 1 105 ? -13.397 0.497   6.495   1.00 21.69 ? 105 PRO A CA  1 
ATOM   808  C C   . PRO A 1 105 ? -12.811 0.734   7.848   1.00 19.57 ? 105 PRO A C   1 
ATOM   809  O O   . PRO A 1 105 ? -13.458 1.346   8.678   1.00 24.99 ? 105 PRO A O   1 
ATOM   810  C CB  . PRO A 1 105 ? -14.362 -0.646  6.576   1.00 27.27 ? 105 PRO A CB  1 
ATOM   811  C CG  . PRO A 1 105 ? -13.934 -1.625  5.491   1.00 26.54 ? 105 PRO A CG  1 
ATOM   812  C CD  . PRO A 1 105 ? -12.664 -1.180  4.829   1.00 21.74 ? 105 PRO A CD  1 
ATOM   813  N N   . LYS A 1 106 ? -11.595 0.279   8.109   1.00 19.15 ? 106 LYS A N   1 
ATOM   814  C CA  . LYS A 1 106 ? -11.047 0.553   9.441   1.00 27.31 ? 106 LYS A CA  1 
ATOM   815  C C   . LYS A 1 106 ? -9.911  1.613   9.439   1.00 21.22 ? 106 LYS A C   1 
ATOM   816  O O   . LYS A 1 106 ? -9.310  1.924   10.480  1.00 25.42 ? 106 LYS A O   1 
ATOM   817  C CB  . LYS A 1 106 ? -10.289 -0.679  9.907   1.00 24.31 ? 106 LYS A CB  1 
ATOM   818  C CG  . LYS A 1 106 ? -11.124 -1.908  9.991   1.00 32.07 ? 106 LYS A CG  1 
ATOM   819  C CD  . LYS A 1 106 ? -10.231 -3.015  10.486  1.00 41.97 ? 106 LYS A CD  1 
ATOM   820  C CE  . LYS A 1 106 ? -10.202 -3.152  12.009  1.00 49.85 ? 106 LYS A CE  1 
ATOM   821  N NZ  . LYS A 1 106 ? -11.509 -3.594  12.535  1.00 47.18 ? 106 LYS A NZ  1 
ATOM   822  N N   . ALA A 1 107 ? -9.564  2.101   8.257   1.00 19.62 ? 107 ALA A N   1 
ATOM   823  C CA  . ALA A 1 107 ? -8.457  3.046   8.134   1.00 12.46 ? 107 ALA A CA  1 
ATOM   824  C C   . ALA A 1 107 ? -8.779  4.497   8.480   1.00 16.20 ? 107 ALA A C   1 
ATOM   825  O O   . ALA A 1 107 ? -9.883  4.963   8.212   1.00 24.74 ? 107 ALA A O   1 
ATOM   826  C CB  . ALA A 1 107 ? -8.026  2.925   6.698   1.00 13.81 ? 107 ALA A CB  1 
ATOM   827  N N   . GLN A 1 108 ? -7.818  5.202   9.075   0.50 1.78  ? 108 GLN A N   1 
ATOM   828  C CA  . GLN A 1 108 ? -8.085  6.572   9.409   0.50 4.39  ? 108 GLN A CA  1 
ATOM   829  C C   . GLN A 1 108 ? -7.371  7.530   8.482   0.50 5.21  ? 108 GLN A C   1 
ATOM   830  O O   . GLN A 1 108 ? -7.693  8.685   8.422   0.50 5.91  ? 108 GLN A O   1 
ATOM   831  C CB  . GLN A 1 108 ? -7.608  6.878   10.809  0.50 12.01 ? 108 GLN A CB  1 
ATOM   832  C CG  . GLN A 1 108 ? -8.223  5.951   11.859  0.50 31.61 ? 108 GLN A CG  1 
ATOM   833  C CD  . GLN A 1 108 ? -9.631  6.349   12.200  0.50 46.89 ? 108 GLN A CD  1 
ATOM   834  O OE1 . GLN A 1 108 ? -10.229 7.182   11.521  0.50 55.18 ? 108 GLN A OE1 1 
ATOM   835  N NE2 . GLN A 1 108 ? -10.151 5.805   13.289  0.50 60.00 ? 108 GLN A NE2 1 
ATOM   836  N N   . LYS A 1 109 ? -6.396  7.021   7.789   1.00 13.01 ? 109 LYS A N   1 
ATOM   837  C CA  . LYS A 1 109 ? -5.578  7.753   6.883   1.00 12.70 ? 109 LYS A CA  1 
ATOM   838  C C   . LYS A 1 109 ? -5.215  6.966   5.662   1.00 21.95 ? 109 LYS A C   1 
ATOM   839  O O   . LYS A 1 109 ? -5.005  5.703   5.725   1.00 20.89 ? 109 LYS A O   1 
ATOM   840  C CB  . LYS A 1 109 ? -4.335  7.937   7.715   1.00 14.96 ? 109 LYS A CB  1 
ATOM   841  C CG  . LYS A 1 109 ? -3.291  8.884   7.220   1.00 27.54 ? 109 LYS A CG  1 
ATOM   842  C CD  . LYS A 1 109 ? -2.472  9.423   8.397   1.00 24.47 ? 109 LYS A CD  1 
ATOM   843  C CE  . LYS A 1 109 ? -1.383  10.390  7.937   1.00 37.39 ? 109 LYS A CE  1 
ATOM   844  N NZ  . LYS A 1 109 ? -0.229  10.596  8.852   1.00 37.59 ? 109 LYS A NZ  1 
ATOM   845  N N   . LEU A 1 110 ? -5.123  7.693   4.530   1.00 13.18 ? 110 LEU A N   1 
ATOM   846  C CA  . LEU A 1 110 ? -4.741  7.158   3.234   1.00 10.76 ? 110 LEU A CA  1 
ATOM   847  C C   . LEU A 1 110 ? -3.537  7.879   2.681   1.00 19.88 ? 110 LEU A C   1 
ATOM   848  O O   . LEU A 1 110 ? -3.522  9.082   2.628   1.00 18.00 ? 110 LEU A O   1 
ATOM   849  C CB  . LEU A 1 110 ? -5.822  7.309   2.161   1.00 10.41 ? 110 LEU A CB  1 
ATOM   850  C CG  . LEU A 1 110 ? -7.155  6.707   2.524   1.00 20.91 ? 110 LEU A CG  1 
ATOM   851  C CD1 . LEU A 1 110 ? -8.033  6.970   1.323   1.00 12.54 ? 110 LEU A CD1 1 
ATOM   852  C CD2 . LEU A 1 110 ? -6.992  5.170   2.653   1.00 18.00 ? 110 LEU A CD2 1 
ATOM   853  N N   . TYR A 1 111 ? -2.525  7.147   2.255   1.00 13.95 ? 111 TYR A N   1 
ATOM   854  C CA  . TYR A 1 111 ? -1.344  7.699   1.654   1.00 9.88  ? 111 TYR A CA  1 
ATOM   855  C C   . TYR A 1 111 ? -1.384  7.246   0.222   1.00 15.02 ? 111 TYR A C   1 
ATOM   856  O O   . TYR A 1 111 ? -1.047  6.105   -0.111  1.00 13.85 ? 111 TYR A O   1 
ATOM   857  C CB  . TYR A 1 111 ? 0.030   7.345   2.263   1.00 9.24  ? 111 TYR A CB  1 
ATOM   858  C CG  . TYR A 1 111 ? 0.270   7.628   3.731   1.00 15.95 ? 111 TYR A CG  1 
ATOM   859  C CD1 . TYR A 1 111 ? -0.445  6.968   4.737   1.00 17.58 ? 111 TYR A CD1 1 
ATOM   860  C CD2 . TYR A 1 111 ? 1.293   8.500   4.117   1.00 15.47 ? 111 TYR A CD2 1 
ATOM   861  C CE1 . TYR A 1 111 ? -0.192  7.211   6.093   1.00 18.54 ? 111 TYR A CE1 1 
ATOM   862  C CE2 . TYR A 1 111 ? 1.568   8.739   5.466   1.00 11.91 ? 111 TYR A CE2 1 
ATOM   863  C CZ  . TYR A 1 111 ? 0.830   8.100   6.464   1.00 18.44 ? 111 TYR A CZ  1 
ATOM   864  O OH  . TYR A 1 111 ? 1.095   8.333   7.797   1.00 13.72 ? 111 TYR A OH  1 
ATOM   865  N N   . LEU A 1 112 ? -1.773  8.135   -0.697  1.00 8.84  ? 112 LEU A N   1 
ATOM   866  C CA  . LEU A 1 112 ? -1.888  7.761   -2.096  1.00 12.58 ? 112 LEU A CA  1 
ATOM   867  C C   . LEU A 1 112 ? -0.956  8.418   -3.082  1.00 21.36 ? 112 LEU A C   1 
ATOM   868  O O   . LEU A 1 112 ? -0.632  9.603   -2.983  1.00 18.00 ? 112 LEU A O   1 
ATOM   869  C CB  . LEU A 1 112 ? -3.378  7.985   -2.631  1.00 9.50  ? 112 LEU A CB  1 
ATOM   870  C CG  . LEU A 1 112 ? -4.460  7.716   -1.634  1.00 12.39 ? 112 LEU A CG  1 
ATOM   871  C CD1 . LEU A 1 112 ? -5.789  8.046   -2.238  1.00 12.80 ? 112 LEU A CD1 1 
ATOM   872  C CD2 . LEU A 1 112 ? -4.426  6.211   -1.436  1.00 21.39 ? 112 LEU A CD2 1 
ATOM   873  N N   . THR A 1 113 ? -0.547  7.666   -4.052  1.00 10.38 ? 113 THR A N   1 
ATOM   874  C CA  . THR A 1 113 ? 0.268   8.182   -5.117  1.00 8.51  ? 113 THR A CA  1 
ATOM   875  C C   . THR A 1 113 ? -0.615  8.137   -6.356  1.00 18.35 ? 113 THR A C   1 
ATOM   876  O O   . THR A 1 113 ? -0.905  7.053   -6.823  1.00 18.38 ? 113 THR A O   1 
ATOM   877  C CB  . THR A 1 113 ? 1.541   7.463   -5.410  1.00 10.10 ? 113 THR A CB  1 
ATOM   878  O OG1 . THR A 1 113 ? 2.272   7.387   -4.214  1.00 13.65 ? 113 THR A OG1 1 
ATOM   879  C CG2 . THR A 1 113 ? 2.373   8.113   -6.498  1.00 10.23 ? 113 THR A CG2 1 
ATOM   880  N N   . HIS A 1 114 ? -1.075  9.232   -6.923  1.00 14.07 ? 114 HIS A N   1 
ATOM   881  C CA  . HIS A 1 114 ? -1.900  9.159   -8.154  1.00 16.52 ? 114 HIS A CA  1 
ATOM   882  C C   . HIS A 1 114 ? -0.986  9.244   -9.328  1.00 20.02 ? 114 HIS A C   1 
ATOM   883  O O   . HIS A 1 114 ? -0.240  10.186  -9.450  1.00 20.75 ? 114 HIS A O   1 
ATOM   884  C CB  . HIS A 1 114 ? -2.817  10.337  -8.205  1.00 10.90 ? 114 HIS A CB  1 
ATOM   885  C CG  . HIS A 1 114 ? -3.737  10.315  -7.068  1.00 13.08 ? 114 HIS A CG  1 
ATOM   886  N ND1 . HIS A 1 114 ? -4.916  9.577   -7.120  1.00 18.09 ? 114 HIS A ND1 1 
ATOM   887  C CD2 . HIS A 1 114 ? -3.673  10.944  -5.855  1.00 21.38 ? 114 HIS A CD2 1 
ATOM   888  C CE1 . HIS A 1 114 ? -5.538  9.784   -5.938  1.00 15.35 ? 114 HIS A CE1 1 
ATOM   889  N NE2 . HIS A 1 114 ? -4.810  10.596  -5.150  1.00 22.77 ? 114 HIS A NE2 1 
ATOM   890  N N   . ILE A 1 115 ? -0.989  8.269   -10.223 1.00 12.11 ? 115 ILE A N   1 
ATOM   891  C CA  . ILE A 1 115 ? -0.084  8.242   -11.374 1.00 13.58 ? 115 ILE A CA  1 
ATOM   892  C C   . ILE A 1 115 ? -0.792  8.574   -12.616 1.00 22.24 ? 115 ILE A C   1 
ATOM   893  O O   . ILE A 1 115 ? -1.868  7.992   -12.807 1.00 16.32 ? 115 ILE A O   1 
ATOM   894  C CB  . ILE A 1 115 ? 0.574   6.844   -11.461 1.00 14.31 ? 115 ILE A CB  1 
ATOM   895  C CG1 . ILE A 1 115 ? 1.256   6.530   -10.097 1.00 17.24 ? 115 ILE A CG1 1 
ATOM   896  C CG2 . ILE A 1 115 ? 1.616   6.792   -12.589 1.00 13.82 ? 115 ILE A CG2 1 
ATOM   897  C CD1 . ILE A 1 115 ? 1.627   5.084   -9.822  1.00 19.16 ? 115 ILE A CD1 1 
ATOM   898  N N   . ASP A 1 116 ? -0.206  9.471   -13.447 1.00 14.06 ? 116 ASP A N   1 
ATOM   899  C CA  . ASP A 1 116 ? -0.900  9.822   -14.669 1.00 17.25 ? 116 ASP A CA  1 
ATOM   900  C C   . ASP A 1 116 ? -0.576  8.818   -15.718 1.00 18.62 ? 116 ASP A C   1 
ATOM   901  O O   . ASP A 1 116 ? 0.229   9.044   -16.632 1.00 15.95 ? 116 ASP A O   1 
ATOM   902  C CB  . ASP A 1 116 ? -0.532  11.238  -15.167 1.00 21.23 ? 116 ASP A CB  1 
ATOM   903  C CG  . ASP A 1 116 ? -0.947  12.325  -14.190 1.00 21.12 ? 116 ASP A CG  1 
ATOM   904  O OD1 . ASP A 1 116 ? -2.220  12.262  -13.841 1.00 20.11 ? 116 ASP A OD1 1 
ATOM   905  O OD2 . ASP A 1 116 ? -0.155  13.090  -13.662 1.00 27.65 ? 116 ASP A OD2 1 
ATOM   906  N N   . ALA A 1 117 ? -1.194  7.640   -15.570 1.00 25.76 ? 117 ALA A N   1 
ATOM   907  C CA  . ALA A 1 117 ? -0.972  6.511   -16.501 1.00 27.09 ? 117 ALA A CA  1 
ATOM   908  C C   . ALA A 1 117 ? -2.296  5.713   -16.717 1.00 35.81 ? 117 ALA A C   1 
ATOM   909  O O   . ALA A 1 117 ? -3.119  5.525   -15.792 1.00 32.39 ? 117 ALA A O   1 
ATOM   910  C CB  . ALA A 1 117 ? 0.173   5.605   -16.041 1.00 15.77 ? 117 ALA A CB  1 
ATOM   911  N N   . GLU A 1 118 ? -2.505  5.285   -17.982 1.00 26.57 ? 118 GLU A N   1 
ATOM   912  C CA  . GLU A 1 118 ? -3.695  4.504   -18.354 1.00 27.88 ? 118 GLU A CA  1 
ATOM   913  C C   . GLU A 1 118 ? -3.116  3.106   -18.537 1.00 32.52 ? 118 GLU A C   1 
ATOM   914  O O   . GLU A 1 118 ? -2.340  2.866   -19.470 1.00 34.01 ? 118 GLU A O   1 
ATOM   915  C CB  . GLU A 1 118 ? -4.389  4.893   -19.689 1.00 29.12 ? 118 GLU A CB  1 
ATOM   916  C CG  . GLU A 1 118 ? -5.576  4.157   -19.926 0.00 20.00 ? 118 GLU A CG  1 
ATOM   917  C CD  . GLU A 1 118 ? -6.172  4.536   -21.269 0.00 20.00 ? 118 GLU A CD  1 
ATOM   918  O OE1 . GLU A 1 118 ? -5.640  5.462   -21.916 0.00 20.00 ? 118 GLU A OE1 1 
ATOM   919  O OE2 . GLU A 1 118 ? -7.174  3.906   -21.672 0.00 20.00 ? 118 GLU A OE2 1 
ATOM   920  N N   . VAL A 1 119 ? -3.448  2.188   -17.631 1.00 28.70 ? 119 VAL A N   1 
ATOM   921  C CA  . VAL A 1 119 ? -2.911  0.815   -17.767 1.00 34.26 ? 119 VAL A CA  1 
ATOM   922  C C   . VAL A 1 119 ? -4.056  -0.167  -17.663 1.00 24.50 ? 119 VAL A C   1 
ATOM   923  O O   . VAL A 1 119 ? -5.089  0.100   -17.060 1.00 26.46 ? 119 VAL A O   1 
ATOM   924  C CB  . VAL A 1 119 ? -1.738  0.437   -16.839 1.00 36.31 ? 119 VAL A CB  1 
ATOM   925  C CG1 . VAL A 1 119 ? -0.590  1.422   -16.948 1.00 45.48 ? 119 VAL A CG1 1 
ATOM   926  C CG2 . VAL A 1 119 ? -2.168  0.480   -15.416 1.00 41.63 ? 119 VAL A CG2 1 
ATOM   927  N N   . GLU A 1 120 ? -3.899  -1.300  -18.294 1.00 33.63 ? 120 GLU A N   1 
ATOM   928  C CA  . GLU A 1 120 ? -4.975  -2.280  -18.210 1.00 31.92 ? 120 GLU A CA  1 
ATOM   929  C C   . GLU A 1 120 ? -4.698  -3.078  -16.918 1.00 28.56 ? 120 GLU A C   1 
ATOM   930  O O   . GLU A 1 120 ? -3.582  -3.519  -16.656 1.00 42.33 ? 120 GLU A O   1 
ATOM   931  C CB  . GLU A 1 120 ? -4.906  -3.193  -19.461 1.00 42.98 ? 120 GLU A CB  1 
ATOM   932  C CG  . GLU A 1 120 ? -5.533  -2.601  -20.748 1.00 57.14 ? 120 GLU A CG  1 
ATOM   933  C CD  . GLU A 1 120 ? -7.053  -2.548  -20.708 1.00 78.53 ? 120 GLU A CD  1 
ATOM   934  O OE1 . GLU A 1 120 ? -7.709  -2.349  -19.683 1.00 85.37 ? 120 GLU A OE1 1 
ATOM   935  O OE2 . GLU A 1 120 ? -7.604  -2.816  -21.878 1.00 85.65 ? 120 GLU A OE2 1 
ATOM   936  N N   . GLY A 1 121 ? -5.636  -3.282  -16.047 1.00 23.13 ? 121 GLY A N   1 
ATOM   937  C CA  . GLY A 1 121 ? -5.167  -4.061  -14.925 1.00 21.19 ? 121 GLY A CA  1 
ATOM   938  C C   . GLY A 1 121 ? -6.343  -4.801  -14.347 1.00 20.64 ? 121 GLY A C   1 
ATOM   939  O O   . GLY A 1 121 ? -7.473  -4.451  -14.614 1.00 20.46 ? 121 GLY A O   1 
ATOM   940  N N   . ASP A 1 122 ? -6.083  -5.811  -13.514 1.00 15.27 ? 122 ASP A N   1 
ATOM   941  C CA  . ASP A 1 122 ? -7.219  -6.503  -12.993 1.00 18.59 ? 122 ASP A CA  1 
ATOM   942  C C   . ASP A 1 122 ? -7.509  -6.311  -11.560 1.00 23.16 ? 122 ASP A C   1 
ATOM   943  O O   . ASP A 1 122 ? -8.446  -6.921  -11.043 1.00 18.96 ? 122 ASP A O   1 
ATOM   944  C CB  . ASP A 1 122 ? -6.948  -7.968  -13.284 1.00 28.65 ? 122 ASP A CB  1 
ATOM   945  C CG  . ASP A 1 122 ? -5.650  -8.418  -12.644 1.00 31.00 ? 122 ASP A CG  1 
ATOM   946  O OD1 . ASP A 1 122 ? -5.015  -7.737  -11.840 1.00 34.02 ? 122 ASP A OD1 1 
ATOM   947  O OD2 . ASP A 1 122 ? -5.210  -9.545  -13.125 1.00 35.23 ? 122 ASP A OD2 1 
ATOM   948  N N   . THR A 1 123 ? -6.708  -5.467  -10.872 1.00 19.63 ? 123 THR A N   1 
ATOM   949  C CA  . THR A 1 123 ? -6.929  -5.226  -9.448  1.00 14.27 ? 123 THR A CA  1 
ATOM   950  C C   . THR A 1 123 ? -7.071  -3.700  -9.250  1.00 15.01 ? 123 THR A C   1 
ATOM   951  O O   . THR A 1 123 ? -6.287  -2.976  -9.856  1.00 17.28 ? 123 THR A O   1 
ATOM   952  C CB  . THR A 1 123 ? -5.686  -5.765  -8.651  1.00 18.36 ? 123 THR A CB  1 
ATOM   953  O OG1 . THR A 1 123 ? -5.483  -7.105  -9.091  1.00 24.17 ? 123 THR A OG1 1 
ATOM   954  C CG2 . THR A 1 123 ? -5.974  -5.803  -7.172  1.00 13.21 ? 123 THR A CG2 1 
ATOM   955  N N   . HIS A 1 124 ? -8.025  -3.317  -8.459  1.00 12.26 ? 124 HIS A N   1 
ATOM   956  C CA  . HIS A 1 124 ? -8.298  -1.898  -8.197  1.00 15.00 ? 124 HIS A CA  1 
ATOM   957  C C   . HIS A 1 124 ? -8.325  -1.537  -6.741  1.00 26.45 ? 124 HIS A C   1 
ATOM   958  O O   . HIS A 1 124 ? -8.633  -2.376  -5.883  1.00 20.76 ? 124 HIS A O   1 
ATOM   959  C CB  . HIS A 1 124 ? -9.730  -1.537  -8.713  1.00 15.55 ? 124 HIS A CB  1 
ATOM   960  C CG  . HIS A 1 124 ? -9.828  -1.754  -10.183 1.00 19.06 ? 124 HIS A CG  1 
ATOM   961  N ND1 . HIS A 1 124 ? -10.074 -3.023  -10.710 1.00 21.00 ? 124 HIS A ND1 1 
ATOM   962  C CD2 . HIS A 1 124 ? -9.708  -0.880  -11.219 1.00 21.95 ? 124 HIS A CD2 1 
ATOM   963  C CE1 . HIS A 1 124 ? -10.086 -2.903  -12.047 1.00 23.23 ? 124 HIS A CE1 1 
ATOM   964  N NE2 . HIS A 1 124 ? -9.876  -1.636  -12.380 1.00 27.02 ? 124 HIS A NE2 1 
ATOM   965  N N   . PHE A 1 125 ? -8.003  -0.239  -6.459  1.00 16.04 ? 125 PHE A N   1 
ATOM   966  C CA  . PHE A 1 125 ? -8.071  0.203   -5.105  1.00 15.88 ? 125 PHE A CA  1 
ATOM   967  C C   . PHE A 1 125 ? -9.554  0.362   -4.917  1.00 11.19 ? 125 PHE A C   1 
ATOM   968  O O   . PHE A 1 125 ? -10.300 0.661   -5.894  1.00 17.39 ? 125 PHE A O   1 
ATOM   969  C CB  . PHE A 1 125 ? -7.372  1.592   -5.024  1.00 15.80 ? 125 PHE A CB  1 
ATOM   970  C CG  . PHE A 1 125 ? -7.244  2.059   -3.621  1.00 10.06 ? 125 PHE A CG  1 
ATOM   971  C CD1 . PHE A 1 125 ? -6.224  1.576   -2.809  1.00 11.85 ? 125 PHE A CD1 1 
ATOM   972  C CD2 . PHE A 1 125 ? -8.139  2.969   -3.065  1.00 13.18 ? 125 PHE A CD2 1 
ATOM   973  C CE1 . PHE A 1 125 ? -6.109  2.019   -1.488  1.00 18.80 ? 125 PHE A CE1 1 
ATOM   974  C CE2 . PHE A 1 125 ? -8.015  3.407   -1.743  1.00 20.30 ? 125 PHE A CE2 1 
ATOM   975  C CZ  . PHE A 1 125 ? -6.986  2.941   -0.920  1.00 10.81 ? 125 PHE A CZ  1 
ATOM   976  N N   . PRO A 1 126 ? -10.038 0.186   -3.742  1.00 11.47 ? 126 PRO A N   1 
ATOM   977  C CA  . PRO A 1 126 ? -11.423 0.335   -3.519  1.00 14.25 ? 126 PRO A CA  1 
ATOM   978  C C   . PRO A 1 126 ? -11.944 1.753   -3.731  1.00 27.18 ? 126 PRO A C   1 
ATOM   979  O O   . PRO A 1 126 ? -11.262 2.719   -3.579  1.00 19.27 ? 126 PRO A O   1 
ATOM   980  C CB  . PRO A 1 126 ? -11.668 0.026   -2.057  1.00 13.94 ? 126 PRO A CB  1 
ATOM   981  C CG  . PRO A 1 126 ? -10.329 -0.373  -1.477  1.00 17.65 ? 126 PRO A CG  1 
ATOM   982  C CD  . PRO A 1 126 ? -9.298  -0.280  -2.559  1.00 15.15 ? 126 PRO A CD  1 
ATOM   983  N N   . ASP A 1 127 ? -13.191 1.898   -4.053  1.00 25.97 ? 127 ASP A N   1 
ATOM   984  C CA  . ASP A 1 127 ? -13.826 3.178   -4.273  1.00 22.53 ? 127 ASP A CA  1 
ATOM   985  C C   . ASP A 1 127 ? -13.951 3.928   -2.975  1.00 25.69 ? 127 ASP A C   1 
ATOM   986  O O   . ASP A 1 127 ? -14.365 3.411   -1.966  1.00 31.18 ? 127 ASP A O   1 
ATOM   987  C CB  . ASP A 1 127 ? -15.260 2.926   -4.740  1.00 37.61 ? 127 ASP A CB  1 
ATOM   988  C CG  . ASP A 1 127 ? -15.699 3.920   -5.733  1.00 51.33 ? 127 ASP A CG  1 
ATOM   989  O OD1 . ASP A 1 127 ? -14.705 4.488   -6.381  1.00 54.89 ? 127 ASP A OD1 1 
ATOM   990  O OD2 . ASP A 1 127 ? -16.864 4.041   -6.009  1.00 65.04 ? 127 ASP A OD2 1 
ATOM   991  N N   . TYR A 1 128 ? -13.587 5.170   -2.977  1.00 28.40 ? 128 TYR A N   1 
ATOM   992  C CA  . TYR A 1 128 ? -13.684 5.922   -1.738  1.00 30.05 ? 128 TYR A CA  1 
ATOM   993  C C   . TYR A 1 128 ? -14.359 7.232   -2.094  1.00 32.43 ? 128 TYR A C   1 
ATOM   994  O O   . TYR A 1 128 ? -14.272 7.659   -3.256  1.00 27.82 ? 128 TYR A O   1 
ATOM   995  C CB  . TYR A 1 128 ? -12.333 6.125   -0.989  1.00 28.21 ? 128 TYR A CB  1 
ATOM   996  C CG  . TYR A 1 128 ? -11.347 6.847   -1.856  1.00 33.07 ? 128 TYR A CG  1 
ATOM   997  C CD1 . TYR A 1 128 ? -10.614 6.133   -2.800  1.00 32.44 ? 128 TYR A CD1 1 
ATOM   998  C CD2 . TYR A 1 128 ? -11.169 8.231   -1.770  1.00 33.25 ? 128 TYR A CD2 1 
ATOM   999  C CE1 . TYR A 1 128 ? -9.708  6.795   -3.629  1.00 31.33 ? 128 TYR A CE1 1 
ATOM   1000 C CE2 . TYR A 1 128 ? -10.263 8.900   -2.600  1.00 26.87 ? 128 TYR A CE2 1 
ATOM   1001 C CZ  . TYR A 1 128 ? -9.522  8.179   -3.544  1.00 31.05 ? 128 TYR A CZ  1 
ATOM   1002 O OH  . TYR A 1 128 ? -8.590  8.809   -4.410  1.00 32.64 ? 128 TYR A OH  1 
ATOM   1003 N N   . GLU A 1 129 ? -15.034 7.816   -1.119  1.00 33.01 ? 129 GLU A N   1 
ATOM   1004 C CA  . GLU A 1 129 ? -15.763 9.057   -1.314  1.00 33.54 ? 129 GLU A CA  1 
ATOM   1005 C C   . GLU A 1 129 ? -14.920 10.225  -0.858  1.00 30.25 ? 129 GLU A C   1 
ATOM   1006 O O   . GLU A 1 129 ? -14.642 10.274  0.318   1.00 33.83 ? 129 GLU A O   1 
ATOM   1007 C CB  . GLU A 1 129 ? -17.042 9.033   -0.447  1.00 34.62 ? 129 GLU A CB  1 
ATOM   1008 C CG  . GLU A 1 129 ? -18.117 9.940   -1.074  1.00 57.26 ? 129 GLU A CG  1 
ATOM   1009 C CD  . GLU A 1 129 ? -18.436 9.486   -2.496  1.00 68.03 ? 129 GLU A CD  1 
ATOM   1010 O OE1 . GLU A 1 129 ? -19.034 8.302   -2.540  1.00 67.42 ? 129 GLU A OE1 1 
ATOM   1011 O OE2 . GLU A 1 129 ? -18.144 10.143  -3.501  1.00 69.62 ? 129 GLU A OE2 1 
ATOM   1012 N N   . PRO A 1 130 ? -14.536 11.142  -1.752  1.00 39.96 ? 130 PRO A N   1 
ATOM   1013 C CA  . PRO A 1 130 ? -13.708 12.289  -1.371  1.00 43.09 ? 130 PRO A CA  1 
ATOM   1014 C C   . PRO A 1 130 ? -14.225 13.087  -0.209  1.00 41.24 ? 130 PRO A C   1 
ATOM   1015 O O   . PRO A 1 130 ? -13.491 13.562  0.671   1.00 42.31 ? 130 PRO A O   1 
ATOM   1016 C CB  . PRO A 1 130 ? -13.632 13.123  -2.631  1.00 51.80 ? 130 PRO A CB  1 
ATOM   1017 C CG  . PRO A 1 130 ? -13.666 12.100  -3.765  1.00 48.98 ? 130 PRO A CG  1 
ATOM   1018 C CD  . PRO A 1 130 ? -14.547 10.977  -3.248  1.00 44.70 ? 130 PRO A CD  1 
ATOM   1019 N N   . ASP A 1 131 ? -15.526 13.223  -0.189  1.00 42.92 ? 131 ASP A N   1 
ATOM   1020 C CA  . ASP A 1 131 ? -16.107 13.969  0.895   1.00 44.98 ? 131 ASP A CA  1 
ATOM   1021 C C   . ASP A 1 131 ? -15.980 13.299  2.240   1.00 39.72 ? 131 ASP A C   1 
ATOM   1022 O O   . ASP A 1 131 ? -16.419 13.859  3.222   1.00 42.53 ? 131 ASP A O   1 
ATOM   1023 C CB  . ASP A 1 131 ? -17.539 14.481  0.609   1.00 55.87 ? 131 ASP A CB  1 
ATOM   1024 C CG  . ASP A 1 131 ? -17.662 15.548  -0.496  1.00 71.21 ? 131 ASP A CG  1 
ATOM   1025 O OD1 . ASP A 1 131 ? -16.515 16.020  -1.003  1.00 65.15 ? 131 ASP A OD1 1 
ATOM   1026 O OD2 . ASP A 1 131 ? -18.762 15.939  -0.890  1.00 87.45 ? 131 ASP A OD2 1 
ATOM   1027 N N   . ASP A 1 132 ? -15.402 12.098  2.322   1.00 32.23 ? 132 ASP A N   1 
ATOM   1028 C CA  . ASP A 1 132 ? -15.300 11.475  3.662   1.00 32.33 ? 132 ASP A CA  1 
ATOM   1029 C C   . ASP A 1 132 ? -13.919 11.679  4.212   1.00 21.07 ? 132 ASP A C   1 
ATOM   1030 O O   . ASP A 1 132 ? -13.605 11.345  5.348   1.00 26.13 ? 132 ASP A O   1 
ATOM   1031 C CB  . ASP A 1 132 ? -15.621 9.968   3.689   1.00 31.81 ? 132 ASP A CB  1 
ATOM   1032 C CG  . ASP A 1 132 ? -17.084 9.681   3.385   1.00 57.24 ? 132 ASP A CG  1 
ATOM   1033 O OD1 . ASP A 1 132 ? -17.966 10.531  3.434   1.00 64.82 ? 132 ASP A OD1 1 
ATOM   1034 O OD2 . ASP A 1 132 ? -17.321 8.428   3.044   1.00 69.80 ? 132 ASP A OD2 1 
ATOM   1035 N N   . TRP A 1 133 ? -13.112 12.235  3.334   1.00 16.76 ? 133 TRP A N   1 
ATOM   1036 C CA  . TRP A 1 133 ? -11.736 12.478  3.663   1.00 24.48 ? 133 TRP A CA  1 
ATOM   1037 C C   . TRP A 1 133 ? -11.354 13.913  3.421   1.00 29.04 ? 133 TRP A C   1 
ATOM   1038 O O   . TRP A 1 133 ? -11.913 14.591  2.535   1.00 32.62 ? 133 TRP A O   1 
ATOM   1039 C CB  . TRP A 1 133 ? -10.845 11.609  2.723   1.00 25.62 ? 133 TRP A CB  1 
ATOM   1040 C CG  . TRP A 1 133 ? -11.207 10.140  2.845   1.00 27.42 ? 133 TRP A CG  1 
ATOM   1041 C CD1 . TRP A 1 133 ? -12.224 9.501   2.164   1.00 26.88 ? 133 TRP A CD1 1 
ATOM   1042 C CD2 . TRP A 1 133 ? -10.599 9.141   3.707   1.00 19.78 ? 133 TRP A CD2 1 
ATOM   1043 N NE1 . TRP A 1 133 ? -12.297 8.172   2.556   1.00 27.91 ? 133 TRP A NE1 1 
ATOM   1044 C CE2 . TRP A 1 133 ? -11.315 7.919   3.503   1.00 26.45 ? 133 TRP A CE2 1 
ATOM   1045 C CE3 . TRP A 1 133 ? -9.563  9.161   4.621   1.00 18.97 ? 133 TRP A CE3 1 
ATOM   1046 C CZ2 . TRP A 1 133 ? -10.977 6.737   4.184   1.00 18.21 ? 133 TRP A CZ2 1 
ATOM   1047 C CZ3 . TRP A 1 133 ? -9.228  7.992   5.275   1.00 16.90 ? 133 TRP A CZ3 1 
ATOM   1048 C CH2 . TRP A 1 133 ? -9.942  6.798   5.078   1.00 21.02 ? 133 TRP A CH2 1 
ATOM   1049 N N   . GLU A 1 134 ? -10.393 14.328  4.245   1.00 27.50 ? 134 GLU A N   1 
ATOM   1050 C CA  . GLU A 1 134 ? -9.805  15.664  4.194   1.00 33.30 ? 134 GLU A CA  1 
ATOM   1051 C C   . GLU A 1 134 ? -8.367  15.543  3.611   1.00 19.21 ? 134 GLU A C   1 
ATOM   1052 O O   . GLU A 1 134 ? -7.500  14.860  4.178   1.00 26.36 ? 134 GLU A O   1 
ATOM   1053 C CB  . GLU A 1 134 ? -9.809  16.260  5.622   1.00 41.24 ? 134 GLU A CB  1 
ATOM   1054 C CG  . GLU A 1 134 ? -9.301  17.710  5.783   1.00 49.34 ? 134 GLU A CG  1 
ATOM   1055 C CD  . GLU A 1 134 ? -9.326  18.203  7.122   0.00 20.00 ? 134 GLU A CD  1 
ATOM   1056 O OE1 . GLU A 1 134 ? -9.746  17.447  8.024   0.00 20.00 ? 134 GLU A OE1 1 
ATOM   1057 O OE2 . GLU A 1 134 ? -8.933  19.369  7.335   0.00 20.00 ? 134 GLU A OE2 1 
ATOM   1058 N N   . SER A 1 135 ? -8.075  16.168  2.497   1.00 18.76 ? 135 SER A N   1 
ATOM   1059 C CA  . SER A 1 135 ? -6.737  16.098  1.909   1.00 15.06 ? 135 SER A CA  1 
ATOM   1060 C C   . SER A 1 135 ? -5.853  16.966  2.763   1.00 27.78 ? 135 SER A C   1 
ATOM   1061 O O   . SER A 1 135 ? -5.995  18.154  2.832   1.00 27.77 ? 135 SER A O   1 
ATOM   1062 C CB  . SER A 1 135 ? -6.820  16.578  0.489   1.00 16.77 ? 135 SER A CB  1 
ATOM   1063 O OG  . SER A 1 135 ? -5.559  16.472  -0.068  1.00 22.63 ? 135 SER A OG  1 
ATOM   1064 N N   . VAL A 1 136 ? -4.949  16.396  3.471   1.00 17.83 ? 136 VAL A N   1 
ATOM   1065 C CA  . VAL A 1 136 ? -4.114  17.213  4.323   1.00 25.09 ? 136 VAL A CA  1 
ATOM   1066 C C   . VAL A 1 136 ? -2.802  17.594  3.719   1.00 25.74 ? 136 VAL A C   1 
ATOM   1067 O O   . VAL A 1 136 ? -2.161  18.533  4.162   1.00 22.38 ? 136 VAL A O   1 
ATOM   1068 C CB  . VAL A 1 136 ? -3.823  16.532  5.688   1.00 33.47 ? 136 VAL A CB  1 
ATOM   1069 C CG1 . VAL A 1 136 ? -5.110  16.164  6.388   1.00 28.35 ? 136 VAL A CG1 1 
ATOM   1070 C CG2 . VAL A 1 136 ? -2.939  15.303  5.566   1.00 37.87 ? 136 VAL A CG2 1 
ATOM   1071 N N   . PHE A 1 137 ? -2.390  16.834  2.724   1.00 22.17 ? 137 PHE A N   1 
ATOM   1072 C CA  . PHE A 1 137 ? -1.129  17.042  2.056   1.00 20.69 ? 137 PHE A CA  1 
ATOM   1073 C C   . PHE A 1 137 ? -1.265  16.605  0.659   1.00 25.12 ? 137 PHE A C   1 
ATOM   1074 O O   . PHE A 1 137 ? -2.016  15.675  0.400   1.00 18.38 ? 137 PHE A O   1 
ATOM   1075 C CB  . PHE A 1 137 ? -0.034  16.255  2.779   1.00 13.28 ? 137 PHE A CB  1 
ATOM   1076 C CG  . PHE A 1 137 ? 1.231   16.196  2.028   1.00 16.66 ? 137 PHE A CG  1 
ATOM   1077 C CD1 . PHE A 1 137 ? 1.465   15.220  1.074   1.00 15.12 ? 137 PHE A CD1 1 
ATOM   1078 C CD2 . PHE A 1 137 ? 2.252   17.115  2.271   1.00 16.62 ? 137 PHE A CD2 1 
ATOM   1079 C CE1 . PHE A 1 137 ? 2.672   15.186  0.381   1.00 19.14 ? 137 PHE A CE1 1 
ATOM   1080 C CE2 . PHE A 1 137 ? 3.468   17.082  1.578   1.00 13.40 ? 137 PHE A CE2 1 
ATOM   1081 C CZ  . PHE A 1 137 ? 3.700   16.099  0.627   1.00 19.56 ? 137 PHE A CZ  1 
ATOM   1082 N N   . SER A 1 138 ? -0.560  17.319  -0.214  1.00 18.76 ? 138 SER A N   1 
ATOM   1083 C CA  . SER A 1 138 ? -0.542  17.073  -1.648  1.00 18.60 ? 138 SER A CA  1 
ATOM   1084 C C   . SER A 1 138 ? 0.629   17.695  -2.330  1.00 29.76 ? 138 SER A C   1 
ATOM   1085 O O   . SER A 1 138 ? 1.048   18.793  -2.024  1.00 27.78 ? 138 SER A O   1 
ATOM   1086 C CB  . SER A 1 138 ? -1.849  17.159  -2.413  1.00 26.63 ? 138 SER A CB  1 
ATOM   1087 O OG  . SER A 1 138 ? -2.272  18.483  -2.458  1.00 29.33 ? 138 SER A OG  1 
ATOM   1088 N N   . GLU A 1 139 ? 1.196   16.991  -3.264  1.00 24.04 ? 139 GLU A N   1 
ATOM   1089 C CA  . GLU A 1 139 ? 2.332   17.470  -3.956  1.00 24.02 ? 139 GLU A CA  1 
ATOM   1090 C C   . GLU A 1 139 ? 2.536   16.780  -5.291  1.00 29.82 ? 139 GLU A C   1 
ATOM   1091 O O   . GLU A 1 139 ? 2.864   15.581  -5.392  1.00 23.06 ? 139 GLU A O   1 
ATOM   1092 C CB  . GLU A 1 139 ? 3.494   17.203  -3.003  1.00 25.19 ? 139 GLU A CB  1 
ATOM   1093 C CG  . GLU A 1 139 ? 4.847   17.518  -3.573  1.00 31.65 ? 139 GLU A CG  1 
ATOM   1094 C CD  . GLU A 1 139 ? 5.898   17.190  -2.556  1.00 39.34 ? 139 GLU A CD  1 
ATOM   1095 O OE1 . GLU A 1 139 ? 6.174   17.924  -1.626  1.00 44.06 ? 139 GLU A OE1 1 
ATOM   1096 O OE2 . GLU A 1 139 ? 6.363   15.966  -2.665  1.00 36.60 ? 139 GLU A OE2 1 
ATOM   1097 N N   . PHE A 1 140 ? 2.354   17.591  -6.323  1.00 20.27 ? 140 PHE A N   1 
ATOM   1098 C CA  . PHE A 1 140 ? 2.489   17.198  -7.700  1.00 15.77 ? 140 PHE A CA  1 
ATOM   1099 C C   . PHE A 1 140 ? 3.879   17.244  -8.199  1.00 23.15 ? 140 PHE A C   1 
ATOM   1100 O O   . PHE A 1 140 ? 4.637   18.151  -7.888  1.00 26.49 ? 140 PHE A O   1 
ATOM   1101 C CB  . PHE A 1 140 ? 1.530   17.999  -8.572  1.00 21.58 ? 140 PHE A CB  1 
ATOM   1102 C CG  . PHE A 1 140 ? 1.800   17.712  -9.994  1.00 31.38 ? 140 PHE A CG  1 
ATOM   1103 C CD1 . PHE A 1 140 ? 1.141   16.652  -10.634 1.00 35.37 ? 140 PHE A CD1 1 
ATOM   1104 C CD2 . PHE A 1 140 ? 2.726   18.485  -10.705 1.00 32.19 ? 140 PHE A CD2 1 
ATOM   1105 C CE1 . PHE A 1 140 ? 1.384   16.347  -11.977 1.00 30.57 ? 140 PHE A CE1 1 
ATOM   1106 C CE2 . PHE A 1 140 ? 2.976   18.208  -12.049 1.00 29.73 ? 140 PHE A CE2 1 
ATOM   1107 C CZ  . PHE A 1 140 ? 2.304   17.142  -12.672 1.00 31.76 ? 140 PHE A CZ  1 
ATOM   1108 N N   . HIS A 1 141 ? 4.205   16.240  -9.008  1.00 22.12 ? 141 HIS A N   1 
ATOM   1109 C CA  . HIS A 1 141 ? 5.481   16.020  -9.644  1.00 21.40 ? 141 HIS A CA  1 
ATOM   1110 C C   . HIS A 1 141 ? 5.346   15.628  -11.093 1.00 20.78 ? 141 HIS A C   1 
ATOM   1111 O O   . HIS A 1 141 ? 4.500   14.836  -11.454 1.00 23.63 ? 141 HIS A O   1 
ATOM   1112 C CB  . HIS A 1 141 ? 6.303   14.910  -8.953  1.00 17.46 ? 141 HIS A CB  1 
ATOM   1113 C CG  . HIS A 1 141 ? 6.555   15.275  -7.561  1.00 26.86 ? 141 HIS A CG  1 
ATOM   1114 N ND1 . HIS A 1 141 ? 7.761   15.812  -7.185  1.00 28.81 ? 141 HIS A ND1 1 
ATOM   1115 C CD2 . HIS A 1 141 ? 5.751   15.215  -6.481  1.00 29.76 ? 141 HIS A CD2 1 
ATOM   1116 C CE1 . HIS A 1 141 ? 7.685   16.042  -5.881  1.00 32.13 ? 141 HIS A CE1 1 
ATOM   1117 N NE2 . HIS A 1 141 ? 6.492   15.688  -5.421  1.00 32.04 ? 141 HIS A NE2 1 
ATOM   1118 N N   . ASP A 1 142 ? 6.214   16.193  -11.930 1.00 22.81 ? 142 ASP A N   1 
ATOM   1119 C CA  . ASP A 1 142 ? 6.217   15.896  -13.351 1.00 22.52 ? 142 ASP A CA  1 
ATOM   1120 C C   . ASP A 1 142 ? 7.178   14.730  -13.554 1.00 16.25 ? 142 ASP A C   1 
ATOM   1121 O O   . ASP A 1 142 ? 8.006   14.374  -12.703 1.00 23.07 ? 142 ASP A O   1 
ATOM   1122 C CB  . ASP A 1 142 ? 6.749   17.052  -14.276 1.00 34.09 ? 142 ASP A CB  1 
ATOM   1123 C CG  . ASP A 1 142 ? 5.995   18.369  -14.286 1.00 53.05 ? 142 ASP A CG  1 
ATOM   1124 O OD1 . ASP A 1 142 ? 4.914   18.343  -14.998 1.00 59.32 ? 142 ASP A OD1 1 
ATOM   1125 O OD2 . ASP A 1 142 ? 6.409   19.390  -13.763 1.00 67.64 ? 142 ASP A OD2 1 
ATOM   1126 N N   . ALA A 1 143 ? 7.070   14.136  -14.713 1.00 17.96 ? 143 ALA A N   1 
ATOM   1127 C CA  . ALA A 1 143 ? 7.963   13.056  -14.994 1.00 20.66 ? 143 ALA A CA  1 
ATOM   1128 C C   . ALA A 1 143 ? 9.346   13.631  -15.207 1.00 22.96 ? 143 ALA A C   1 
ATOM   1129 O O   . ALA A 1 143 ? 9.504   14.750  -15.617 1.00 31.37 ? 143 ALA A O   1 
ATOM   1130 C CB  . ALA A 1 143 ? 7.508   12.501  -16.355 1.00 16.45 ? 143 ALA A CB  1 
ATOM   1131 N N   . ASP A 1 144 ? 10.351  12.883  -14.991 1.00 17.57 ? 144 ASP A N   1 
ATOM   1132 C CA  . ASP A 1 144 ? 11.675  13.319  -15.190 1.00 21.91 ? 144 ASP A CA  1 
ATOM   1133 C C   . ASP A 1 144 ? 12.566  12.209  -15.735 1.00 27.23 ? 144 ASP A C   1 
ATOM   1134 O O   . ASP A 1 144 ? 12.154  11.149  -16.236 1.00 25.13 ? 144 ASP A O   1 
ATOM   1135 C CB  . ASP A 1 144 ? 12.190  13.980  -13.918 1.00 27.01 ? 144 ASP A CB  1 
ATOM   1136 C CG  . ASP A 1 144 ? 12.233  13.039  -12.756 1.00 31.53 ? 144 ASP A CG  1 
ATOM   1137 O OD1 . ASP A 1 144 ? 12.516  11.858  -12.854 1.00 26.71 ? 144 ASP A OD1 1 
ATOM   1138 O OD2 . ASP A 1 144 ? 12.044  13.669  -11.625 1.00 34.78 ? 144 ASP A OD2 1 
ATOM   1139 N N   . ALA A 1 145 ? 13.821  12.434  -15.702 1.00 20.54 ? 145 ALA A N   1 
ATOM   1140 C CA  . ALA A 1 145 ? 14.722  11.440  -16.230 1.00 22.62 ? 145 ALA A CA  1 
ATOM   1141 C C   . ALA A 1 145 ? 14.736  10.171  -15.406 1.00 28.70 ? 145 ALA A C   1 
ATOM   1142 O O   . ALA A 1 145 ? 15.306  9.180   -15.815 1.00 35.35 ? 145 ALA A O   1 
ATOM   1143 C CB  . ALA A 1 145 ? 16.141  11.935  -16.143 1.00 28.87 ? 145 ALA A CB  1 
ATOM   1144 N N   . GLN A 1 146 ? 14.140  10.206  -14.249 1.00 28.08 ? 146 GLN A N   1 
ATOM   1145 C CA  . GLN A 1 146 ? 14.122  9.031   -13.407 1.00 30.13 ? 146 GLN A CA  1 
ATOM   1146 C C   . GLN A 1 146 ? 12.779  8.371   -13.253 1.00 24.24 ? 146 GLN A C   1 
ATOM   1147 O O   . GLN A 1 146 ? 12.734  7.189   -12.976 1.00 25.96 ? 146 GLN A O   1 
ATOM   1148 C CB  . GLN A 1 146 ? 14.558  9.462   -12.019 1.00 25.96 ? 146 GLN A CB  1 
ATOM   1149 C CG  . GLN A 1 146 ? 16.064  9.619   -12.133 1.00 43.11 ? 146 GLN A CG  1 
ATOM   1150 C CD  . GLN A 1 146 ? 16.700  9.915   -10.802 1.00 78.79 ? 146 GLN A CD  1 
ATOM   1151 O OE1 . GLN A 1 146 ? 17.937  9.808   -10.660 1.00 96.03 ? 146 GLN A OE1 1 
ATOM   1152 N NE2 . GLN A 1 146 ? 15.864  10.282  -9.812  1.00 89.73 ? 146 GLN A NE2 1 
ATOM   1153 N N   . ASN A 1 147 ? 11.735  9.190   -13.402 1.00 22.08 ? 147 ASN A N   1 
ATOM   1154 C CA  . ASN A 1 147 ? 10.311  8.857   -13.282 1.00 21.28 ? 147 ASN A CA  1 
ATOM   1155 C C   . ASN A 1 147 ? 9.630   8.960   -14.632 1.00 31.08 ? 147 ASN A C   1 
ATOM   1156 O O   . ASN A 1 147 ? 9.529   10.044  -15.191 1.00 19.09 ? 147 ASN A O   1 
ATOM   1157 C CB  . ASN A 1 147 ? 9.727   9.831   -12.220 1.00 17.49 ? 147 ASN A CB  1 
ATOM   1158 C CG  . ASN A 1 147 ? 10.464  9.576   -10.908 1.00 29.53 ? 147 ASN A CG  1 
ATOM   1159 O OD1 . ASN A 1 147 ? 10.198  8.565   -10.211 1.00 21.29 ? 147 ASN A OD1 1 
ATOM   1160 N ND2 . ASN A 1 147 ? 11.517  10.344  -10.662 1.00 23.60 ? 147 ASN A ND2 1 
ATOM   1161 N N   . SER A 1 148 ? 9.154   7.818   -15.154 1.00 22.03 ? 148 SER A N   1 
ATOM   1162 C CA  . SER A 1 148 ? 8.521   7.756   -16.457 1.00 17.92 ? 148 SER A CA  1 
ATOM   1163 C C   . SER A 1 148 ? 7.198   8.511   -16.685 1.00 17.25 ? 148 SER A C   1 
ATOM   1164 O O   . SER A 1 148 ? 6.894   8.875   -17.812 1.00 19.01 ? 148 SER A O   1 
ATOM   1165 C CB  . SER A 1 148 ? 8.382   6.282   -16.820 1.00 21.01 ? 148 SER A CB  1 
ATOM   1166 O OG  . SER A 1 148 ? 7.477   5.756   -15.875 1.00 20.73 ? 148 SER A OG  1 
ATOM   1167 N N   . HIS A 1 149 ? 6.407   8.771   -15.623 1.00 15.44 ? 149 HIS A N   1 
ATOM   1168 C CA  . HIS A 1 149 ? 5.127   9.461   -15.644 1.00 15.44 ? 149 HIS A CA  1 
ATOM   1169 C C   . HIS A 1 149 ? 5.062   10.520  -14.515 1.00 19.53 ? 149 HIS A C   1 
ATOM   1170 O O   . HIS A 1 149 ? 5.856   10.501  -13.561 1.00 23.57 ? 149 HIS A O   1 
ATOM   1171 C CB  . HIS A 1 149 ? 3.956   8.401   -15.350 1.00 20.34 ? 149 HIS A CB  1 
ATOM   1172 C CG  . HIS A 1 149 ? 3.845   7.315   -16.401 1.00 19.52 ? 149 HIS A CG  1 
ATOM   1173 N ND1 . HIS A 1 149 ? 4.788   6.299   -16.482 1.00 20.62 ? 149 HIS A ND1 1 
ATOM   1174 C CD2 . HIS A 1 149 ? 2.946   7.126   -17.387 1.00 16.65 ? 149 HIS A CD2 1 
ATOM   1175 C CE1 . HIS A 1 149 ? 4.451   5.528   -17.496 1.00 19.93 ? 149 HIS A CE1 1 
ATOM   1176 N NE2 . HIS A 1 149 ? 3.365   6.013   -18.049 1.00 18.74 ? 149 HIS A NE2 1 
ATOM   1177 N N   . SER A 1 150 ? 4.087   11.414  -14.632 1.00 16.15 ? 150 SER A N   1 
ATOM   1178 C CA  . SER A 1 150 ? 3.885   12.403  -13.629 1.00 16.11 ? 150 SER A CA  1 
ATOM   1179 C C   . SER A 1 150 ? 3.036   11.747  -12.582 1.00 20.06 ? 150 SER A C   1 
ATOM   1180 O O   . SER A 1 150 ? 2.232   10.878  -12.863 1.00 20.02 ? 150 SER A O   1 
ATOM   1181 C CB  . SER A 1 150 ? 3.183   13.636  -14.137 1.00 18.73 ? 150 SER A CB  1 
ATOM   1182 O OG  . SER A 1 150 ? 2.002   13.318  -14.852 1.00 21.36 ? 150 SER A OG  1 
ATOM   1183 N N   . TYR A 1 151 ? 3.198   12.201  -11.382 1.00 16.27 ? 151 TYR A N   1 
ATOM   1184 C CA  . TYR A 1 151 ? 2.491   11.696  -10.246 1.00 17.60 ? 151 TYR A CA  1 
ATOM   1185 C C   . TYR A 1 151 ? 2.269   12.719  -9.162  1.00 24.70 ? 151 TYR A C   1 
ATOM   1186 O O   . TYR A 1 151 ? 2.941   13.732  -9.069  1.00 24.88 ? 151 TYR A O   1 
ATOM   1187 C CB  . TYR A 1 151 ? 3.376   10.541  -9.623  1.00 20.13 ? 151 TYR A CB  1 
ATOM   1188 C CG  . TYR A 1 151 ? 4.774   10.984  -9.324  1.00 15.93 ? 151 TYR A CG  1 
ATOM   1189 C CD1 . TYR A 1 151 ? 5.730   11.044  -10.341 1.00 13.10 ? 151 TYR A CD1 1 
ATOM   1190 C CD2 . TYR A 1 151 ? 5.156   11.373  -8.037  1.00 20.54 ? 151 TYR A CD2 1 
ATOM   1191 C CE1 . TYR A 1 151 ? 7.045   11.472  -10.107 1.00 20.93 ? 151 TYR A CE1 1 
ATOM   1192 C CE2 . TYR A 1 151 ? 6.474   11.780  -7.786  1.00 12.80 ? 151 TYR A CE2 1 
ATOM   1193 C CZ  . TYR A 1 151 ? 7.410   11.861  -8.817  1.00 15.58 ? 151 TYR A CZ  1 
ATOM   1194 O OH  . TYR A 1 151 ? 8.680   12.285  -8.556  1.00 21.58 ? 151 TYR A OH  1 
ATOM   1195 N N   . CYS A 1 152 ? 1.326   12.426  -8.294  1.00 17.84 ? 152 CYS A N   1 
ATOM   1196 C CA  . CYS A 1 152 ? 1.015   13.283  -7.224  1.00 16.41 ? 152 CYS A CA  1 
ATOM   1197 C C   . CYS A 1 152 ? 0.840   12.541  -5.899  1.00 20.23 ? 152 CYS A C   1 
ATOM   1198 O O   . CYS A 1 152 ? 0.100   11.600  -5.835  1.00 18.64 ? 152 CYS A O   1 
ATOM   1199 C CB  . CYS A 1 152 ? -0.264  14.040  -7.606  1.00 15.71 ? 152 CYS A CB  1 
ATOM   1200 S SG  . CYS A 1 152 ? -0.809  15.265  -6.349  1.00 29.45 ? 152 CYS A SG  1 
ATOM   1201 N N   . PHE A 1 153 ? 1.538   12.971  -4.851  1.00 14.95 ? 153 PHE A N   1 
ATOM   1202 C CA  . PHE A 1 153 ? 1.401   12.355  -3.521  1.00 15.75 ? 153 PHE A CA  1 
ATOM   1203 C C   . PHE A 1 153 ? 0.388   13.100  -2.738  1.00 23.30 ? 153 PHE A C   1 
ATOM   1204 O O   . PHE A 1 153 ? 0.443   14.325  -2.635  1.00 21.46 ? 153 PHE A O   1 
ATOM   1205 C CB  . PHE A 1 153 ? 2.602   12.424  -2.640  1.00 12.43 ? 153 PHE A CB  1 
ATOM   1206 C CG  . PHE A 1 153 ? 3.770   11.799  -3.246  1.00 12.87 ? 153 PHE A CG  1 
ATOM   1207 C CD1 . PHE A 1 153 ? 3.706   10.474  -3.662  1.00 16.57 ? 153 PHE A CD1 1 
ATOM   1208 C CD2 . PHE A 1 153 ? 4.978   12.477  -3.410  1.00 14.38 ? 153 PHE A CD2 1 
ATOM   1209 C CE1 . PHE A 1 153 ? 4.808   9.863   -4.251  1.00 11.51 ? 153 PHE A CE1 1 
ATOM   1210 C CE2 . PHE A 1 153 ? 6.102   11.863  -3.968  1.00 18.25 ? 153 PHE A CE2 1 
ATOM   1211 C CZ  . PHE A 1 153 ? 6.023   10.533  -4.391  1.00 22.55 ? 153 PHE A CZ  1 
ATOM   1212 N N   . GLU A 1 154 ? -0.543  12.377  -2.156  1.00 11.06 ? 154 GLU A N   1 
ATOM   1213 C CA  . GLU A 1 154 ? -1.619  12.880  -1.344  1.00 12.61 ? 154 GLU A CA  1 
ATOM   1214 C C   . GLU A 1 154 ? -1.838  12.096  -0.025  1.00 17.78 ? 154 GLU A C   1 
ATOM   1215 O O   . GLU A 1 154 ? -1.791  10.840  0.015   1.00 21.98 ? 154 GLU A O   1 
ATOM   1216 C CB  . GLU A 1 154 ? -2.849  12.700  -2.260  1.00 15.38 ? 154 GLU A CB  1 
ATOM   1217 C CG  . GLU A 1 154 ? -4.084  13.179  -1.570  1.00 21.62 ? 154 GLU A CG  1 
ATOM   1218 C CD  . GLU A 1 154 ? -5.255  13.348  -2.514  1.00 31.86 ? 154 GLU A CD  1 
ATOM   1219 O OE1 . GLU A 1 154 ? -5.359  12.389  -3.419  1.00 30.31 ? 154 GLU A OE1 1 
ATOM   1220 O OE2 . GLU A 1 154 ? -6.108  14.206  -2.293  1.00 35.61 ? 154 GLU A OE2 1 
ATOM   1221 N N   . ILE A 1 155 ? -2.083  12.803  1.052   1.00 10.40 ? 155 ILE A N   1 
ATOM   1222 C CA  . ILE A 1 155 ? -2.375  12.267  2.337   1.00 9.55  ? 155 ILE A CA  1 
ATOM   1223 C C   . ILE A 1 155 ? -3.771  12.678  2.729   1.00 18.18 ? 155 ILE A C   1 
ATOM   1224 O O   . ILE A 1 155 ? -4.056  13.881  2.811   1.00 22.26 ? 155 ILE A O   1 
ATOM   1225 C CB  . ILE A 1 155 ? -1.389  12.596  3.416   1.00 13.40 ? 155 ILE A CB  1 
ATOM   1226 C CG1 . ILE A 1 155 ? -0.070  12.092  2.957   1.00 13.52 ? 155 ILE A CG1 1 
ATOM   1227 C CG2 . ILE A 1 155 ? -1.745  11.939  4.742   1.00 16.27 ? 155 ILE A CG2 1 
ATOM   1228 C CD1 . ILE A 1 155 ? 0.997   12.352  4.006   1.00 19.34 ? 155 ILE A CD1 1 
ATOM   1229 N N   . LEU A 1 156 ? -4.686  11.689  2.967   1.00 14.99 ? 156 LEU A N   1 
ATOM   1230 C CA  . LEU A 1 156 ? -6.067  11.912  3.352   1.00 14.32 ? 156 LEU A CA  1 
ATOM   1231 C C   . LEU A 1 156 ? -6.349  11.384  4.738   1.00 22.30 ? 156 LEU A C   1 
ATOM   1232 O O   . LEU A 1 156 ? -5.830  10.324  5.068   1.00 17.85 ? 156 LEU A O   1 
ATOM   1233 C CB  . LEU A 1 156 ? -7.056  11.308  2.340   1.00 14.73 ? 156 LEU A CB  1 
ATOM   1234 C CG  . LEU A 1 156 ? -6.740  11.819  0.969   1.00 21.65 ? 156 LEU A CG  1 
ATOM   1235 C CD1 . LEU A 1 156 ? -6.208  10.742  0.069   1.00 34.67 ? 156 LEU A CD1 1 
ATOM   1236 C CD2 . LEU A 1 156 ? -7.926  12.501  0.386   1.00 25.32 ? 156 LEU A CD2 1 
ATOM   1237 N N   . GLU A 1 157 ? -7.134  12.180  5.536   1.00 15.88 ? 157 GLU A N   1 
ATOM   1238 C CA  . GLU A 1 157 ? -7.526  11.879  6.894   1.00 16.83 ? 157 GLU A CA  1 
ATOM   1239 C C   . GLU A 1 157 ? -9.001  11.769  6.874   1.00 21.88 ? 157 GLU A C   1 
ATOM   1240 O O   . GLU A 1 157 ? -9.694  12.567  6.292   1.00 24.76 ? 157 GLU A O   1 
ATOM   1241 C CB  . GLU A 1 157 ? -6.950  12.744  8.050   1.00 19.75 ? 157 GLU A CB  1 
ATOM   1242 C CG  . GLU A 1 157 ? -5.399  12.868  7.940   1.00 34.83 ? 157 GLU A CG  1 
ATOM   1243 C CD  . GLU A 1 157 ? -4.767  13.461  9.187   1.00 50.18 ? 157 GLU A CD  1 
ATOM   1244 O OE1 . GLU A 1 157 ? -5.443  13.813  10.146  1.00 51.73 ? 157 GLU A OE1 1 
ATOM   1245 O OE2 . GLU A 1 157 ? -3.431  13.505  9.142   1.00 54.50 ? 157 GLU A OE2 1 
ATOM   1246 N N   . ARG A 1 158 ? -9.460  10.718  7.477   1.00 20.40 ? 158 ARG A N   1 
ATOM   1247 C CA  . ARG A 1 158 ? -10.870 10.442  7.488   1.00 30.34 ? 158 ARG A CA  1 
ATOM   1248 C C   . ARG A 1 158 ? -11.599 11.442  8.294   1.00 31.46 ? 158 ARG A C   1 
ATOM   1249 O O   . ARG A 1 158 ? -11.216 11.722  9.428   1.00 27.78 ? 158 ARG A O   1 
ATOM   1250 C CB  . ARG A 1 158 ? -11.127 9.073   8.132   1.00 28.31 ? 158 ARG A CB  1 
ATOM   1251 C CG  . ARG A 1 158 ? -12.465 8.539   7.698   1.00 37.72 ? 158 ARG A CG  1 
ATOM   1252 C CD  . ARG A 1 158 ? -12.752 7.201   8.332   1.00 44.70 ? 158 ARG A CD  1 
ATOM   1253 N NE  . ARG A 1 158 ? -12.240 6.064   7.575   1.00 48.09 ? 158 ARG A NE  1 
ATOM   1254 C CZ  . ARG A 1 158 ? -12.929 5.504   6.578   1.00 45.76 ? 158 ARG A CZ  1 
ATOM   1255 N NH1 . ARG A 1 158 ? -14.129 5.937   6.174   1.00 45.87 ? 158 ARG A NH1 1 
ATOM   1256 N NH2 . ARG A 1 158 ? -12.402 4.483   5.961   1.00 39.35 ? 158 ARG A NH2 1 
ATOM   1257 N N   . ARG A 1 159 ? -12.652 11.951  7.741   1.00 26.07 ? 159 ARG A N   1 
ATOM   1258 C CA  . ARG A 1 159 ? -13.388 12.944  8.527   1.00 38.04 ? 159 ARG A CA  1 
ATOM   1259 C C   . ARG A 1 159 ? -14.235 12.321  9.653   1.00 52.67 ? 159 ARG A C   1 
ATOM   1260 O O   . ARG A 1 159 ? -15.043 11.401  9.318   1.00 56.66 ? 159 ARG A O   1 
ATOM   1261 C CB  . ARG A 1 159 ? -14.303 13.764  7.658   1.00 35.05 ? 159 ARG A CB  1 
ATOM   1262 C CG  . ARG A 1 159 ? -13.579 14.589  6.602   1.00 32.34 ? 159 ARG A CG  1 
ATOM   1263 C CD  . ARG A 1 159 ? -14.523 15.553  5.842   1.00 27.62 ? 159 ARG A CD  1 
ATOM   1264 N NE  . ARG A 1 159 ? -13.812 16.332  4.838   0.00 20.00 ? 159 ARG A NE  1 
ATOM   1265 C CZ  . ARG A 1 159 ? -14.403 17.229  4.055   0.00 20.00 ? 159 ARG A CZ  1 
ATOM   1266 N NH1 . ARG A 1 159 ? -15.706 17.449  4.168   0.00 20.00 ? 159 ARG A NH1 1 
ATOM   1267 N NH2 . ARG A 1 159 ? -13.691 17.902  3.162   0.00 20.00 ? 159 ARG A NH2 1 
ATOM   1268 O OXT . ARG A 1 159 ? -14.155 12.832  10.830  1.00 51.94 ? 159 ARG A OXT 1 
HETATM 1269 N N1  . MTX B 2 .   ? 3.926   2.250   -3.840  1.00 16.21 ? 161 MTX A N1  1 
HETATM 1270 C C2  . MTX B 2 .   ? 3.087   2.811   -2.985  1.00 18.97 ? 161 MTX A C2  1 
HETATM 1271 N NA2 . MTX B 2 .   ? 2.923   4.083   -2.908  1.00 14.29 ? 161 MTX A NA2 1 
HETATM 1272 N N3  . MTX B 2 .   ? 2.344   2.057   -2.079  1.00 14.41 ? 161 MTX A N3  1 
HETATM 1273 C C4  . MTX B 2 .   ? 2.436   0.679   -2.019  1.00 18.76 ? 161 MTX A C4  1 
HETATM 1274 N NA4 . MTX B 2 .   ? 1.731   0.031   -1.158  1.00 14.47 ? 161 MTX A NA4 1 
HETATM 1275 C C4A . MTX B 2 .   ? 3.378   0.086   -2.979  1.00 19.81 ? 161 MTX A C4A 1 
HETATM 1276 N N5  . MTX B 2 .   ? 3.618   -1.269  -2.903  1.00 16.98 ? 161 MTX A N5  1 
HETATM 1277 C C6  . MTX B 2 .   ? 4.523   -1.812  -3.705  1.00 17.14 ? 161 MTX A C6  1 
HETATM 1278 C C7  . MTX B 2 .   ? 5.210   -0.953  -4.604  1.00 15.51 ? 161 MTX A C7  1 
HETATM 1279 N N8  . MTX B 2 .   ? 5.009   0.388   -4.688  1.00 22.36 ? 161 MTX A N8  1 
HETATM 1280 C C8A . MTX B 2 .   ? 4.071   0.862   -3.834  1.00 17.62 ? 161 MTX A C8A 1 
HETATM 1281 C C9  . MTX B 2 .   ? 4.668   -3.326  -3.537  1.00 14.53 ? 161 MTX A C9  1 
HETATM 1282 N N10 . MTX B 2 .   ? 5.923   -3.733  -4.197  1.00 20.64 ? 161 MTX A N10 1 
HETATM 1283 C CM  . MTX B 2 .   ? 5.861   -4.430  -5.492  1.00 26.29 ? 161 MTX A CM  1 
HETATM 1284 C C11 . MTX B 2 .   ? 9.689   -2.578  -2.786  1.00 19.87 ? 161 MTX A C11 1 
HETATM 1285 C C12 . MTX B 2 .   ? 9.542   -3.297  -3.990  1.00 20.46 ? 161 MTX A C12 1 
HETATM 1286 C C13 . MTX B 2 .   ? 8.285   -3.678  -4.435  1.00 17.90 ? 161 MTX A C13 1 
HETATM 1287 C C14 . MTX B 2 .   ? 7.137   -3.320  -3.669  1.00 12.96 ? 161 MTX A C14 1 
HETATM 1288 C C15 . MTX B 2 .   ? 7.206   -2.613  -2.503  1.00 16.12 ? 161 MTX A C15 1 
HETATM 1289 C C16 . MTX B 2 .   ? 8.533   -2.249  -2.089  1.00 13.00 ? 161 MTX A C16 1 
HETATM 1290 C C   . MTX B 2 .   ? 10.976  -2.114  -2.222  1.00 26.41 ? 161 MTX A C   1 
HETATM 1291 O O   . MTX B 2 .   ? 12.083  -2.482  -2.560  1.00 27.71 ? 161 MTX A O   1 
HETATM 1292 N N   . MTX B 2 .   ? 10.942  -1.134  -1.398  1.00 29.54 ? 161 MTX A N   1 
HETATM 1293 C CA  . MTX B 2 .   ? 12.104  -0.683  -0.602  1.00 27.70 ? 161 MTX A CA  1 
HETATM 1294 C CT  . MTX B 2 .   ? 11.734  -0.276  0.788   1.00 27.20 ? 161 MTX A CT  1 
HETATM 1295 O O1  . MTX B 2 .   ? 10.555  0.028   1.146   1.00 23.44 ? 161 MTX A O1  1 
HETATM 1296 O O2  . MTX B 2 .   ? 12.727  -0.276  1.548   1.00 29.31 ? 161 MTX A O2  1 
HETATM 1297 C CB  . MTX B 2 .   ? 12.585  0.603   -1.259  1.00 29.08 ? 161 MTX A CB  1 
HETATM 1298 C CG  . MTX B 2 .   ? 13.642  0.131   -2.299  1.00 38.75 ? 161 MTX A CG  1 
HETATM 1299 C CD  . MTX B 2 .   ? 13.882  1.303   -3.231  1.00 56.75 ? 161 MTX A CD  1 
HETATM 1300 O OE1 . MTX B 2 .   ? 13.712  2.415   -2.582  1.00 53.53 ? 161 MTX A OE1 1 
HETATM 1301 O OE2 . MTX B 2 .   ? 14.132  1.118   -4.465  1.00 69.02 ? 161 MTX A OE2 1 
HETATM 1302 C C1  . BME C 3 .   ? -5.413  15.356  -5.609  1.00 42.49 ? 162 BME A C1  1 
HETATM 1303 C C2  . BME C 3 .   ? -3.852  15.514  -6.361  1.00 31.17 ? 162 BME A C2  1 
HETATM 1304 S S2  . BME C 3 .   ? -2.363  14.653  -5.372  1.00 34.14 ? 162 BME A S2  1 
HETATM 1305 P PA  . NAP D 4 .   ? -3.076  -9.483  -2.315  1.00 14.74 ? 164 NAP A PA  1 
HETATM 1306 O O1A . NAP D 4 .   ? -4.163  -8.874  -1.550  1.00 10.17 ? 164 NAP A O1A 1 
HETATM 1307 O O2A . NAP D 4 .   ? -1.609  -9.194  -2.342  1.00 18.06 ? 164 NAP A O2A 1 
HETATM 1308 O O5B . NAP D 4 .   ? -3.031  -10.993 -1.778  1.00 25.37 ? 164 NAP A O5B 1 
HETATM 1309 C C5B . NAP D 4 .   ? -4.180  -11.829 -1.534  1.00 14.30 ? 164 NAP A C5B 1 
HETATM 1310 C C4B . NAP D 4 .   ? -3.880  -13.062 -0.674  1.00 14.16 ? 164 NAP A C4B 1 
HETATM 1311 O O4B . NAP D 4 .   ? -3.886  -12.681 0.729   1.00 16.87 ? 164 NAP A O4B 1 
HETATM 1312 C C3B . NAP D 4 .   ? -5.054  -14.048 -0.606  1.00 17.50 ? 164 NAP A C3B 1 
HETATM 1313 O O3B . NAP D 4 .   ? -5.147  -14.755 -1.819  1.00 16.59 ? 164 NAP A O3B 1 
HETATM 1314 C C2B . NAP D 4 .   ? -4.842  -14.841 0.696   1.00 12.01 ? 164 NAP A C2B 1 
HETATM 1315 O O2B . NAP D 4 .   ? -3.653  -15.611 0.551   1.00 14.51 ? 164 NAP A O2B 1 
HETATM 1316 C C1B . NAP D 4 .   ? -4.433  -13.649 1.579   1.00 19.62 ? 164 NAP A C1B 1 
HETATM 1317 N N9A . NAP D 4 .   ? -5.558  -12.991 2.202   1.00 13.53 ? 164 NAP A N9A 1 
HETATM 1318 C C8A . NAP D 4 .   ? -6.240  -11.833 1.932   1.00 13.47 ? 164 NAP A C8A 1 
HETATM 1319 N N7A . NAP D 4 .   ? -7.168  -11.611 2.815   1.00 19.49 ? 164 NAP A N7A 1 
HETATM 1320 C C5A . NAP D 4 .   ? -7.083  -12.706 3.673   1.00 12.81 ? 164 NAP A C5A 1 
HETATM 1321 C C6A . NAP D 4 .   ? -7.819  -13.061 4.799   1.00 22.41 ? 164 NAP A C6A 1 
HETATM 1322 N N6A . NAP D 4 .   ? -8.825  -12.343 5.306   1.00 25.79 ? 164 NAP A N6A 1 
HETATM 1323 N N1A . NAP D 4 .   ? -7.481  -14.205 5.417   1.00 23.94 ? 164 NAP A N1A 1 
HETATM 1324 C C2A . NAP D 4 .   ? -6.471  -14.908 4.917   1.00 19.58 ? 164 NAP A C2A 1 
HETATM 1325 N N3A . NAP D 4 .   ? -5.695  -14.658 3.881   1.00 22.79 ? 164 NAP A N3A 1 
HETATM 1326 C C4A . NAP D 4 .   ? -6.113  -13.523 3.296   1.00 11.83 ? 164 NAP A C4A 1 
HETATM 1327 O O3  . NAP D 4 .   ? -3.404  -9.761  -3.837  1.00 15.14 ? 164 NAP A O3  1 
HETATM 1328 P PN  . NAP D 4 .   ? -4.373  -8.961  -4.857  1.00 18.01 ? 164 NAP A PN  1 
HETATM 1329 O O1N . NAP D 4 .   ? -5.768  -8.959  -4.384  1.00 13.67 ? 164 NAP A O1N 1 
HETATM 1330 O O2N . NAP D 4 .   ? -3.723  -7.635  -4.982  1.00 26.40 ? 164 NAP A O2N 1 
HETATM 1331 O O5D . NAP D 4 .   ? -4.199  -9.807  -6.165  1.00 18.40 ? 164 NAP A O5D 1 
HETATM 1332 C C5D . NAP D 4 .   ? -3.149  -9.598  -7.211  1.00 31.12 ? 164 NAP A C5D 1 
HETATM 1333 C C4D . NAP D 4 .   ? -3.066  -10.868 -8.157  1.00 37.55 ? 164 NAP A C4D 1 
HETATM 1334 C C3D . NAP D 4 .   ? -4.505  -11.323 -8.585  1.00 42.69 ? 164 NAP A C3D 1 
HETATM 1335 P P2B . NAP D 4 .   ? -3.690  -17.185 0.090   1.00 19.81 ? 164 NAP A P2B 1 
HETATM 1336 O O1X . NAP D 4 .   ? -2.230  -17.659 0.382   1.00 20.39 ? 164 NAP A O1X 1 
HETATM 1337 O O2X . NAP D 4 .   ? -4.839  -17.601 0.975   1.00 13.28 ? 164 NAP A O2X 1 
HETATM 1338 O O3X . NAP D 4 .   ? -3.994  -17.272 -1.389  1.00 19.65 ? 164 NAP A O3X 1 
HETATM 1339 O O   . HOH E 5 .   ? 1.313   6.361   -1.854  1.00 12.31 ? 302 HOH A O   1 
HETATM 1340 O O   . HOH E 5 .   ? 2.729   5.094   -20.737 1.00 58.64 ? 303 HOH A O   1 
HETATM 1341 O O   . HOH E 5 .   ? -11.215 -6.334  -3.841  1.00 46.40 ? 304 HOH A O   1 
HETATM 1342 O O   . HOH E 5 .   ? -0.751  -17.908 7.138   1.00 26.12 ? 305 HOH A O   1 
HETATM 1343 O O   . HOH E 5 .   ? -8.162  -8.640  -5.791  1.00 24.97 ? 307 HOH A O   1 
HETATM 1344 O O   . HOH E 5 .   ? -0.098  0.231   -4.555  1.00 23.77 ? 308 HOH A O   1 
HETATM 1345 O O   . HOH E 5 .   ? -5.251  8.224   -9.297  1.00 27.49 ? 309 HOH A O   1 
HETATM 1346 O O   . HOH E 5 .   ? 6.710   -19.393 8.006   1.00 28.90 ? 310 HOH A O   1 
HETATM 1347 O O   . HOH E 5 .   ? -4.290  8.972   -11.565 1.00 33.93 ? 311 HOH A O   1 
HETATM 1348 O O   . HOH E 5 .   ? 2.813   -4.571  -17.735 1.00 54.24 ? 312 HOH A O   1 
HETATM 1349 O O   . HOH E 5 .   ? 6.259   1.620   15.172  1.00 29.11 ? 314 HOH A O   1 
HETATM 1350 O O   . HOH E 5 .   ? 9.953   10.838  -3.195  1.00 32.47 ? 316 HOH A O   1 
HETATM 1351 O O   . HOH E 5 .   ? 1.735   9.296   10.736  1.00 32.81 ? 317 HOH A O   1 
HETATM 1352 O O   . HOH E 5 .   ? 7.255   -17.611 0.987   1.00 38.95 ? 318 HOH A O   1 
HETATM 1353 O O   . HOH E 5 .   ? 4.027   0.801   22.914  1.00 37.97 ? 319 HOH A O   1 
HETATM 1354 O O   . HOH E 5 .   ? 3.806   2.717   14.176  1.00 18.67 ? 321 HOH A O   1 
HETATM 1355 O O   . HOH E 5 .   ? 13.105  -20.815 11.595  1.00 22.61 ? 323 HOH A O   1 
HETATM 1356 O O   . HOH E 5 .   ? 6.790   -17.075 11.346  1.00 24.96 ? 325 HOH A O   1 
HETATM 1357 O O   . HOH E 5 .   ? 14.666  5.137   -12.962 1.00 35.93 ? 327 HOH A O   1 
HETATM 1358 O O   . HOH E 5 .   ? -1.475  -12.249 16.197  1.00 45.08 ? 328 HOH A O   1 
HETATM 1359 O O   . HOH E 5 .   ? 2.743   20.846  -1.145  1.00 44.46 ? 330 HOH A O   1 
HETATM 1360 O O   . HOH E 5 .   ? 4.300   -16.720 11.793  1.00 30.70 ? 332 HOH A O   1 
HETATM 1361 O O   . HOH E 5 .   ? -0.382  -19.050 9.640   1.00 28.26 ? 335 HOH A O   1 
HETATM 1362 O O   . HOH E 5 .   ? 3.964   11.188  9.332   1.00 59.57 ? 336 HOH A O   1 
HETATM 1363 O O   . HOH E 5 .   ? 9.389   13.281  -10.909 1.00 33.08 ? 337 HOH A O   1 
HETATM 1364 O O   . HOH E 5 .   ? 4.194   8.680   7.738   1.00 32.93 ? 338 HOH A O   1 
HETATM 1365 O O   . HOH E 5 .   ? -5.720  2.625   -15.681 1.00 32.37 ? 340 HOH A O   1 
HETATM 1366 O O   . HOH E 5 .   ? 0.298   0.004   -7.630  1.00 30.04 ? 341 HOH A O   1 
HETATM 1367 O O   . HOH E 5 .   ? 4.742   -4.210  17.374  1.00 37.54 ? 342 HOH A O   1 
HETATM 1368 O O   . HOH E 5 .   ? 0.000   -2.375  -3.338  1.00 26.44 ? 343 HOH A O   1 
HETATM 1369 O O   . HOH E 5 .   ? -10.068 -0.974  -14.993 1.00 36.22 ? 344 HOH A O   1 
HETATM 1370 O O   . HOH E 5 .   ? 8.197   6.023   9.183   1.00 44.54 ? 348 HOH A O   1 
HETATM 1371 O O   . HOH E 5 .   ? -12.703 6.276   -5.830  1.00 43.61 ? 349 HOH A O   1 
HETATM 1372 O O   . HOH E 5 .   ? -13.760 -0.015  -10.299 1.00 48.30 ? 350 HOH A O   1 
HETATM 1373 O O   . HOH E 5 .   ? 0.525   20.193  0.929   1.00 24.84 ? 353 HOH A O   1 
HETATM 1374 O O   . HOH E 5 .   ? -10.339 -11.797 8.172   1.00 33.11 ? 354 HOH A O   1 
HETATM 1375 O O   . HOH E 5 .   ? -7.330  -17.406 0.387   1.00 27.91 ? 355 HOH A O   1 
HETATM 1376 O O   . HOH E 5 .   ? -3.952  19.012  -0.177  1.00 38.82 ? 356 HOH A O   1 
HETATM 1377 O O   . HOH E 5 .   ? -10.880 -11.148 11.137  1.00 29.82 ? 357 HOH A O   1 
HETATM 1378 O O   . HOH E 5 .   ? -0.780  6.140   -19.972 1.00 38.31 ? 358 HOH A O   1 
HETATM 1379 O O   . HOH E 5 .   ? 1.846   -20.300 9.531   1.00 36.18 ? 359 HOH A O   1 
HETATM 1380 O O   . HOH E 5 .   ? -12.177 -0.582  -7.271  1.00 51.80 ? 360 HOH A O   1 
HETATM 1381 O O   . HOH E 5 .   ? 13.816  5.353   -5.145  1.00 40.64 ? 361 HOH A O   1 
HETATM 1382 O O   . HOH E 5 .   ? 5.273   8.509   11.054  1.00 38.75 ? 362 HOH A O   1 
HETATM 1383 O O   . HOH E 5 .   ? -9.516  -3.157  -3.617  1.00 36.09 ? 363 HOH A O   1 
HETATM 1384 O O   . HOH E 5 .   ? 12.452  -6.923  8.392   1.00 34.79 ? 364 HOH A O   1 
HETATM 1385 O O   . HOH E 5 .   ? 8.361   -2.216  13.193  1.00 41.02 ? 365 HOH A O   1 
HETATM 1386 O O   . HOH E 5 .   ? 15.652  0.262   10.794  1.00 40.42 ? 368 HOH A O   1 
HETATM 1387 O O   . HOH E 5 .   ? -3.899  11.756  -11.261 1.00 41.17 ? 370 HOH A O   1 
HETATM 1388 O O   . HOH E 5 .   ? 9.331   -8.913  10.090  1.00 33.01 ? 371 HOH A O   1 
HETATM 1389 O O   . HOH E 5 .   ? 5.553   1.790   -7.804  1.00 47.50 ? 372 HOH A O   1 
HETATM 1390 O O   . HOH E 5 .   ? 8.812   1.850   -10.104 1.00 40.95 ? 373 HOH A O   1 
HETATM 1391 O O   . HOH E 5 .   ? 15.459  -8.147  3.503   1.00 61.72 ? 374 HOH A O   1 
HETATM 1392 O O   . HOH E 5 .   ? -2.961  -4.233  17.690  1.00 41.99 ? 375 HOH A O   1 
HETATM 1393 O O   . HOH E 5 .   ? -10.040 17.721  1.310   1.00 45.52 ? 376 HOH A O   1 
HETATM 1394 O O   . HOH E 5 .   ? 1.233   15.937  -16.192 1.00 61.12 ? 377 HOH A O   1 
HETATM 1395 O O   . HOH E 5 .   ? 8.678   -21.946 6.700   1.00 58.42 ? 379 HOH A O   1 
HETATM 1396 O O   . HOH E 5 .   ? 3.217   7.415   12.887  1.00 28.69 ? 380 HOH A O   1 
HETATM 1397 O O   . HOH E 5 .   ? 8.023   -10.619 11.931  1.00 41.99 ? 381 HOH A O   1 
HETATM 1398 O O   . HOH E 5 .   ? 13.344  10.403  -8.173  1.00 52.33 ? 382 HOH A O   1 
HETATM 1399 O O   . HOH E 5 .   ? 14.782  -8.101  6.166   1.00 49.51 ? 383 HOH A O   1 
HETATM 1400 O O   . HOH E 5 .   ? 6.801   -1.827  -13.158 1.00 47.86 ? 384 HOH A O   1 
HETATM 1401 O O   . HOH E 5 .   ? 10.031  6.418   11.171  1.00 57.05 ? 385 HOH A O   1 
HETATM 1402 O O   . HOH E 5 .   ? 1.056   -19.527 2.889   1.00 30.17 ? 406 HOH A O   1 
HETATM 1403 O O   . HOH E 5 .   ? -0.780  12.964  -10.938 1.00 42.18 ? 407 HOH A O   1 
HETATM 1404 O O   . HOH E 5 .   ? 3.151   -19.278 1.257   1.00 34.17 ? 408 HOH A O   1 
HETATM 1405 O O   . HOH E 5 .   ? -16.117 8.221   -5.519  1.00 52.17 ? 409 HOH A O   1 
HETATM 1406 O O   . HOH E 5 .   ? 5.334   14.894  -16.610 1.00 37.62 ? 411 HOH A O   1 
HETATM 1407 O O   . HOH E 5 .   ? -14.476 5.208   -15.145 1.00 73.16 ? 414 HOH A O   1 
HETATM 1408 O O   . HOH E 5 .   ? -12.061 1.605   -12.231 1.00 71.98 ? 416 HOH A O   1 
HETATM 1409 O O   . HOH E 5 .   ? 7.663   -14.112 13.571  1.00 59.90 ? 418 HOH A O   1 
HETATM 1410 O O   . HOH E 5 .   ? -11.850 -10.379 6.470   1.00 47.15 ? 419 HOH A O   1 
HETATM 1411 O O   . HOH E 5 .   ? 2.454   -0.251  -6.680  1.00 43.32 ? 420 HOH A O   1 
HETATM 1412 O O   . HOH E 5 .   ? 4.680   5.043   13.692  1.00 47.42 ? 421 HOH A O   1 
HETATM 1413 O O   . HOH E 5 .   ? -8.485  0.499   -16.929 1.00 48.71 ? 423 HOH A O   1 
HETATM 1414 O O   . HOH E 5 .   ? 13.950  9.363   -5.446  1.00 46.83 ? 424 HOH A O   1 
HETATM 1415 O O   . HOH E 5 .   ? -1.196  -18.310 12.130  1.00 57.38 ? 425 HOH A O   1 
HETATM 1416 O O   . HOH E 5 .   ? -11.643 -3.133  -5.520  1.00 47.42 ? 427 HOH A O   1 
HETATM 1417 O O   . HOH E 5 .   ? -13.830 -1.573  1.513   1.00 38.55 ? 428 HOH A O   1 
HETATM 1418 O O   . HOH E 5 .   ? 7.546   12.623  2.882   1.00 47.21 ? 430 HOH A O   1 
HETATM 1419 O O   . HOH E 5 .   ? 1.900   -2.893  -5.618  1.00 50.67 ? 431 HOH A O   1 
HETATM 1420 O O   . HOH E 5 .   ? -8.518  -2.322  -16.022 1.00 46.16 ? 432 HOH A O   1 
HETATM 1421 O O   . HOH E 5 .   ? -3.252  20.598  5.918   1.00 66.11 ? 434 HOH A O   1 
HETATM 1422 O O   . HOH E 5 .   ? -10.741 14.903  -0.495  1.00 59.01 ? 435 HOH A O   1 
HETATM 1423 O O   . HOH E 5 .   ? -3.593  -9.022  -15.658 1.00 54.82 ? 437 HOH A O   1 
HETATM 1424 O O   . HOH E 5 .   ? 15.441  -0.663  1.638   1.00 39.79 ? 438 HOH A O   1 
HETATM 1425 O O   . HOH E 5 .   ? -0.557  -20.127 0.151   1.00 42.41 ? 441 HOH A O   1 
HETATM 1426 O O   . HOH E 5 .   ? 4.261   -18.956 10.556  1.00 45.32 ? 442 HOH A O   1 
HETATM 1427 O O   . HOH E 5 .   ? 7.729   4.822   13.887  1.00 47.47 ? 444 HOH A O   1 
HETATM 1428 O O   . HOH E 5 .   ? 14.193  -9.294  -3.729  1.00 60.68 ? 445 HOH A O   1 
HETATM 1429 O O   . HOH E 5 .   ? 15.829  -5.439  9.078   1.00 46.30 ? 446 HOH A O   1 
HETATM 1430 O O   . HOH E 5 .   ? 0.461   9.513   -19.315 1.00 51.67 ? 447 HOH A O   1 
HETATM 1431 O O   . HOH E 5 .   ? 5.261   -3.971  -11.061 1.00 46.18 ? 449 HOH A O   1 
HETATM 1432 O O   . HOH E 5 .   ? 1.667   20.318  -5.945  1.00 50.28 ? 454 HOH A O   1 
HETATM 1433 O O   . HOH E 5 .   ? -9.402  -15.377 6.544   1.00 48.80 ? 455 HOH A O   1 
HETATM 1434 O O   . HOH E 5 .   ? -2.030  -26.294 1.755   1.00 42.06 ? 456 HOH A O   1 
HETATM 1435 O O   . HOH E 5 .   ? 12.250  -0.743  13.300  1.00 49.93 ? 458 HOH A O   1 
HETATM 1436 O O   . HOH E 5 .   ? 1.705   -5.734  -11.288 1.00 55.91 ? 459 HOH A O   1 
HETATM 1437 O O   . HOH E 5 .   ? -6.858  -18.678 12.902  1.00 69.73 ? 460 HOH A O   1 
HETATM 1438 O O   . HOH E 5 .   ? -7.174  -13.902 -3.287  1.00 43.77 ? 461 HOH A O   1 
HETATM 1439 O O   . HOH E 5 .   ? 3.451   -20.342 -0.989  1.00 55.80 ? 462 HOH A O   1 
HETATM 1440 O O   . HOH E 5 .   ? -7.405  6.708   -10.857 1.00 69.26 ? 463 HOH A O   1 
HETATM 1441 O O   . HOH E 5 .   ? 4.458   10.375  -19.172 1.00 59.67 ? 465 HOH A O   1 
HETATM 1442 O O   . HOH E 5 .   ? -1.323  11.503  11.532  1.00 63.42 ? 467 HOH A O   1 
HETATM 1443 O O   . HOH E 5 .   ? -6.819  -11.990 -4.506  1.00 46.01 ? 468 HOH A O   1 
HETATM 1444 O O   . HOH E 5 .   ? 2.977   2.752   -19.790 1.00 47.34 ? 469 HOH A O   1 
HETATM 1445 O O   . HOH E 5 .   ? 12.590  11.212  -3.684  1.00 52.26 ? 470 HOH A O   1 
HETATM 1446 O O   . HOH E 5 .   ? 2.699   17.908  -16.303 1.00 75.54 ? 472 HOH A O   1 
HETATM 1447 O O   . HOH E 5 .   ? -3.975  19.321  -3.995  1.00 53.95 ? 473 HOH A O   1 
HETATM 1448 O O   . HOH E 5 .   ? -7.242  -21.016 6.454   1.00 56.09 ? 474 HOH A O   1 
HETATM 1449 O O   . HOH E 5 .   ? 11.112  8.049   8.057   1.00 69.48 ? 478 HOH A O   1 
HETATM 1450 O O   . HOH E 5 .   ? -12.952 6.555   -8.473  1.00 65.36 ? 479 HOH A O   1 
HETATM 1451 O O   . HOH E 5 .   ? -0.790  -22.490 9.439   1.00 52.02 ? 480 HOH A O   1 
HETATM 1452 O O   . HOH E 5 .   ? 16.299  9.051   -18.455 1.00 52.55 ? 481 HOH A O   1 
HETATM 1453 O O   . HOH E 5 .   ? -10.735 14.556  10.036  1.00 61.38 ? 482 HOH A O   1 
HETATM 1454 O O   . HOH E 5 .   ? 3.413   -5.265  -7.434  1.00 60.73 ? 484 HOH A O   1 
HETATM 1455 O O   . HOH E 5 .   ? -17.264 12.495  -2.303  1.00 60.39 ? 485 HOH A O   1 
HETATM 1456 O O   . HOH E 5 .   ? -1.495  -6.146  -6.345  1.00 65.56 ? 486 HOH A O   1 
HETATM 1457 O O   . HOH E 5 .   ? 12.720  -18.517 2.240   1.00 68.00 ? 488 HOH A O   1 
HETATM 1458 O O   . HOH E 5 .   ? 1.513   -3.841  -8.327  1.00 63.50 ? 489 HOH A O   1 
HETATM 1459 O O   . HOH E 5 .   ? 1.992   -9.318  -11.106 1.00 55.94 ? 490 HOH A O   1 
HETATM 1460 O O   . HOH E 5 .   ? 13.941  -18.083 5.229   1.00 49.76 ? 491 HOH A O   1 
HETATM 1461 O O   . HOH E 5 .   ? -1.283  -3.695  -5.616  1.00 56.82 ? 492 HOH A O   1 
HETATM 1462 O O   . HOH E 5 .   ? 12.464  -19.527 7.422   1.00 44.38 ? 493 HOH A O   1 
HETATM 1463 O O   . HOH E 5 .   ? -15.221 0.812   -0.710  1.00 59.36 ? 494 HOH A O   1 
HETATM 1464 O O   . HOH E 5 .   ? 7.306   -17.576 -1.745  1.00 61.79 ? 495 HOH A O   1 
HETATM 1465 O O   . HOH E 5 .   ? 10.462  -16.633 0.740   1.00 62.93 ? 496 HOH A O   1 
HETATM 1466 O O   . HOH E 5 .   ? -1.701  7.313   15.924  1.00 53.15 ? 497 HOH A O   1 
HETATM 1467 O O   . HOH E 5 .   ? 1.377   -5.844  -5.025  1.00 59.98 ? 498 HOH A O   1 
HETATM 1468 O O   . HOH E 5 .   ? 13.415  7.421   1.009   1.00 67.78 ? 499 HOH A O   1 
HETATM 1469 O O   . HOH E 5 .   ? 3.441   -19.690 -4.074  1.00 62.71 ? 502 HOH A O   1 
HETATM 1470 O O   . HOH E 5 .   ? 14.861  4.687   10.269  1.00 58.60 ? 503 HOH A O   1 
HETATM 1471 O O   . HOH E 5 .   ? 13.811  -14.101 -0.705  1.00 50.40 ? 504 HOH A O   1 
HETATM 1472 O O   . HOH E 5 .   ? 12.601  10.161  6.388   1.00 80.83 ? 505 HOH A O   1 
HETATM 1473 O O   . HOH E 5 .   ? -7.661  -17.971 6.570   1.00 54.86 ? 506 HOH A O   1 
HETATM 1474 O O   . HOH E 5 .   ? -5.426  -7.072  -16.949 1.00 53.20 ? 508 HOH A O   1 
HETATM 1475 O O   . HOH E 5 .   ? -7.504  6.635   -20.406 1.00 50.91 ? 509 HOH A O   1 
HETATM 1476 O O   . HOH E 5 .   ? -19.940 14.756  -3.261  1.00 59.75 ? 510 HOH A O   1 
HETATM 1477 O O   . HOH E 5 .   ? 12.419  -5.867  -3.391  1.00 48.46 ? 511 HOH A O   1 
HETATM 1478 O O   . HOH E 5 .   ? -14.587 -0.547  -4.997  1.00 56.96 ? 512 HOH A O   1 
HETATM 1479 O O   . HOH E 5 .   ? 4.663   -17.299 -0.898  1.00 49.82 ? 513 HOH A O   1 
HETATM 1480 O O   . HOH E 5 .   ? 12.819  -1.781  -6.101  1.00 54.53 ? 514 HOH A O   1 
HETATM 1481 O O   . HOH E 5 .   ? -7.551  3.255   12.151  1.00 34.57 ? 515 HOH A O   1 
HETATM 1482 O O   . HOH E 5 .   ? -2.111  18.356  -8.500  1.00 56.41 ? 516 HOH A O   1 
HETATM 1483 O O   . HOH E 5 .   ? 1.503   -18.308 12.829  1.00 69.63 ? 517 HOH A O   1 
HETATM 1484 O O   . HOH E 5 .   ? -3.227  15.334  -13.308 1.00 58.54 ? 518 HOH A O   1 
HETATM 1485 O O   . HOH E 5 .   ? 4.788   -6.846  17.737  1.00 62.14 ? 521 HOH A O   1 
HETATM 1486 O O   . HOH E 5 .   ? 12.459  -5.688  -5.819  1.00 52.25 ? 522 HOH A O   1 
HETATM 1487 O O   . HOH E 5 .   ? -7.512  4.895   14.350  1.00 77.43 ? 523 HOH A O   1 
HETATM 1488 O O   . HOH E 5 .   ? -3.282  -10.241 -10.852 1.00 54.77 ? 524 HOH A O   1 
# 
loop_
_pdbx_poly_seq_scheme.asym_id 
_pdbx_poly_seq_scheme.entity_id 
_pdbx_poly_seq_scheme.seq_id 
_pdbx_poly_seq_scheme.mon_id 
_pdbx_poly_seq_scheme.ndb_seq_num 
_pdbx_poly_seq_scheme.pdb_seq_num 
_pdbx_poly_seq_scheme.auth_seq_num 
_pdbx_poly_seq_scheme.pdb_mon_id 
_pdbx_poly_seq_scheme.auth_mon_id 
_pdbx_poly_seq_scheme.pdb_strand_id 
_pdbx_poly_seq_scheme.pdb_ins_code 
_pdbx_poly_seq_scheme.hetero 
A 1 1   MET 1   1   1   MET MET A . n 
A 1 2   ILE 2   2   2   ILE ILE A . n 
A 1 3   SER 3   3   3   SER SER A . n 
A 1 4   LEU 4   4   4   LEU LEU A . n 
A 1 5   ILE 5   5   5   ILE ILE A . n 
A 1 6   ALA 6   6   6   ALA ALA A . n 
A 1 7   ALA 7   7   7   ALA ALA A . n 
A 1 8   LEU 8   8   8   LEU LEU A . n 
A 1 9   ALA 9   9   9   ALA ALA A . n 
A 1 10  VAL 10  10  10  VAL VAL A . n 
A 1 11  ASP 11  11  11  ASP ASP A . n 
A 1 12  ARG 12  12  12  ARG ARG A . n 
A 1 13  VAL 13  13  13  VAL VAL A . n 
A 1 14  ILE 14  14  14  ILE ILE A . n 
A 1 15  GLY 15  15  15  GLY GLY A . n 
A 1 16  MET 16  16  16  MET MET A . n 
A 1 17  GLU 17  17  17  GLU GLU A . n 
A 1 18  ASN 18  18  18  ASN ASN A . n 
A 1 19  ALA 19  19  19  ALA ALA A . n 
A 1 20  MET 20  20  20  MET MET A . n 
A 1 21  PRO 21  21  21  PRO PRO A . n 
A 1 22  TRP 22  22  22  TRP TRP A . n 
A 1 23  ASN 23  23  23  ASN ASN A . n 
A 1 24  LEU 24  24  24  LEU LEU A . n 
A 1 25  PRO 25  25  25  PRO PRO A . n 
A 1 26  ALA 26  26  26  ALA ALA A . n 
A 1 27  ASP 27  27  27  ASP ASP A . n 
A 1 28  LEU 28  28  28  LEU LEU A . n 
A 1 29  ALA 29  29  29  ALA ALA A . n 
A 1 30  TRP 30  30  30  TRP TRP A . n 
A 1 31  PHE 31  31  31  PHE PHE A . n 
A 1 32  LYS 32  32  32  LYS LYS A . n 
A 1 33  ARG 33  33  33  ARG ARG A . n 
A 1 34  ASN 34  34  34  ASN ASN A . n 
A 1 35  THR 35  35  35  THR THR A . n 
A 1 36  LEU 36  36  36  LEU LEU A . n 
A 1 37  ASP 37  37  37  ASP ASP A . n 
A 1 38  LYS 38  38  38  LYS LYS A . n 
A 1 39  PRO 39  39  39  PRO PRO A . n 
A 1 40  VAL 40  40  40  VAL VAL A . n 
A 1 41  ILE 41  41  41  ILE ILE A . n 
A 1 42  MET 42  42  42  MET MET A . n 
A 1 43  GLY 43  43  43  GLY GLY A . n 
A 1 44  ARG 44  44  44  ARG ARG A . n 
A 1 45  HIS 45  45  45  HIS HIS A . n 
A 1 46  THR 46  46  46  THR THR A . n 
A 1 47  TRP 47  47  47  TRP TRP A . n 
A 1 48  GLU 48  48  48  GLU GLU A . n 
A 1 49  SER 49  49  49  SER SER A . n 
A 1 50  ILE 50  50  50  ILE ILE A . n 
A 1 51  GLY 51  51  51  GLY GLY A . n 
A 1 52  ARG 52  52  52  ARG ARG A . n 
A 1 53  PRO 53  53  53  PRO PRO A . n 
A 1 54  LEU 54  54  54  LEU LEU A . n 
A 1 55  PRO 55  55  55  PRO PRO A . n 
A 1 56  GLY 56  56  56  GLY GLY A . n 
A 1 57  ARG 57  57  57  ARG ARG A . n 
A 1 58  LYS 58  58  58  LYS LYS A . n 
A 1 59  ASN 59  59  59  ASN ASN A . n 
A 1 60  ILE 60  60  60  ILE ILE A . n 
A 1 61  ILE 61  61  61  ILE ILE A . n 
A 1 62  LEU 62  62  62  LEU LEU A . n 
A 1 63  SER 63  63  63  SER SER A . n 
A 1 64  SER 64  64  64  SER SER A . n 
A 1 65  GLN 65  65  65  GLN GLN A . n 
A 1 66  PRO 66  66  66  PRO PRO A . n 
A 1 67  GLY 67  67  67  GLY GLY A . n 
A 1 68  THR 68  68  68  THR THR A . n 
A 1 69  ASP 69  69  69  ASP ASP A . n 
A 1 70  ASP 70  70  70  ASP ASP A . n 
A 1 71  ARG 71  71  71  ARG ARG A . n 
A 1 72  VAL 72  72  72  VAL VAL A . n 
A 1 73  THR 73  73  73  THR THR A . n 
A 1 74  TRP 74  74  74  TRP TRP A . n 
A 1 75  VAL 75  75  75  VAL VAL A . n 
A 1 76  LYS 76  76  76  LYS LYS A . n 
A 1 77  SER 77  77  77  SER SER A . n 
A 1 78  VAL 78  78  78  VAL VAL A . n 
A 1 79  ASP 79  79  79  ASP ASP A . n 
A 1 80  GLU 80  80  80  GLU GLU A . n 
A 1 81  ALA 81  81  81  ALA ALA A . n 
A 1 82  ILE 82  82  82  ILE ILE A . n 
A 1 83  ALA 83  83  83  ALA ALA A . n 
A 1 84  ALA 84  84  84  ALA ALA A . n 
A 1 85  CYS 85  85  85  CYS CYS A . n 
A 1 86  GLY 86  86  86  GLY GLY A . n 
A 1 87  ASP 87  87  87  ASP ASP A . n 
A 1 88  VAL 88  88  88  VAL VAL A . n 
A 1 89  PRO 89  89  89  PRO PRO A . n 
A 1 90  GLU 90  90  90  GLU GLU A . n 
A 1 91  ILE 91  91  91  ILE ILE A . n 
A 1 92  MET 92  92  92  MET MET A . n 
A 1 93  VAL 93  93  93  VAL VAL A . n 
A 1 94  ILE 94  94  94  ILE ILE A . n 
A 1 95  GLY 95  95  95  GLY GLY A . n 
A 1 96  GLY 96  96  96  GLY GLY A . n 
A 1 97  GLY 97  97  97  GLY GLY A . n 
A 1 98  ARG 98  98  98  ARG ARG A . n 
A 1 99  VAL 99  99  99  VAL VAL A . n 
A 1 100 TYR 100 100 100 TYR TYR A . n 
A 1 101 GLU 101 101 101 GLU GLU A . n 
A 1 102 GLN 102 102 102 GLN GLN A . n 
A 1 103 PHE 103 103 103 PHE PHE A . n 
A 1 104 LEU 104 104 104 LEU LEU A . n 
A 1 105 PRO 105 105 105 PRO PRO A . n 
A 1 106 LYS 106 106 106 LYS LYS A . n 
A 1 107 ALA 107 107 107 ALA ALA A . n 
A 1 108 GLN 108 108 108 GLN GLN A . n 
A 1 109 LYS 109 109 109 LYS LYS A . n 
A 1 110 LEU 110 110 110 LEU LEU A . n 
A 1 111 TYR 111 111 111 TYR TYR A . n 
A 1 112 LEU 112 112 112 LEU LEU A . n 
A 1 113 THR 113 113 113 THR THR A . n 
A 1 114 HIS 114 114 114 HIS HIS A . n 
A 1 115 ILE 115 115 115 ILE ILE A . n 
A 1 116 ASP 116 116 116 ASP ASP A . n 
A 1 117 ALA 117 117 117 ALA ALA A . n 
A 1 118 GLU 118 118 118 GLU GLU A . n 
A 1 119 VAL 119 119 119 VAL VAL A . n 
A 1 120 GLU 120 120 120 GLU GLU A . n 
A 1 121 GLY 121 121 121 GLY GLY A . n 
A 1 122 ASP 122 122 122 ASP ASP A . n 
A 1 123 THR 123 123 123 THR THR A . n 
A 1 124 HIS 124 124 124 HIS HIS A . n 
A 1 125 PHE 125 125 125 PHE PHE A . n 
A 1 126 PRO 126 126 126 PRO PRO A . n 
A 1 127 ASP 127 127 127 ASP ASP A . n 
A 1 128 TYR 128 128 128 TYR TYR A . n 
A 1 129 GLU 129 129 129 GLU GLU A . n 
A 1 130 PRO 130 130 130 PRO PRO A . n 
A 1 131 ASP 131 131 131 ASP ASP A . n 
A 1 132 ASP 132 132 132 ASP ASP A . n 
A 1 133 TRP 133 133 133 TRP TRP A . n 
A 1 134 GLU 134 134 134 GLU GLU A . n 
A 1 135 SER 135 135 135 SER SER A . n 
A 1 136 VAL 136 136 136 VAL VAL A . n 
A 1 137 PHE 137 137 137 PHE PHE A . n 
A 1 138 SER 138 138 138 SER SER A . n 
A 1 139 GLU 139 139 139 GLU GLU A . n 
A 1 140 PHE 140 140 140 PHE PHE A . n 
A 1 141 HIS 141 141 141 HIS HIS A . n 
A 1 142 ASP 142 142 142 ASP ASP A . n 
A 1 143 ALA 143 143 143 ALA ALA A . n 
A 1 144 ASP 144 144 144 ASP ASP A . n 
A 1 145 ALA 145 145 145 ALA ALA A . n 
A 1 146 GLN 146 146 146 GLN GLN A . n 
A 1 147 ASN 147 147 147 ASN ASN A . n 
A 1 148 SER 148 148 148 SER SER A . n 
A 1 149 HIS 149 149 149 HIS HIS A . n 
A 1 150 SER 150 150 150 SER SER A . n 
A 1 151 TYR 151 151 151 TYR TYR A . n 
A 1 152 CYS 152 152 152 CYS CYS A . n 
A 1 153 PHE 153 153 153 PHE PHE A . n 
A 1 154 GLU 154 154 154 GLU GLU A . n 
A 1 155 ILE 155 155 155 ILE ILE A . n 
A 1 156 LEU 156 156 156 LEU LEU A . n 
A 1 157 GLU 157 157 157 GLU GLU A . n 
A 1 158 ARG 158 158 158 ARG ARG A . n 
A 1 159 ARG 159 159 159 ARG ARG A . n 
# 
loop_
_pdbx_nonpoly_scheme.asym_id 
_pdbx_nonpoly_scheme.entity_id 
_pdbx_nonpoly_scheme.mon_id 
_pdbx_nonpoly_scheme.ndb_seq_num 
_pdbx_nonpoly_scheme.pdb_seq_num 
_pdbx_nonpoly_scheme.auth_seq_num 
_pdbx_nonpoly_scheme.pdb_mon_id 
_pdbx_nonpoly_scheme.auth_mon_id 
_pdbx_nonpoly_scheme.pdb_strand_id 
_pdbx_nonpoly_scheme.pdb_ins_code 
B 2 MTX 1   161 161 MTX MTX A . 
C 3 BME 1   162 162 BME BME A . 
D 4 NAP 1   164 164 NAP NAP A . 
E 5 HOH 1   302 302 HOH HOH A . 
E 5 HOH 2   303 303 HOH HOH A . 
E 5 HOH 3   304 304 HOH HOH A . 
E 5 HOH 4   305 305 HOH HOH A . 
E 5 HOH 5   307 307 HOH HOH A . 
E 5 HOH 6   308 308 HOH HOH A . 
E 5 HOH 7   309 309 HOH HOH A . 
E 5 HOH 8   310 310 HOH HOH A . 
E 5 HOH 9   311 311 HOH HOH A . 
E 5 HOH 10  312 312 HOH HOH A . 
E 5 HOH 11  314 314 HOH HOH A . 
E 5 HOH 12  316 316 HOH HOH A . 
E 5 HOH 13  317 317 HOH HOH A . 
E 5 HOH 14  318 318 HOH HOH A . 
E 5 HOH 15  319 319 HOH HOH A . 
E 5 HOH 16  321 321 HOH HOH A . 
E 5 HOH 17  323 323 HOH HOH A . 
E 5 HOH 18  325 325 HOH HOH A . 
E 5 HOH 19  327 327 HOH HOH A . 
E 5 HOH 20  328 328 HOH HOH A . 
E 5 HOH 21  330 330 HOH HOH A . 
E 5 HOH 22  332 332 HOH HOH A . 
E 5 HOH 23  335 335 HOH HOH A . 
E 5 HOH 24  336 336 HOH HOH A . 
E 5 HOH 25  337 337 HOH HOH A . 
E 5 HOH 26  338 338 HOH HOH A . 
E 5 HOH 27  340 340 HOH HOH A . 
E 5 HOH 28  341 341 HOH HOH A . 
E 5 HOH 29  342 342 HOH HOH A . 
E 5 HOH 30  343 343 HOH HOH A . 
E 5 HOH 31  344 344 HOH HOH A . 
E 5 HOH 32  348 348 HOH HOH A . 
E 5 HOH 33  349 349 HOH HOH A . 
E 5 HOH 34  350 350 HOH HOH A . 
E 5 HOH 35  353 353 HOH HOH A . 
E 5 HOH 36  354 354 HOH HOH A . 
E 5 HOH 37  355 355 HOH HOH A . 
E 5 HOH 38  356 356 HOH HOH A . 
E 5 HOH 39  357 357 HOH HOH A . 
E 5 HOH 40  358 358 HOH HOH A . 
E 5 HOH 41  359 359 HOH HOH A . 
E 5 HOH 42  360 360 HOH HOH A . 
E 5 HOH 43  361 361 HOH HOH A . 
E 5 HOH 44  362 362 HOH HOH A . 
E 5 HOH 45  363 363 HOH HOH A . 
E 5 HOH 46  364 364 HOH HOH A . 
E 5 HOH 47  365 365 HOH HOH A . 
E 5 HOH 48  368 368 HOH HOH A . 
E 5 HOH 49  370 370 HOH HOH A . 
E 5 HOH 50  371 371 HOH HOH A . 
E 5 HOH 51  372 372 HOH HOH A . 
E 5 HOH 52  373 373 HOH HOH A . 
E 5 HOH 53  374 374 HOH HOH A . 
E 5 HOH 54  375 375 HOH HOH A . 
E 5 HOH 55  376 376 HOH HOH A . 
E 5 HOH 56  377 377 HOH HOH A . 
E 5 HOH 57  379 379 HOH HOH A . 
E 5 HOH 58  380 380 HOH HOH A . 
E 5 HOH 59  381 381 HOH HOH A . 
E 5 HOH 60  382 382 HOH HOH A . 
E 5 HOH 61  383 383 HOH HOH A . 
E 5 HOH 62  384 384 HOH HOH A . 
E 5 HOH 63  385 385 HOH HOH A . 
E 5 HOH 64  406 406 HOH HOH A . 
E 5 HOH 65  407 407 HOH HOH A . 
E 5 HOH 66  408 408 HOH HOH A . 
E 5 HOH 67  409 409 HOH HOH A . 
E 5 HOH 68  411 411 HOH HOH A . 
E 5 HOH 69  414 414 HOH HOH A . 
E 5 HOH 70  416 416 HOH HOH A . 
E 5 HOH 71  418 418 HOH HOH A . 
E 5 HOH 72  419 419 HOH HOH A . 
E 5 HOH 73  420 420 HOH HOH A . 
E 5 HOH 74  421 421 HOH HOH A . 
E 5 HOH 75  423 423 HOH HOH A . 
E 5 HOH 76  424 424 HOH HOH A . 
E 5 HOH 77  425 425 HOH HOH A . 
E 5 HOH 78  427 427 HOH HOH A . 
E 5 HOH 79  428 428 HOH HOH A . 
E 5 HOH 80  430 430 HOH HOH A . 
E 5 HOH 81  431 431 HOH HOH A . 
E 5 HOH 82  432 432 HOH HOH A . 
E 5 HOH 83  434 434 HOH HOH A . 
E 5 HOH 84  435 435 HOH HOH A . 
E 5 HOH 85  437 437 HOH HOH A . 
E 5 HOH 86  438 438 HOH HOH A . 
E 5 HOH 87  441 441 HOH HOH A . 
E 5 HOH 88  442 442 HOH HOH A . 
E 5 HOH 89  444 444 HOH HOH A . 
E 5 HOH 90  445 445 HOH HOH A . 
E 5 HOH 91  446 446 HOH HOH A . 
E 5 HOH 92  447 447 HOH HOH A . 
E 5 HOH 93  449 449 HOH HOH A . 
E 5 HOH 94  454 454 HOH HOH A . 
E 5 HOH 95  455 455 HOH HOH A . 
E 5 HOH 96  456 456 HOH HOH A . 
E 5 HOH 97  458 458 HOH HOH A . 
E 5 HOH 98  459 459 HOH HOH A . 
E 5 HOH 99  460 460 HOH HOH A . 
E 5 HOH 100 461 461 HOH HOH A . 
E 5 HOH 101 462 462 HOH HOH A . 
E 5 HOH 102 463 463 HOH HOH A . 
E 5 HOH 103 465 465 HOH HOH A . 
E 5 HOH 104 467 467 HOH HOH A . 
E 5 HOH 105 468 468 HOH HOH A . 
E 5 HOH 106 469 469 HOH HOH A . 
E 5 HOH 107 470 470 HOH HOH A . 
E 5 HOH 108 472 472 HOH HOH A . 
E 5 HOH 109 473 473 HOH HOH A . 
E 5 HOH 110 474 474 HOH HOH A . 
E 5 HOH 111 478 478 HOH HOH A . 
E 5 HOH 112 479 479 HOH HOH A . 
E 5 HOH 113 480 480 HOH HOH A . 
E 5 HOH 114 481 481 HOH HOH A . 
E 5 HOH 115 482 482 HOH HOH A . 
E 5 HOH 116 484 484 HOH HOH A . 
E 5 HOH 117 485 485 HOH HOH A . 
E 5 HOH 118 486 486 HOH HOH A . 
E 5 HOH 119 488 488 HOH HOH A . 
E 5 HOH 120 489 489 HOH HOH A . 
E 5 HOH 121 490 490 HOH HOH A . 
E 5 HOH 122 491 491 HOH HOH A . 
E 5 HOH 123 492 492 HOH HOH A . 
E 5 HOH 124 493 493 HOH HOH A . 
E 5 HOH 125 494 494 HOH HOH A . 
E 5 HOH 126 495 495 HOH HOH A . 
E 5 HOH 127 496 496 HOH HOH A . 
E 5 HOH 128 497 497 HOH HOH A . 
E 5 HOH 129 498 498 HOH HOH A . 
E 5 HOH 130 499 499 HOH HOH A . 
E 5 HOH 131 502 502 HOH HOH A . 
E 5 HOH 132 503 503 HOH HOH A . 
E 5 HOH 133 504 504 HOH HOH A . 
E 5 HOH 134 505 505 HOH HOH A . 
E 5 HOH 135 506 506 HOH HOH A . 
E 5 HOH 136 508 508 HOH HOH A . 
E 5 HOH 137 509 509 HOH HOH A . 
E 5 HOH 138 510 510 HOH HOH A . 
E 5 HOH 139 511 511 HOH HOH A . 
E 5 HOH 140 512 512 HOH HOH A . 
E 5 HOH 141 513 513 HOH HOH A . 
E 5 HOH 142 514 514 HOH HOH A . 
E 5 HOH 143 515 515 HOH HOH A . 
E 5 HOH 144 516 516 HOH HOH A . 
E 5 HOH 145 517 517 HOH HOH A . 
E 5 HOH 146 518 518 HOH HOH A . 
E 5 HOH 147 521 521 HOH HOH A . 
E 5 HOH 148 522 522 HOH HOH A . 
E 5 HOH 149 523 523 HOH HOH A . 
E 5 HOH 150 524 524 HOH HOH A . 
# 
_pdbx_struct_assembly.id                   1 
_pdbx_struct_assembly.details              author_defined_assembly 
_pdbx_struct_assembly.method_details       ? 
_pdbx_struct_assembly.oligomeric_details   monomeric 
_pdbx_struct_assembly.oligomeric_count     1 
# 
_pdbx_struct_assembly_gen.assembly_id       1 
_pdbx_struct_assembly_gen.oper_expression   1 
_pdbx_struct_assembly_gen.asym_id_list      A,B,C,D,E 
# 
_pdbx_struct_oper_list.id                   1 
_pdbx_struct_oper_list.type                 'identity operation' 
_pdbx_struct_oper_list.name                 1_555 
_pdbx_struct_oper_list.symmetry_operation   x,y,z 
_pdbx_struct_oper_list.matrix[1][1]         1.0000000000 
_pdbx_struct_oper_list.matrix[1][2]         0.0000000000 
_pdbx_struct_oper_list.matrix[1][3]         0.0000000000 
_pdbx_struct_oper_list.vector[1]            0.0000000000 
_pdbx_struct_oper_list.matrix[2][1]         0.0000000000 
_pdbx_struct_oper_list.matrix[2][2]         1.0000000000 
_pdbx_struct_oper_list.matrix[2][3]         0.0000000000 
_pdbx_struct_oper_list.vector[2]            0.0000000000 
_pdbx_struct_oper_list.matrix[3][1]         0.0000000000 
_pdbx_struct_oper_list.matrix[3][2]         0.0000000000 
_pdbx_struct_oper_list.matrix[3][3]         1.0000000000 
_pdbx_struct_oper_list.vector[3]            0.0000000000 
# 
loop_
_pdbx_audit_revision_history.ordinal 
_pdbx_audit_revision_history.data_content_type 
_pdbx_audit_revision_history.major_revision 
_pdbx_audit_revision_history.minor_revision 
_pdbx_audit_revision_history.revision_date 
1 'Structure model' 1 0 1996-12-23 
2 'Structure model' 1 1 2008-03-24 
3 'Structure model' 1 2 2011-07-13 
4 'Structure model' 1 3 2023-08-09 
# 
_pdbx_audit_revision_details.ordinal             1 
_pdbx_audit_revision_details.revision_ordinal    1 
_pdbx_audit_revision_details.data_content_type   'Structure model' 
_pdbx_audit_revision_details.provider            repository 
_pdbx_audit_revision_details.type                'Initial release' 
_pdbx_audit_revision_details.description         ? 
_pdbx_audit_revision_details.details             ? 
# 
loop_
_pdbx_audit_revision_group.ordinal 
_pdbx_audit_revision_group.revision_ordinal 
_pdbx_audit_revision_group.data_content_type 
_pdbx_audit_revision_group.group 
1 2 'Structure model' 'Version format compliance' 
2 3 'Structure model' 'Version format compliance' 
3 4 'Structure model' 'Database references'       
4 4 'Structure model' 'Derived calculations'      
5 4 'Structure model' 'Refinement description'    
# 
loop_
_pdbx_audit_revision_category.ordinal 
_pdbx_audit_revision_category.revision_ordinal 
_pdbx_audit_revision_category.data_content_type 
_pdbx_audit_revision_category.category 
1 4 'Structure model' database_2                    
2 4 'Structure model' pdbx_initial_refinement_model 
3 4 'Structure model' struct_conn                   
4 4 'Structure model' struct_ref_seq_dif            
5 4 'Structure model' struct_site                   
# 
loop_
_pdbx_audit_revision_item.ordinal 
_pdbx_audit_revision_item.revision_ordinal 
_pdbx_audit_revision_item.data_content_type 
_pdbx_audit_revision_item.item 
1  4 'Structure model' '_database_2.pdbx_DOI'                
2  4 'Structure model' '_database_2.pdbx_database_accession' 
3  4 'Structure model' '_struct_conn.pdbx_leaving_atom_flag' 
4  4 'Structure model' '_struct_conn.ptnr1_auth_comp_id'     
5  4 'Structure model' '_struct_conn.ptnr1_auth_seq_id'      
6  4 'Structure model' '_struct_conn.ptnr1_label_asym_id'    
7  4 'Structure model' '_struct_conn.ptnr1_label_atom_id'    
8  4 'Structure model' '_struct_conn.ptnr1_label_comp_id'    
9  4 'Structure model' '_struct_conn.ptnr1_label_seq_id'     
10 4 'Structure model' '_struct_conn.ptnr2_auth_comp_id'     
11 4 'Structure model' '_struct_conn.ptnr2_auth_seq_id'      
12 4 'Structure model' '_struct_conn.ptnr2_label_asym_id'    
13 4 'Structure model' '_struct_conn.ptnr2_label_atom_id'    
14 4 'Structure model' '_struct_conn.ptnr2_label_comp_id'    
15 4 'Structure model' '_struct_conn.ptnr2_label_seq_id'     
16 4 'Structure model' '_struct_ref_seq_dif.details'         
17 4 'Structure model' '_struct_site.pdbx_auth_asym_id'      
18 4 'Structure model' '_struct_site.pdbx_auth_comp_id'      
19 4 'Structure model' '_struct_site.pdbx_auth_seq_id'       
# 
loop_
_software.name 
_software.classification 
_software.version 
_software.citation_id 
_software.pdbx_ordinal 
MERLOT phasing          .  ? 1 
TNT    refinement       5D ? 2 
UCSD   'data reduction' .  ? 3 
UCSD   'data scaling'   .  ? 4 
# 
loop_
_pdbx_validate_rmsd_bond.id 
_pdbx_validate_rmsd_bond.PDB_model_num 
_pdbx_validate_rmsd_bond.auth_atom_id_1 
_pdbx_validate_rmsd_bond.auth_asym_id_1 
_pdbx_validate_rmsd_bond.auth_comp_id_1 
_pdbx_validate_rmsd_bond.auth_seq_id_1 
_pdbx_validate_rmsd_bond.PDB_ins_code_1 
_pdbx_validate_rmsd_bond.label_alt_id_1 
_pdbx_validate_rmsd_bond.auth_atom_id_2 
_pdbx_validate_rmsd_bond.auth_asym_id_2 
_pdbx_validate_rmsd_bond.auth_comp_id_2 
_pdbx_validate_rmsd_bond.auth_seq_id_2 
_pdbx_validate_rmsd_bond.PDB_ins_code_2 
_pdbx_validate_rmsd_bond.label_alt_id_2 
_pdbx_validate_rmsd_bond.bond_value 
_pdbx_validate_rmsd_bond.bond_target_value 
_pdbx_validate_rmsd_bond.bond_deviation 
_pdbx_validate_rmsd_bond.bond_standard_deviation 
_pdbx_validate_rmsd_bond.linker_flag 
1 1 CD A GLU 80  ? ? OE1 A GLU 80  ? ? 1.351 1.252 0.099 0.011 N 
2 1 CD A GLU 90  ? ? OE1 A GLU 90  ? ? 1.337 1.252 0.085 0.011 N 
3 1 CD A GLU 101 ? ? OE1 A GLU 101 ? ? 1.322 1.252 0.070 0.011 N 
4 1 CD A GLU 120 ? ? OE2 A GLU 120 ? ? 1.321 1.252 0.069 0.011 N 
5 1 CD A GLU 129 ? ? OE1 A GLU 129 ? ? 1.327 1.252 0.075 0.011 N 
6 1 CD A GLU 154 ? ? OE1 A GLU 154 ? ? 1.323 1.252 0.071 0.011 N 
7 1 CD A GLU 157 ? ? OE2 A GLU 157 ? ? 1.337 1.252 0.085 0.011 N 
# 
loop_
_pdbx_validate_rmsd_angle.id 
_pdbx_validate_rmsd_angle.PDB_model_num 
_pdbx_validate_rmsd_angle.auth_atom_id_1 
_pdbx_validate_rmsd_angle.auth_asym_id_1 
_pdbx_validate_rmsd_angle.auth_comp_id_1 
_pdbx_validate_rmsd_angle.auth_seq_id_1 
_pdbx_validate_rmsd_angle.PDB_ins_code_1 
_pdbx_validate_rmsd_angle.label_alt_id_1 
_pdbx_validate_rmsd_angle.auth_atom_id_2 
_pdbx_validate_rmsd_angle.auth_asym_id_2 
_pdbx_validate_rmsd_angle.auth_comp_id_2 
_pdbx_validate_rmsd_angle.auth_seq_id_2 
_pdbx_validate_rmsd_angle.PDB_ins_code_2 
_pdbx_validate_rmsd_angle.label_alt_id_2 
_pdbx_validate_rmsd_angle.auth_atom_id_3 
_pdbx_validate_rmsd_angle.auth_asym_id_3 
_pdbx_validate_rmsd_angle.auth_comp_id_3 
_pdbx_validate_rmsd_angle.auth_seq_id_3 
_pdbx_validate_rmsd_angle.PDB_ins_code_3 
_pdbx_validate_rmsd_angle.label_alt_id_3 
_pdbx_validate_rmsd_angle.angle_value 
_pdbx_validate_rmsd_angle.angle_target_value 
_pdbx_validate_rmsd_angle.angle_deviation 
_pdbx_validate_rmsd_angle.angle_standard_deviation 
_pdbx_validate_rmsd_angle.linker_flag 
1  1 CB A LEU 8   ? ? CA A LEU 8   ? ? C   A LEU 8   ? ? 98.41  110.20 -11.79 1.90 N 
2  1 CB A ASP 11  ? ? CG A ASP 11  ? ? OD1 A ASP 11  ? ? 124.26 118.30 5.96   0.90 N 
3  1 NE A ARG 12  ? ? CZ A ARG 12  ? ? NH1 A ARG 12  ? ? 124.11 120.30 3.81   0.50 N 
4  1 CB A ASP 27  ? ? CG A ASP 27  ? ? OD1 A ASP 27  ? ? 124.73 118.30 6.43   0.90 N 
5  1 CB A ASP 27  ? ? CG A ASP 27  ? ? OD2 A ASP 27  ? ? 109.64 118.30 -8.66  0.90 N 
6  1 NE A ARG 33  ? ? CZ A ARG 33  ? ? NH1 A ARG 33  ? ? 126.61 120.30 6.31   0.50 N 
7  1 NE A ARG 33  ? ? CZ A ARG 33  ? ? NH2 A ARG 33  ? ? 115.40 120.30 -4.90  0.50 N 
8  1 CB A ASP 37  ? ? CG A ASP 37  ? ? OD1 A ASP 37  ? ? 128.21 118.30 9.91   0.90 N 
9  1 CB A ASP 37  ? ? CG A ASP 37  ? ? OD2 A ASP 37  ? ? 107.15 118.30 -11.15 0.90 N 
10 1 CG A MET 42  ? ? SD A MET 42  ? ? CE  A MET 42  ? ? 89.93  100.20 -10.27 1.60 N 
11 1 NE A ARG 52  ? ? CZ A ARG 52  ? ? NH1 A ARG 52  ? ? 123.30 120.30 3.00   0.50 N 
12 1 CB A ASP 70  ? ? CG A ASP 70  ? ? OD2 A ASP 70  ? ? 111.50 118.30 -6.80  0.90 N 
13 1 CB A ASP 87  ? ? CG A ASP 87  ? ? OD1 A ASP 87  ? ? 112.24 118.30 -6.06  0.90 N 
14 1 NE A ARG 98  ? ? CZ A ARG 98  ? ? NH1 A ARG 98  ? ? 125.30 120.30 5.00   0.50 N 
15 1 CB A ASP 142 ? ? CG A ASP 142 ? ? OD2 A ASP 142 ? ? 123.71 118.30 5.41   0.90 N 
16 1 CB A ASP 144 ? ? CG A ASP 144 ? ? OD2 A ASP 144 ? ? 111.41 118.30 -6.89  0.90 N 
17 1 NE A ARG 158 ? ? CZ A ARG 158 ? ? NH1 A ARG 158 ? ? 123.57 120.30 3.27   0.50 N 
# 
loop_
_pdbx_unobs_or_zero_occ_atoms.id 
_pdbx_unobs_or_zero_occ_atoms.PDB_model_num 
_pdbx_unobs_or_zero_occ_atoms.polymer_flag 
_pdbx_unobs_or_zero_occ_atoms.occupancy_flag 
_pdbx_unobs_or_zero_occ_atoms.auth_asym_id 
_pdbx_unobs_or_zero_occ_atoms.auth_comp_id 
_pdbx_unobs_or_zero_occ_atoms.auth_seq_id 
_pdbx_unobs_or_zero_occ_atoms.PDB_ins_code 
_pdbx_unobs_or_zero_occ_atoms.auth_atom_id 
_pdbx_unobs_or_zero_occ_atoms.label_alt_id 
_pdbx_unobs_or_zero_occ_atoms.label_asym_id 
_pdbx_unobs_or_zero_occ_atoms.label_comp_id 
_pdbx_unobs_or_zero_occ_atoms.label_seq_id 
_pdbx_unobs_or_zero_occ_atoms.label_atom_id 
1  1 Y 0 A GLU 17  ? CB  ? A GLU 17  CB  
2  1 Y 0 A GLU 17  ? CG  ? A GLU 17  CG  
3  1 Y 0 A GLU 17  ? CD  ? A GLU 17  CD  
4  1 Y 0 A GLU 17  ? OE1 ? A GLU 17  OE1 
5  1 Y 0 A GLU 17  ? OE2 ? A GLU 17  OE2 
6  1 Y 0 A GLU 118 ? CG  ? A GLU 118 CG  
7  1 Y 0 A GLU 118 ? CD  ? A GLU 118 CD  
8  1 Y 0 A GLU 118 ? OE1 ? A GLU 118 OE1 
9  1 Y 0 A GLU 118 ? OE2 ? A GLU 118 OE2 
10 1 Y 0 A GLU 134 ? CD  ? A GLU 134 CD  
11 1 Y 0 A GLU 134 ? OE1 ? A GLU 134 OE1 
12 1 Y 0 A GLU 134 ? OE2 ? A GLU 134 OE2 
13 1 Y 0 A ARG 159 ? NE  ? A ARG 159 NE  
14 1 Y 0 A ARG 159 ? CZ  ? A ARG 159 CZ  
15 1 Y 0 A ARG 159 ? NH1 ? A ARG 159 NH1 
16 1 Y 0 A ARG 159 ? NH2 ? A ARG 159 NH2 
17 1 N 1 A BME 162 ? O1  ? C BME 1   O1  
18 1 N 1 A NAP 164 ? O4D ? D NAP 1   O4D 
19 1 N 1 A NAP 164 ? O3D ? D NAP 1   O3D 
20 1 N 1 A NAP 164 ? C2D ? D NAP 1   C2D 
21 1 N 1 A NAP 164 ? O2D ? D NAP 1   O2D 
22 1 N 1 A NAP 164 ? C1D ? D NAP 1   C1D 
23 1 N 1 A NAP 164 ? N1N ? D NAP 1   N1N 
24 1 N 1 A NAP 164 ? C2N ? D NAP 1   C2N 
25 1 N 1 A NAP 164 ? C3N ? D NAP 1   C3N 
26 1 N 1 A NAP 164 ? C7N ? D NAP 1   C7N 
27 1 N 1 A NAP 164 ? O7N ? D NAP 1   O7N 
28 1 N 1 A NAP 164 ? N7N ? D NAP 1   N7N 
29 1 N 1 A NAP 164 ? C4N ? D NAP 1   C4N 
30 1 N 1 A NAP 164 ? C5N ? D NAP 1   C5N 
31 1 N 1 A NAP 164 ? C6N ? D NAP 1   C6N 
# 
loop_
_pdbx_entity_nonpoly.entity_id 
_pdbx_entity_nonpoly.name 
_pdbx_entity_nonpoly.comp_id 
2 METHOTREXATE                                       MTX 
3 BETA-MERCAPTOETHANOL                               BME 
4 'NADP NICOTINAMIDE-ADENINE-DINUCLEOTIDE PHOSPHATE' NAP 
5 water                                              HOH 
# 
_pdbx_initial_refinement_model.id               1 
_pdbx_initial_refinement_model.entity_id_list   ? 
_pdbx_initial_refinement_model.type             'experimental model' 
_pdbx_initial_refinement_model.source_name      PDB 
_pdbx_initial_refinement_model.accession_code   1RH3 
_pdbx_initial_refinement_model.details          'PDB ENTRY 1RH3' 
# 
